data_6KM9
#
_entry.id   6KM9
#
_cell.length_a   84.271
_cell.length_b   76.708
_cell.length_c   144.579
_cell.angle_alpha   90.000
_cell.angle_beta   100.560
_cell.angle_gamma   90.000
#
_symmetry.space_group_name_H-M   'P 1 21 1'
#
loop_
_entity.id
_entity.type
_entity.pdbx_description
1 polymer 'Oxoglutarate dehydrogenase (Succinyl-transferring), E1 component'
2 non-polymer 'HEXAETHYLENE GLYCOL'
3 non-polymer 'MAGNESIUM ION'
4 non-polymer 'THIAMINE DIPHOSPHATE'
5 non-polymer 'CALCIUM ION'
6 water water
#
_entity_poly.entity_id   1
_entity_poly.type   'polypeptide(L)'
_entity_poly.pdbx_seq_one_letter_code
;MGSSHHHHHHDYDIPTTENLYFQGGGGGGDVDAKQVKVLQLINAYRFRGHEAAELDPLGLWQRPTVAELDPAFHNLTEDD
FEETFNVGSFAVGQETMPLKDIYTALKKTYCGSIGAEYMHMTDTEQKRWIQQRLESVVGQPSFDKDEKRTFLAELTAAEG
LERYLGAKFPGAKRFSLEGGDAMIPMMKELIRHAGRSGMREVVIGMAHRGRLNMLVNVLGKKPQDLFDEFAGKHGESWGT
GDVKYHQGFSADFATPGGDVHLALAFNPSHLEIVNPVVMGSVRARQDRLGDDDGSKVLPITIHGDSAIAGQGVVAETFNM
SQARGFCVGGTVRVVVNNQVGFTTSNPRDTRSTMYCTDIAKMVQAPIFHVNADDPEAVAFVTRIALDYRNEFKRDVVIDL
VCYRRHGHNEADEPNATQPLMYQKIKKHPTPRKLYADVLIDRNECDIETATQMVNEYRDALDHGEVVVKEWRPMALHSVD
WSPYLGHEWDTPWSNTYDKQRLVELGKRLCQYPESHTLHSRVSKLYNDRTAMTNGEKELDWGMAETLAYATLVDDGKRIR
ISGQDSGRGTFFHRHAVLHNQNDASTYVPLANIHDKQGPFEVFDSVLSEEAVLAFEYGYATAEPSGLTLWEAQFGDFANG
AQVVIDQFISSGEQKWARLCGLTMLLPHGYEGQGPEHSSARLERYLQLCAEQNMQVVVPSTPAQVYHMIRRQVVRPMRRP
LIVMSPKSLLRHPLCTSSLDDLANGTFMPAIPEIDELDPAKVKRVVFCSGKVYFDLLEQRRNNEQDDVAIVRIEQLYPFP
MDDVKAAIAPYVNVEDFVWCQEEPQNQGAWYCSQHNFRAAIPAGTELKYAGRPASASPAVGYMSVHLKQQKALIDDALNV
NEKTSD
;
_entity_poly.pdbx_strand_id   A,B
#
# COMPACT_ATOMS: atom_id res chain seq x y z
N ASP A 32 -22.54 34.18 38.03
CA ASP A 32 -21.95 33.28 39.01
C ASP A 32 -20.79 32.56 38.34
N ALA A 33 -19.85 32.06 39.15
CA ALA A 33 -18.79 31.20 38.64
C ALA A 33 -19.33 29.87 38.13
N LYS A 34 -20.46 29.41 38.70
CA LYS A 34 -21.04 28.14 38.29
C LYS A 34 -21.53 28.17 36.84
N GLN A 35 -21.95 29.34 36.34
CA GLN A 35 -22.34 29.44 34.93
C GLN A 35 -21.14 29.20 34.01
N VAL A 36 -19.94 29.61 34.44
CA VAL A 36 -18.73 29.30 33.68
C VAL A 36 -18.41 27.81 33.77
N LYS A 37 -18.64 27.22 34.93
CA LYS A 37 -18.41 25.79 35.07
C LYS A 37 -19.38 24.95 34.26
N VAL A 38 -20.63 25.41 34.11
CA VAL A 38 -21.56 24.67 33.26
C VAL A 38 -21.09 24.71 31.81
N LEU A 39 -20.49 25.82 31.39
CA LEU A 39 -20.03 25.93 30.01
C LEU A 39 -18.86 24.99 29.73
N GLN A 40 -17.94 24.85 30.69
CA GLN A 40 -16.86 23.89 30.48
C GLN A 40 -17.36 22.46 30.48
N LEU A 41 -18.39 22.15 31.26
CA LEU A 41 -18.94 20.81 31.23
C LEU A 41 -19.57 20.49 29.89
N ILE A 42 -20.24 21.48 29.29
CA ILE A 42 -20.89 21.25 28.00
C ILE A 42 -19.85 20.92 26.94
N ASN A 43 -18.74 21.67 26.91
CA ASN A 43 -17.74 21.38 25.89
C ASN A 43 -17.04 20.05 26.17
N ALA A 44 -16.95 19.65 27.43
CA ALA A 44 -16.31 18.38 27.77
C ALA A 44 -17.05 17.20 27.16
N TYR A 45 -18.39 17.25 27.14
CA TYR A 45 -19.16 16.21 26.47
C TYR A 45 -19.00 16.29 24.95
N ARG A 46 -18.93 17.52 24.41
CA ARG A 46 -18.69 17.69 22.97
C ARG A 46 -17.34 17.13 22.56
N PHE A 47 -16.34 17.22 23.44
CA PHE A 47 -15.02 16.70 23.10
C PHE A 47 -14.94 15.20 23.33
N ARG A 48 -15.45 14.73 24.48
CA ARG A 48 -15.18 13.37 24.92
C ARG A 48 -16.42 12.58 25.34
N GLY A 49 -17.63 13.06 25.06
CA GLY A 49 -18.80 12.31 25.46
C GLY A 49 -18.89 10.96 24.77
N HIS A 50 -18.38 10.88 23.55
CA HIS A 50 -18.41 9.63 22.80
C HIS A 50 -17.58 8.54 23.46
N GLU A 51 -16.59 8.91 24.26
CA GLU A 51 -15.79 7.89 24.93
C GLU A 51 -16.59 7.13 25.98
N ALA A 52 -17.63 7.73 26.54
CA ALA A 52 -18.44 7.04 27.54
C ALA A 52 -19.81 6.63 27.00
N ALA A 53 -20.06 6.84 25.71
CA ALA A 53 -21.35 6.50 25.12
C ALA A 53 -21.54 4.99 25.07
N GLU A 54 -22.81 4.57 25.10
CA GLU A 54 -23.20 3.16 25.08
C GLU A 54 -23.24 2.71 23.62
N LEU A 55 -22.08 2.42 23.07
CA LEU A 55 -21.97 2.04 21.69
C LEU A 55 -21.91 0.63 21.33
N ASP A 56 -21.63 -0.25 22.26
CA ASP A 56 -21.46 -1.68 22.02
C ASP A 56 -22.76 -2.31 22.30
N PRO A 57 -23.30 -3.08 21.36
CA PRO A 57 -24.55 -3.79 21.52
C PRO A 57 -24.49 -4.84 22.55
N LEU A 58 -23.39 -5.58 22.56
CA LEU A 58 -23.14 -6.61 23.50
C LEU A 58 -22.85 -6.16 24.90
N GLY A 59 -22.52 -4.91 25.14
CA GLY A 59 -22.15 -4.46 26.47
C GLY A 59 -20.96 -5.19 27.05
N LEU A 60 -20.09 -5.74 26.20
CA LEU A 60 -19.20 -6.80 26.64
C LEU A 60 -18.09 -6.28 27.55
N TRP A 61 -17.39 -5.23 27.13
CA TRP A 61 -16.24 -4.73 27.88
C TRP A 61 -16.48 -3.28 28.24
N GLN A 62 -16.30 -2.97 29.52
CA GLN A 62 -16.55 -1.62 30.01
C GLN A 62 -15.52 -0.65 29.46
N ARG A 63 -15.95 0.59 29.24
CA ARG A 63 -15.15 1.69 28.73
C ARG A 63 -14.44 2.39 29.89
N PRO A 64 -13.17 2.78 29.75
CA PRO A 64 -12.50 3.47 30.86
C PRO A 64 -13.23 4.77 31.17
N THR A 65 -13.36 5.06 32.46
CA THR A 65 -14.09 6.25 32.89
C THR A 65 -13.32 7.49 32.47
N VAL A 66 -14.05 8.54 32.11
CA VAL A 66 -13.45 9.83 31.80
C VAL A 66 -13.97 10.82 32.83
N ALA A 67 -13.05 11.40 33.60
CA ALA A 67 -13.42 12.24 34.73
C ALA A 67 -14.15 13.50 34.29
N GLU A 68 -13.82 13.97 33.14
CA GLU A 68 -14.32 15.21 32.65
C GLU A 68 -15.78 15.24 32.39
N LEU A 69 -16.41 14.10 32.36
CA LEU A 69 -17.83 14.00 32.14
C LEU A 69 -18.66 14.06 33.37
N ASP A 70 -18.03 14.12 34.53
CA ASP A 70 -18.70 14.15 35.83
C ASP A 70 -18.64 15.55 36.32
N PRO A 71 -19.77 16.08 36.72
CA PRO A 71 -19.83 17.43 37.23
C PRO A 71 -18.94 17.62 38.44
N ALA A 72 -18.80 16.63 39.27
CA ALA A 72 -17.91 16.81 40.42
C ALA A 72 -16.51 17.22 39.99
N PHE A 73 -16.09 16.78 38.81
CA PHE A 73 -14.81 17.22 38.27
C PHE A 73 -14.80 18.73 38.11
N HIS A 74 -15.99 19.31 37.91
CA HIS A 74 -16.18 20.74 37.79
C HIS A 74 -16.78 21.37 39.06
N ASN A 75 -16.76 20.64 40.18
CA ASN A 75 -17.23 21.16 41.48
C ASN A 75 -18.70 21.56 41.47
N LEU A 76 -19.54 20.89 40.68
CA LEU A 76 -20.99 21.10 40.73
C LEU A 76 -21.62 20.02 41.61
N THR A 77 -22.47 20.45 42.54
CA THR A 77 -23.09 19.56 43.52
C THR A 77 -24.60 19.66 43.39
N GLU A 78 -25.30 18.84 44.17
CA GLU A 78 -26.74 18.70 44.03
C GLU A 78 -27.46 20.02 44.28
N ASP A 79 -26.90 20.88 45.13
CA ASP A 79 -27.50 22.20 45.34
C ASP A 79 -27.45 23.03 44.06
N ASP A 80 -26.37 22.88 43.28
CA ASP A 80 -26.28 23.53 41.98
C ASP A 80 -27.27 22.93 40.97
N PHE A 81 -27.59 21.65 41.13
CA PHE A 81 -28.37 20.93 40.12
C PHE A 81 -29.81 21.43 40.03
N GLU A 82 -30.35 22.03 41.08
CA GLU A 82 -31.69 22.61 41.01
C GLU A 82 -31.70 24.03 40.44
N GLU A 83 -30.54 24.66 40.27
CA GLU A 83 -30.50 26.03 39.78
C GLU A 83 -30.56 26.14 38.25
N THR A 84 -31.25 27.18 37.80
CA THR A 84 -31.34 27.50 36.38
C THR A 84 -30.02 28.06 35.86
N PHE A 85 -29.68 27.73 34.62
CA PHE A 85 -28.45 28.19 34.00
C PHE A 85 -28.72 28.55 32.55
N ASN A 86 -27.75 29.20 31.95
CA ASN A 86 -27.88 29.56 30.57
C ASN A 86 -27.06 28.64 29.71
N VAL A 87 -27.71 28.06 28.73
CA VAL A 87 -27.07 27.13 27.86
C VAL A 87 -25.93 27.65 27.00
N GLY A 88 -26.01 28.88 26.54
CA GLY A 88 -25.01 29.45 25.68
C GLY A 88 -25.02 28.87 24.30
N SER A 89 -23.90 28.31 23.87
CA SER A 89 -23.77 27.67 22.57
C SER A 89 -24.46 26.34 22.45
N PHE A 90 -24.90 25.74 23.52
CA PHE A 90 -25.58 24.50 23.48
C PHE A 90 -26.83 24.82 22.72
N ALA A 91 -27.09 24.16 21.61
CA ALA A 91 -28.26 24.50 20.81
C ALA A 91 -29.49 23.75 21.17
N VAL A 92 -29.95 23.90 22.38
CA VAL A 92 -31.10 23.18 22.77
C VAL A 92 -32.42 23.85 22.42
N GLY A 93 -32.36 25.10 22.01
CA GLY A 93 -33.60 25.81 21.72
C GLY A 93 -34.26 26.49 22.91
N GLN A 94 -33.65 26.44 24.09
CA GLN A 94 -34.12 27.17 25.27
C GLN A 94 -32.93 27.93 25.84
N GLU A 95 -33.05 29.26 25.92
CA GLU A 95 -31.91 30.08 26.32
C GLU A 95 -31.47 29.81 27.75
N THR A 96 -32.40 29.47 28.63
CA THR A 96 -32.13 29.38 30.05
C THR A 96 -32.74 28.09 30.60
N MET A 97 -31.93 27.30 31.29
CA MET A 97 -32.33 25.95 31.69
C MET A 97 -31.83 25.59 33.08
N PRO A 98 -32.59 24.80 33.83
CA PRO A 98 -32.03 24.19 35.05
C PRO A 98 -30.91 23.21 34.73
N LEU A 99 -29.95 23.12 35.64
CA LEU A 99 -28.81 22.23 35.43
C LEU A 99 -29.26 20.76 35.38
N LYS A 100 -30.37 20.43 36.05
CA LYS A 100 -30.90 19.07 36.00
C LYS A 100 -31.26 18.65 34.58
N ASP A 101 -31.78 19.59 33.78
CA ASP A 101 -32.09 19.28 32.39
C ASP A 101 -30.89 19.47 31.48
N ILE A 102 -29.94 20.34 31.84
CA ILE A 102 -28.73 20.50 31.05
C ILE A 102 -27.87 19.25 31.15
N TYR A 103 -27.69 18.72 32.36
CA TYR A 103 -26.89 17.51 32.53
C TYR A 103 -27.55 16.33 31.83
N THR A 104 -28.88 16.25 31.90
CA THR A 104 -29.61 15.21 31.18
C THR A 104 -29.50 15.39 29.69
N ALA A 105 -29.55 16.64 29.21
CA ALA A 105 -29.44 16.90 27.79
C ALA A 105 -28.05 16.52 27.27
N LEU A 106 -27.02 16.76 28.06
CA LEU A 106 -25.70 16.41 27.59
C LEU A 106 -25.54 14.90 27.48
N LYS A 107 -26.02 14.15 28.48
CA LYS A 107 -25.92 12.70 28.42
C LYS A 107 -26.79 12.11 27.30
N LYS A 108 -27.98 12.68 27.09
CA LYS A 108 -28.82 12.18 25.99
C LYS A 108 -28.20 12.48 24.63
N THR A 109 -27.51 13.61 24.50
CA THR A 109 -26.98 13.98 23.19
C THR A 109 -25.69 13.24 22.87
N TYR A 110 -24.77 13.16 23.84
CA TYR A 110 -23.41 12.72 23.56
C TYR A 110 -23.05 11.39 24.20
N CYS A 111 -23.93 10.78 25.01
CA CYS A 111 -23.59 9.54 25.70
C CYS A 111 -24.62 8.42 25.55
N GLY A 112 -25.57 8.53 24.62
CA GLY A 112 -26.54 7.47 24.39
C GLY A 112 -26.06 6.51 23.30
N SER A 113 -26.92 6.22 22.32
CA SER A 113 -26.53 5.34 21.22
C SER A 113 -25.50 5.97 20.29
N ILE A 114 -25.44 7.30 20.19
CA ILE A 114 -24.59 7.98 19.20
C ILE A 114 -23.34 8.51 19.89
N GLY A 115 -22.19 8.22 19.31
CA GLY A 115 -20.94 8.83 19.73
C GLY A 115 -20.35 9.70 18.63
N ALA A 116 -20.51 11.01 18.76
CA ALA A 116 -20.04 11.94 17.74
C ALA A 116 -18.62 12.37 18.05
N GLU A 117 -17.74 12.20 17.09
CA GLU A 117 -16.36 12.64 17.21
C GLU A 117 -16.16 13.69 16.12
N TYR A 118 -16.26 14.97 16.50
CA TYR A 118 -16.14 16.04 15.51
C TYR A 118 -15.36 17.26 15.97
N MET A 119 -15.06 17.44 17.26
CA MET A 119 -14.42 18.68 17.71
C MET A 119 -12.95 18.77 17.32
N HIS A 120 -12.33 17.69 16.87
CA HIS A 120 -10.99 17.78 16.32
C HIS A 120 -10.94 18.61 15.04
N MET A 121 -12.08 18.80 14.37
CA MET A 121 -12.09 19.63 13.16
C MET A 121 -11.76 21.08 13.51
N THR A 122 -11.06 21.75 12.59
CA THR A 122 -10.65 23.14 12.80
C THR A 122 -11.62 24.15 12.19
N ASP A 123 -12.50 23.73 11.29
CA ASP A 123 -13.45 24.67 10.70
C ASP A 123 -14.56 24.96 11.71
N THR A 124 -14.65 26.22 12.15
CA THR A 124 -15.63 26.57 13.17
C THR A 124 -17.05 26.40 12.64
N GLU A 125 -17.28 26.72 11.36
CA GLU A 125 -18.63 26.64 10.81
C GLU A 125 -19.13 25.20 10.78
N GLN A 126 -18.24 24.24 10.49
CA GLN A 126 -18.65 22.84 10.44
C GLN A 126 -18.96 22.29 11.83
N LYS A 127 -18.17 22.69 12.83
CA LYS A 127 -18.43 22.22 14.19
C LYS A 127 -19.72 22.80 14.72
N ARG A 128 -19.98 24.08 14.43
CA ARG A 128 -21.26 24.67 14.82
C ARG A 128 -22.41 23.99 14.10
N TRP A 129 -22.19 23.55 12.86
CA TRP A 129 -23.23 22.90 12.08
C TRP A 129 -23.63 21.56 12.69
N ILE A 130 -22.63 20.78 13.12
CA ILE A 130 -22.90 19.49 13.74
C ILE A 130 -23.56 19.68 15.10
N GLN A 131 -23.20 20.75 15.82
CA GLN A 131 -23.85 21.01 17.10
C GLN A 131 -25.33 21.31 16.93
N GLN A 132 -25.71 21.95 15.83
CA GLN A 132 -27.12 22.24 15.60
C GLN A 132 -27.92 20.95 15.37
N ARG A 133 -27.35 19.99 14.64
CA ARG A 133 -28.08 18.77 14.35
C ARG A 133 -28.29 17.94 15.61
N LEU A 134 -27.23 17.69 16.37
CA LEU A 134 -27.37 16.81 17.53
C LEU A 134 -28.04 17.53 18.70
N GLU A 135 -27.54 18.70 19.08
CA GLU A 135 -27.99 19.32 20.32
C GLU A 135 -29.44 19.81 20.25
N SER A 136 -29.92 20.21 19.07
CA SER A 136 -31.29 20.73 19.02
C SER A 136 -32.32 19.64 19.28
N VAL A 137 -32.05 18.42 18.80
CA VAL A 137 -32.95 17.30 19.06
C VAL A 137 -32.67 16.62 20.40
N VAL A 138 -31.60 17.03 21.10
CA VAL A 138 -31.19 16.43 22.36
C VAL A 138 -30.94 14.94 22.12
N GLY A 139 -30.27 14.62 21.01
CA GLY A 139 -29.92 13.24 20.76
C GLY A 139 -31.07 12.38 20.26
N GLN A 140 -32.25 12.51 20.88
CA GLN A 140 -33.40 11.68 20.52
C GLN A 140 -34.00 12.16 19.20
N PRO A 141 -34.10 11.27 18.18
CA PRO A 141 -34.67 11.71 16.90
C PRO A 141 -36.14 11.36 16.75
N SER A 142 -36.86 12.07 15.89
CA SER A 142 -38.28 11.81 15.68
C SER A 142 -38.50 11.34 14.25
N PHE A 143 -39.28 10.29 14.11
CA PHE A 143 -39.60 9.73 12.81
C PHE A 143 -41.09 9.47 12.77
N ASP A 144 -41.65 9.54 11.58
CA ASP A 144 -43.04 9.21 11.37
C ASP A 144 -43.22 7.72 11.67
N LYS A 145 -44.43 7.35 12.08
CA LYS A 145 -44.68 5.95 12.35
C LYS A 145 -44.48 5.11 11.10
N ASP A 146 -44.79 5.67 9.93
CA ASP A 146 -44.50 4.98 8.68
C ASP A 146 -43.00 4.81 8.48
N GLU A 147 -42.21 5.81 8.91
CA GLU A 147 -40.76 5.66 8.85
C GLU A 147 -40.27 4.59 9.81
N LYS A 148 -40.89 4.49 10.98
CA LYS A 148 -40.51 3.45 11.93
C LYS A 148 -40.89 2.08 11.41
N ARG A 149 -42.06 1.95 10.78
CA ARG A 149 -42.44 0.65 10.25
C ARG A 149 -41.54 0.25 9.09
N THR A 150 -40.98 1.22 8.38
CA THR A 150 -40.05 0.90 7.31
C THR A 150 -38.74 0.35 7.86
N PHE A 151 -38.19 0.98 8.90
CA PHE A 151 -36.96 0.47 9.48
C PHE A 151 -37.16 -0.93 10.06
N LEU A 152 -38.35 -1.22 10.59
CA LEU A 152 -38.57 -2.56 11.11
C LEU A 152 -38.64 -3.58 9.99
N ALA A 153 -39.34 -3.26 8.89
CA ALA A 153 -39.38 -4.18 7.76
C ALA A 153 -38.02 -4.37 7.13
N GLU A 154 -37.20 -3.32 7.09
CA GLU A 154 -35.87 -3.45 6.51
C GLU A 154 -34.96 -4.32 7.39
N LEU A 155 -35.11 -4.22 8.72
CA LEU A 155 -34.42 -5.16 9.61
C LEU A 155 -34.92 -6.59 9.41
N THR A 156 -36.23 -6.73 9.18
CA THR A 156 -36.83 -8.05 8.99
C THR A 156 -36.33 -8.71 7.72
N ALA A 157 -36.21 -7.93 6.64
CA ALA A 157 -35.69 -8.48 5.40
C ALA A 157 -34.24 -8.93 5.56
N ALA A 158 -33.45 -8.18 6.33
CA ALA A 158 -32.05 -8.54 6.51
C ALA A 158 -31.91 -9.83 7.31
N GLU A 159 -32.57 -9.89 8.47
CA GLU A 159 -32.52 -11.10 9.26
C GLU A 159 -33.15 -12.25 8.52
N GLY A 160 -34.27 -11.98 7.83
CA GLY A 160 -35.03 -13.07 7.23
C GLY A 160 -34.32 -13.72 6.07
N LEU A 161 -33.61 -12.92 5.26
CA LEU A 161 -32.84 -13.49 4.15
C LEU A 161 -31.68 -14.34 4.65
N GLU A 162 -31.10 -13.98 5.79
CA GLU A 162 -29.96 -14.75 6.26
C GLU A 162 -30.39 -16.05 6.93
N ARG A 163 -31.47 -16.02 7.71
CA ARG A 163 -32.00 -17.26 8.27
C ARG A 163 -32.47 -18.20 7.18
N TYR A 164 -32.92 -17.66 6.04
CA TYR A 164 -33.37 -18.50 4.93
C TYR A 164 -32.19 -19.20 4.26
N LEU A 165 -31.09 -18.48 4.03
CA LEU A 165 -29.94 -19.10 3.36
C LEU A 165 -29.27 -20.14 4.25
N GLY A 166 -29.29 -19.95 5.56
CA GLY A 166 -28.71 -20.96 6.44
C GLY A 166 -29.54 -22.23 6.50
N ALA A 167 -30.85 -22.12 6.29
CA ALA A 167 -31.70 -23.29 6.21
C ALA A 167 -31.62 -23.95 4.83
N LYS A 168 -31.68 -23.15 3.76
CA LYS A 168 -31.72 -23.70 2.41
C LYS A 168 -30.37 -24.22 1.96
N PHE A 169 -29.29 -23.55 2.35
CA PHE A 169 -27.93 -23.95 1.98
C PHE A 169 -27.06 -23.98 3.23
N PRO A 170 -27.30 -24.95 4.14
CA PRO A 170 -26.48 -25.02 5.35
C PRO A 170 -25.02 -25.28 5.04
N GLY A 171 -24.15 -24.61 5.80
CA GLY A 171 -22.71 -24.75 5.69
C GLY A 171 -22.07 -23.91 4.60
N ALA A 172 -22.84 -23.38 3.66
CA ALA A 172 -22.28 -22.66 2.51
C ALA A 172 -21.77 -21.29 2.91
N LYS A 173 -20.73 -20.85 2.21
CA LYS A 173 -20.09 -19.57 2.51
C LYS A 173 -20.98 -18.46 1.97
N ARG A 174 -21.72 -17.84 2.87
CA ARG A 174 -22.39 -16.56 2.66
C ARG A 174 -21.91 -15.69 3.79
N PHE A 175 -21.48 -14.48 3.50
CA PHE A 175 -20.85 -13.72 4.57
C PHE A 175 -21.95 -12.93 5.26
N SER A 176 -22.53 -13.58 6.26
CA SER A 176 -23.77 -13.11 6.86
C SER A 176 -23.61 -11.74 7.50
N LEU A 177 -24.62 -10.90 7.30
CA LEU A 177 -24.75 -9.59 7.91
C LEU A 177 -25.21 -9.66 9.37
N GLU A 178 -25.65 -10.83 9.84
CA GLU A 178 -26.36 -10.92 11.11
C GLU A 178 -25.52 -10.35 12.24
N GLY A 179 -26.18 -9.60 13.11
CA GLY A 179 -25.55 -8.78 14.11
C GLY A 179 -25.32 -7.36 13.69
N GLY A 180 -25.28 -7.09 12.39
CA GLY A 180 -25.14 -5.75 11.85
C GLY A 180 -26.23 -5.50 10.82
N ASP A 181 -27.44 -5.96 11.13
CA ASP A 181 -28.55 -5.90 10.20
C ASP A 181 -29.00 -4.47 9.91
N ALA A 182 -28.71 -3.53 10.81
CA ALA A 182 -29.10 -2.14 10.59
C ALA A 182 -28.40 -1.54 9.38
N MET A 183 -27.37 -2.20 8.85
CA MET A 183 -26.71 -1.69 7.66
C MET A 183 -27.67 -1.62 6.46
N ILE A 184 -28.64 -2.52 6.39
CA ILE A 184 -29.61 -2.48 5.30
C ILE A 184 -30.55 -1.26 5.40
N PRO A 185 -31.27 -1.03 6.52
CA PRO A 185 -32.03 0.23 6.62
C PRO A 185 -31.18 1.47 6.53
N MET A 186 -29.93 1.43 7.02
CA MET A 186 -29.05 2.58 6.87
C MET A 186 -28.77 2.87 5.41
N MET A 187 -28.60 1.82 4.61
CA MET A 187 -28.29 2.01 3.21
C MET A 187 -29.50 2.49 2.41
N LYS A 188 -30.67 1.89 2.63
CA LYS A 188 -31.87 2.38 1.95
C LYS A 188 -32.19 3.80 2.37
N GLU A 189 -31.87 4.18 3.61
CA GLU A 189 -32.10 5.55 4.04
C GLU A 189 -31.11 6.51 3.39
N LEU A 190 -29.89 6.05 3.10
CA LEU A 190 -28.95 6.86 2.33
C LEU A 190 -29.47 7.12 0.91
N ILE A 191 -29.98 6.07 0.26
CA ILE A 191 -30.39 6.21 -1.12
C ILE A 191 -31.70 7.00 -1.23
N ARG A 192 -32.61 6.79 -0.28
CA ARG A 192 -33.81 7.64 -0.26
C ARG A 192 -33.43 9.09 0.02
N HIS A 193 -32.41 9.30 0.85
CA HIS A 193 -32.01 10.67 1.16
C HIS A 193 -31.20 11.32 0.05
N ALA A 194 -30.57 10.51 -0.81
CA ALA A 194 -29.84 11.06 -1.95
C ALA A 194 -30.81 11.63 -2.97
N GLY A 195 -31.88 10.89 -3.29
CA GLY A 195 -32.87 11.41 -4.21
C GLY A 195 -33.70 12.52 -3.60
N ARG A 196 -33.82 12.51 -2.28
CA ARG A 196 -34.55 13.56 -1.57
C ARG A 196 -33.87 14.91 -1.71
N SER A 197 -32.55 14.93 -1.91
CA SER A 197 -31.82 16.18 -2.08
C SER A 197 -31.26 16.34 -3.48
N GLY A 198 -31.81 15.63 -4.48
CA GLY A 198 -31.53 15.87 -5.88
C GLY A 198 -30.37 15.11 -6.49
N MET A 199 -29.71 14.22 -5.75
CA MET A 199 -28.67 13.41 -6.38
C MET A 199 -29.29 12.45 -7.38
N ARG A 200 -28.52 12.15 -8.43
CA ARG A 200 -29.02 11.31 -9.51
C ARG A 200 -28.45 9.90 -9.53
N GLU A 201 -27.23 9.70 -9.03
CA GLU A 201 -26.61 8.39 -9.07
C GLU A 201 -25.96 8.11 -7.72
N VAL A 202 -25.86 6.84 -7.38
CA VAL A 202 -25.18 6.39 -6.17
C VAL A 202 -24.30 5.21 -6.55
N VAL A 203 -23.00 5.29 -6.26
CA VAL A 203 -22.08 4.20 -6.57
C VAL A 203 -21.51 3.65 -5.27
N ILE A 204 -21.66 2.34 -5.08
CA ILE A 204 -21.29 1.66 -3.86
C ILE A 204 -20.11 0.75 -4.16
N GLY A 205 -19.13 0.75 -3.26
CA GLY A 205 -18.05 -0.23 -3.26
C GLY A 205 -17.92 -0.83 -1.87
N MET A 206 -17.83 -2.15 -1.75
CA MET A 206 -17.93 -2.79 -0.44
C MET A 206 -17.11 -4.10 -0.42
N ALA A 207 -17.23 -4.84 0.68
CA ALA A 207 -16.57 -6.11 0.84
C ALA A 207 -17.59 -7.25 0.97
N HIS A 208 -17.19 -8.35 1.59
CA HIS A 208 -18.03 -9.53 1.76
C HIS A 208 -19.20 -9.31 2.73
N ARG A 209 -18.99 -8.50 3.78
CA ARG A 209 -19.93 -8.48 4.89
C ARG A 209 -21.24 -7.88 4.44
N GLY A 210 -22.31 -8.68 4.48
CA GLY A 210 -23.59 -8.18 4.04
C GLY A 210 -23.73 -8.03 2.56
N ARG A 211 -22.81 -8.59 1.77
CA ARG A 211 -22.82 -8.38 0.32
C ARG A 211 -24.05 -9.01 -0.33
N LEU A 212 -24.36 -10.27 0.01
CA LEU A 212 -25.55 -10.89 -0.55
C LEU A 212 -26.81 -10.22 -0.04
N ASN A 213 -26.78 -9.68 1.18
CA ASN A 213 -27.93 -8.93 1.68
C ASN A 213 -28.11 -7.64 0.91
N MET A 214 -27.01 -7.01 0.48
CA MET A 214 -27.11 -5.81 -0.33
C MET A 214 -27.73 -6.14 -1.68
N LEU A 215 -27.29 -7.23 -2.30
CA LEU A 215 -27.75 -7.51 -3.64
C LEU A 215 -29.25 -7.77 -3.66
N VAL A 216 -29.75 -8.51 -2.67
CA VAL A 216 -31.15 -8.91 -2.68
C VAL A 216 -32.05 -7.82 -2.10
N ASN A 217 -31.63 -7.18 -1.02
CA ASN A 217 -32.53 -6.32 -0.25
C ASN A 217 -32.37 -4.82 -0.53
N VAL A 218 -31.46 -4.40 -1.41
CA VAL A 218 -31.41 -2.99 -1.74
C VAL A 218 -31.27 -2.78 -3.25
N LEU A 219 -30.40 -3.54 -3.90
CA LEU A 219 -30.20 -3.42 -5.34
C LEU A 219 -31.21 -4.21 -6.16
N GLY A 220 -32.04 -5.05 -5.53
CA GLY A 220 -33.10 -5.70 -6.24
C GLY A 220 -32.73 -6.93 -7.06
N LYS A 221 -31.61 -7.58 -6.75
CA LYS A 221 -31.35 -8.88 -7.37
C LYS A 221 -32.44 -9.88 -6.97
N LYS A 222 -32.87 -10.69 -7.93
CA LYS A 222 -33.93 -11.64 -7.65
C LYS A 222 -33.40 -12.72 -6.72
N PRO A 223 -34.12 -13.04 -5.64
CA PRO A 223 -33.67 -14.13 -4.76
C PRO A 223 -33.53 -15.46 -5.49
N GLN A 224 -34.38 -15.75 -6.48
CA GLN A 224 -34.25 -17.03 -7.15
C GLN A 224 -32.91 -17.15 -7.85
N ASP A 225 -32.40 -16.04 -8.40
CA ASP A 225 -31.08 -16.06 -9.01
C ASP A 225 -29.97 -16.23 -7.98
N LEU A 226 -30.15 -15.70 -6.77
CA LEU A 226 -29.16 -16.00 -5.73
C LEU A 226 -29.24 -17.45 -5.32
N PHE A 227 -30.45 -18.01 -5.24
CA PHE A 227 -30.59 -19.42 -4.90
C PHE A 227 -30.01 -20.31 -5.99
N ASP A 228 -30.11 -19.88 -7.25
CA ASP A 228 -29.55 -20.66 -8.35
C ASP A 228 -28.03 -20.67 -8.32
N GLU A 229 -27.41 -19.64 -7.77
CA GLU A 229 -25.95 -19.63 -7.71
C GLU A 229 -25.44 -20.55 -6.61
N PHE A 230 -26.13 -20.61 -5.46
CA PHE A 230 -25.73 -21.54 -4.42
C PHE A 230 -25.86 -22.99 -4.87
N ALA A 231 -26.86 -23.29 -5.71
CA ALA A 231 -27.06 -24.63 -6.22
C ALA A 231 -26.12 -24.97 -7.36
N GLY A 232 -25.38 -23.99 -7.87
CA GLY A 232 -24.45 -24.20 -8.96
C GLY A 232 -25.06 -24.18 -10.35
N LYS A 233 -26.38 -23.97 -10.45
CA LYS A 233 -27.07 -24.01 -11.74
C LYS A 233 -26.95 -22.73 -12.55
N HIS A 234 -26.39 -21.66 -11.98
CA HIS A 234 -26.10 -20.48 -12.79
C HIS A 234 -25.02 -20.81 -13.82
N GLY A 235 -25.18 -20.31 -15.02
CA GLY A 235 -24.25 -20.62 -16.09
C GLY A 235 -24.34 -19.65 -17.25
N GLU A 236 -23.93 -20.13 -18.43
CA GLU A 236 -24.05 -19.43 -19.71
C GLU A 236 -23.11 -18.24 -19.87
N SER A 237 -21.80 -18.46 -19.80
CA SER A 237 -20.81 -17.43 -20.12
C SER A 237 -19.46 -18.08 -20.38
N TRP A 238 -18.62 -17.38 -21.15
CA TRP A 238 -17.18 -17.68 -21.16
C TRP A 238 -16.41 -16.70 -20.30
N GLY A 239 -17.09 -15.86 -19.54
CA GLY A 239 -16.42 -15.22 -18.43
C GLY A 239 -15.94 -16.36 -17.55
N THR A 240 -14.66 -16.32 -17.19
CA THR A 240 -14.14 -17.29 -16.23
C THR A 240 -14.83 -17.15 -14.88
N GLY A 241 -15.35 -15.97 -14.58
CA GLY A 241 -16.22 -15.79 -13.45
C GLY A 241 -15.50 -15.55 -12.14
N ASP A 242 -16.31 -15.40 -11.09
CA ASP A 242 -15.81 -15.13 -9.75
C ASP A 242 -16.89 -15.58 -8.77
N VAL A 243 -16.52 -15.61 -7.49
CA VAL A 243 -17.46 -16.07 -6.47
C VAL A 243 -18.59 -15.08 -6.28
N LYS A 244 -19.71 -15.60 -5.77
CA LYS A 244 -20.97 -14.85 -5.74
C LYS A 244 -20.88 -13.56 -4.92
N TYR A 245 -19.99 -13.50 -3.93
CA TYR A 245 -19.92 -12.32 -3.08
C TYR A 245 -18.93 -11.29 -3.59
N HIS A 246 -18.43 -11.46 -4.81
CA HIS A 246 -17.67 -10.44 -5.50
C HIS A 246 -18.46 -9.74 -6.59
N GLN A 247 -19.70 -10.15 -6.85
CA GLN A 247 -20.42 -9.62 -7.99
C GLN A 247 -20.94 -8.21 -7.72
N GLY A 248 -21.04 -7.43 -8.80
CA GLY A 248 -21.68 -6.13 -8.76
C GLY A 248 -23.06 -6.15 -9.42
N PHE A 249 -23.73 -5.00 -9.34
CA PHE A 249 -25.12 -4.95 -9.77
C PHE A 249 -25.51 -3.52 -10.08
N SER A 250 -26.61 -3.38 -10.81
CA SER A 250 -27.14 -2.07 -11.18
C SER A 250 -28.66 -2.17 -11.25
N ALA A 251 -29.32 -1.11 -10.81
CA ALA A 251 -30.77 -1.03 -10.80
C ALA A 251 -31.16 0.42 -10.60
N ASP A 252 -32.37 0.76 -11.03
CA ASP A 252 -32.99 2.01 -10.59
C ASP A 252 -33.75 1.77 -9.29
N PHE A 253 -33.89 2.82 -8.49
CA PHE A 253 -34.37 2.71 -7.11
C PHE A 253 -35.25 3.91 -6.83
N ALA A 254 -36.56 3.70 -6.65
CA ALA A 254 -37.48 4.80 -6.43
C ALA A 254 -37.18 5.50 -5.11
N THR A 255 -37.16 6.82 -5.14
CA THR A 255 -36.94 7.66 -3.98
C THR A 255 -37.99 8.76 -4.01
N PRO A 256 -38.24 9.41 -2.87
CA PRO A 256 -39.19 10.54 -2.87
C PRO A 256 -38.81 11.63 -3.85
N GLY A 257 -37.54 11.80 -4.14
CA GLY A 257 -37.15 12.71 -5.19
C GLY A 257 -37.15 12.15 -6.59
N GLY A 258 -37.57 10.90 -6.77
CA GLY A 258 -37.62 10.27 -8.07
C GLY A 258 -36.63 9.11 -8.15
N ASP A 259 -36.60 8.48 -9.32
CA ASP A 259 -35.70 7.35 -9.54
C ASP A 259 -34.25 7.79 -9.49
N VAL A 260 -33.40 6.95 -8.91
CA VAL A 260 -31.98 7.19 -8.75
C VAL A 260 -31.24 5.96 -9.28
N HIS A 261 -30.21 6.16 -10.09
CA HIS A 261 -29.42 5.02 -10.55
C HIS A 261 -28.56 4.48 -9.41
N LEU A 262 -28.41 3.15 -9.36
CA LEU A 262 -27.60 2.49 -8.34
C LEU A 262 -26.58 1.58 -8.99
N ALA A 263 -25.37 1.57 -8.45
CA ALA A 263 -24.28 0.79 -9.02
C ALA A 263 -23.42 0.21 -7.90
N LEU A 264 -23.32 -1.11 -7.87
CA LEU A 264 -22.48 -1.81 -6.92
C LEU A 264 -21.28 -2.39 -7.67
N ALA A 265 -20.07 -2.00 -7.26
CA ALA A 265 -18.89 -2.41 -8.00
C ALA A 265 -18.59 -3.90 -7.82
N PHE A 266 -18.04 -4.51 -8.87
CA PHE A 266 -17.30 -5.75 -8.69
C PHE A 266 -16.02 -5.44 -7.93
N ASN A 267 -15.57 -6.40 -7.11
CA ASN A 267 -14.32 -6.25 -6.39
C ASN A 267 -13.66 -7.62 -6.24
N PRO A 268 -12.35 -7.67 -5.99
CA PRO A 268 -11.69 -8.96 -5.68
C PRO A 268 -11.72 -9.30 -4.19
N SER A 269 -11.03 -10.37 -3.79
CA SER A 269 -10.96 -10.67 -2.36
C SER A 269 -10.15 -9.63 -1.60
N HIS A 270 -9.20 -8.97 -2.26
CA HIS A 270 -8.36 -7.98 -1.58
C HIS A 270 -9.23 -6.86 -1.03
N LEU A 271 -9.00 -6.49 0.23
CA LEU A 271 -10.11 -5.99 1.03
C LEU A 271 -10.45 -4.52 0.75
N GLU A 272 -9.47 -3.63 0.70
CA GLU A 272 -9.82 -2.22 0.62
C GLU A 272 -9.65 -1.60 -0.77
N ILE A 273 -9.13 -2.34 -1.75
CA ILE A 273 -8.68 -1.71 -2.98
C ILE A 273 -9.83 -1.21 -3.85
N VAL A 274 -11.05 -1.74 -3.66
CA VAL A 274 -12.18 -1.29 -4.46
C VAL A 274 -12.51 0.18 -4.20
N ASN A 275 -12.17 0.68 -3.01
CA ASN A 275 -12.49 2.07 -2.69
C ASN A 275 -11.89 3.05 -3.68
N PRO A 276 -10.58 2.99 -4.00
CA PRO A 276 -10.07 3.88 -5.06
C PRO A 276 -10.74 3.68 -6.40
N VAL A 277 -11.15 2.45 -6.74
CA VAL A 277 -11.78 2.22 -8.04
C VAL A 277 -13.13 2.90 -8.11
N VAL A 278 -13.88 2.87 -7.00
CA VAL A 278 -15.16 3.56 -6.98
C VAL A 278 -14.97 5.06 -7.02
N MET A 279 -13.88 5.58 -6.43
CA MET A 279 -13.64 7.01 -6.51
C MET A 279 -13.39 7.45 -7.95
N GLY A 280 -12.70 6.62 -8.74
CA GLY A 280 -12.44 6.96 -10.12
C GLY A 280 -13.66 6.84 -11.00
N SER A 281 -14.59 5.95 -10.64
CA SER A 281 -15.82 5.79 -11.41
C SER A 281 -16.71 7.01 -11.25
N VAL A 282 -16.89 7.46 -10.01
CA VAL A 282 -17.78 8.60 -9.79
C VAL A 282 -17.18 9.88 -10.34
N ARG A 283 -15.89 10.01 -10.36
CA ARG A 283 -15.29 11.15 -10.96
C ARG A 283 -15.53 11.15 -12.45
N ALA A 284 -15.38 10.02 -13.10
CA ALA A 284 -15.71 9.95 -14.51
C ALA A 284 -17.18 10.26 -14.75
N ARG A 285 -18.06 9.87 -13.83
CA ARG A 285 -19.46 10.23 -13.95
C ARG A 285 -19.64 11.74 -13.75
N GLN A 286 -19.03 12.28 -12.70
CA GLN A 286 -19.17 13.71 -12.46
C GLN A 286 -18.57 14.54 -13.59
N ASP A 287 -17.47 14.07 -14.19
CA ASP A 287 -16.88 14.81 -15.29
C ASP A 287 -17.81 14.82 -16.50
N ARG A 288 -18.40 13.66 -16.83
CA ARG A 288 -19.27 13.58 -18.00
C ARG A 288 -20.52 14.43 -17.86
N LEU A 289 -21.05 14.54 -16.65
CA LEU A 289 -22.29 15.26 -16.37
C LEU A 289 -22.08 16.75 -16.16
N GLY A 290 -20.83 17.22 -16.11
CA GLY A 290 -20.62 18.62 -15.82
C GLY A 290 -20.92 19.00 -14.39
N ASP A 291 -20.70 18.08 -13.45
CA ASP A 291 -20.98 18.29 -12.04
C ASP A 291 -19.70 18.75 -11.32
N ASP A 292 -19.40 20.04 -11.45
CA ASP A 292 -18.15 20.56 -10.90
C ASP A 292 -18.11 20.48 -9.37
N ASP A 293 -19.27 20.53 -8.73
CA ASP A 293 -19.46 20.20 -7.32
C ASP A 293 -20.08 18.80 -7.26
N GLY A 294 -19.41 17.86 -6.62
CA GLY A 294 -19.88 16.49 -6.80
C GLY A 294 -21.22 16.21 -6.16
N SER A 295 -22.27 16.90 -6.63
CA SER A 295 -23.56 16.89 -5.97
C SER A 295 -24.61 16.05 -6.69
N LYS A 296 -24.29 15.44 -7.83
CA LYS A 296 -25.19 14.56 -8.53
C LYS A 296 -24.83 13.08 -8.39
N VAL A 297 -23.60 12.74 -8.02
CA VAL A 297 -23.19 11.35 -7.90
C VAL A 297 -22.61 11.12 -6.51
N LEU A 298 -23.27 10.27 -5.71
CA LEU A 298 -22.84 10.04 -4.34
C LEU A 298 -21.98 8.78 -4.30
N PRO A 299 -20.70 8.88 -3.92
CA PRO A 299 -19.91 7.67 -3.69
C PRO A 299 -20.12 7.17 -2.26
N ILE A 300 -20.19 5.85 -2.10
CA ILE A 300 -20.32 5.23 -0.80
C ILE A 300 -19.39 4.05 -0.73
N THR A 301 -18.63 3.94 0.36
CA THR A 301 -17.77 2.79 0.57
C THR A 301 -18.06 2.15 1.92
N ILE A 302 -18.08 0.83 1.93
CA ILE A 302 -18.35 0.05 3.12
C ILE A 302 -17.09 -0.75 3.44
N HIS A 303 -16.70 -0.72 4.72
CA HIS A 303 -15.42 -1.26 5.16
C HIS A 303 -15.61 -2.17 6.37
N GLY A 304 -14.69 -3.12 6.52
CA GLY A 304 -14.56 -3.83 7.78
C GLY A 304 -13.66 -3.10 8.75
N ASP A 305 -13.88 -3.36 10.04
CA ASP A 305 -13.18 -2.60 11.08
C ASP A 305 -11.68 -2.88 11.09
N SER A 306 -11.27 -4.13 10.86
CA SER A 306 -9.86 -4.46 10.82
C SER A 306 -9.22 -4.06 9.49
N ALA A 307 -9.95 -4.20 8.39
CA ALA A 307 -9.36 -3.86 7.10
C ALA A 307 -9.11 -2.36 6.98
N ILE A 308 -10.02 -1.53 7.51
CA ILE A 308 -9.86 -0.10 7.34
C ILE A 308 -8.68 0.41 8.16
N ALA A 309 -8.30 -0.29 9.22
CA ALA A 309 -7.17 0.15 10.02
C ALA A 309 -5.83 -0.33 9.45
N GLY A 310 -5.80 -1.56 8.92
CA GLY A 310 -4.54 -2.13 8.46
C GLY A 310 -4.11 -1.75 7.06
N GLN A 311 -5.05 -1.46 6.16
CA GLN A 311 -4.74 -1.30 4.75
C GLN A 311 -4.36 0.14 4.46
N GLY A 312 -3.19 0.34 3.83
CA GLY A 312 -2.69 1.69 3.62
C GLY A 312 -3.35 2.43 2.49
N VAL A 313 -4.02 1.71 1.60
CA VAL A 313 -4.76 2.34 0.52
C VAL A 313 -5.92 3.16 1.07
N VAL A 314 -6.38 2.86 2.29
CA VAL A 314 -7.40 3.71 2.92
C VAL A 314 -6.88 5.12 3.09
N ALA A 315 -5.67 5.26 3.65
CA ALA A 315 -5.05 6.58 3.82
C ALA A 315 -4.63 7.19 2.50
N GLU A 316 -4.27 6.37 1.51
CA GLU A 316 -3.94 6.93 0.20
C GLU A 316 -5.18 7.57 -0.42
N THR A 317 -6.34 6.95 -0.22
CA THR A 317 -7.58 7.48 -0.78
C THR A 317 -8.06 8.69 0.01
N PHE A 318 -7.92 8.70 1.33
CA PHE A 318 -8.27 9.90 2.10
C PHE A 318 -7.41 11.08 1.67
N ASN A 319 -6.15 10.84 1.32
CA ASN A 319 -5.26 11.89 0.86
C ASN A 319 -5.67 12.46 -0.49
N MET A 320 -6.41 11.69 -1.28
CA MET A 320 -6.92 12.15 -2.56
C MET A 320 -8.28 12.85 -2.46
N SER A 321 -8.93 12.82 -1.29
CA SER A 321 -10.33 13.21 -1.24
C SER A 321 -10.53 14.68 -1.64
N GLN A 322 -9.52 15.52 -1.42
CA GLN A 322 -9.57 16.91 -1.84
C GLN A 322 -8.50 17.26 -2.86
N ALA A 323 -7.74 16.29 -3.35
CA ALA A 323 -6.83 16.58 -4.46
C ALA A 323 -7.65 16.97 -5.68
N ARG A 324 -7.24 18.02 -6.37
CA ARG A 324 -8.06 18.54 -7.45
C ARG A 324 -8.20 17.55 -8.61
N GLY A 325 -7.23 16.69 -8.82
CA GLY A 325 -7.38 15.73 -9.88
C GLY A 325 -8.10 14.47 -9.50
N PHE A 326 -8.48 14.33 -8.23
CA PHE A 326 -9.20 13.13 -7.79
C PHE A 326 -10.41 13.41 -6.92
N CYS A 327 -10.64 14.64 -6.47
CA CYS A 327 -11.77 14.94 -5.60
C CYS A 327 -13.10 14.62 -6.29
N VAL A 328 -14.01 13.97 -5.56
CA VAL A 328 -15.35 13.65 -6.04
C VAL A 328 -16.43 14.32 -5.19
N GLY A 329 -16.10 15.38 -4.46
CA GLY A 329 -17.07 16.06 -3.62
C GLY A 329 -17.31 15.40 -2.27
N GLY A 330 -16.47 14.46 -1.86
CA GLY A 330 -16.65 13.81 -0.58
C GLY A 330 -17.32 12.45 -0.70
N THR A 331 -16.90 11.51 0.14
CA THR A 331 -17.45 10.17 0.15
C THR A 331 -18.06 9.88 1.51
N VAL A 332 -19.26 9.28 1.52
CA VAL A 332 -19.79 8.72 2.75
C VAL A 332 -19.18 7.34 2.96
N ARG A 333 -18.47 7.15 4.07
CA ARG A 333 -17.79 5.90 4.37
C ARG A 333 -18.45 5.24 5.60
N VAL A 334 -18.89 4.01 5.44
CA VAL A 334 -19.52 3.28 6.52
C VAL A 334 -18.63 2.09 6.89
N VAL A 335 -18.33 1.96 8.18
CA VAL A 335 -17.61 0.81 8.70
C VAL A 335 -18.58 -0.15 9.34
N VAL A 336 -18.54 -1.41 8.90
CA VAL A 336 -19.25 -2.49 9.57
C VAL A 336 -18.34 -2.96 10.69
N ASN A 337 -18.46 -2.31 11.86
CA ASN A 337 -17.60 -2.58 13.00
C ASN A 337 -18.22 -3.64 13.91
N ASN A 338 -17.99 -4.90 13.56
CA ASN A 338 -18.42 -6.04 14.35
C ASN A 338 -17.38 -6.45 15.39
N GLN A 339 -16.39 -5.60 15.65
CA GLN A 339 -15.45 -5.74 16.76
C GLN A 339 -14.62 -7.00 16.69
N VAL A 340 -14.46 -7.55 15.48
CA VAL A 340 -13.65 -8.74 15.28
C VAL A 340 -13.23 -8.77 13.81
N GLY A 341 -12.07 -9.32 13.55
CA GLY A 341 -11.63 -9.55 12.21
C GLY A 341 -11.14 -10.98 12.07
N PHE A 342 -11.94 -11.79 11.42
CA PHE A 342 -11.71 -13.23 11.36
C PHE A 342 -11.59 -13.75 12.78
N THR A 343 -10.42 -14.27 13.17
CA THR A 343 -10.22 -14.78 14.51
C THR A 343 -9.56 -13.78 15.46
N THR A 344 -9.26 -12.57 15.00
CA THR A 344 -8.57 -11.57 15.81
C THR A 344 -9.57 -10.58 16.38
N SER A 345 -9.64 -10.49 17.72
CA SER A 345 -10.53 -9.53 18.37
C SER A 345 -9.86 -8.60 19.35
N ASN A 346 -8.62 -8.88 19.76
CA ASN A 346 -7.91 -8.02 20.70
C ASN A 346 -7.65 -6.67 20.03
N PRO A 347 -8.07 -5.56 20.63
CA PRO A 347 -7.76 -4.25 20.03
C PRO A 347 -6.26 -4.02 19.87
N ARG A 348 -5.47 -4.56 20.79
CA ARG A 348 -4.02 -4.42 20.73
C ARG A 348 -3.39 -5.23 19.61
N ASP A 349 -4.12 -6.18 19.02
CA ASP A 349 -3.58 -6.91 17.87
C ASP A 349 -3.99 -6.33 16.52
N THR A 350 -5.05 -5.53 16.45
CA THR A 350 -5.54 -5.05 15.16
C THR A 350 -5.10 -3.62 14.81
N ARG A 351 -4.87 -2.78 15.81
CA ARG A 351 -4.73 -1.36 15.58
C ARG A 351 -3.98 -0.75 16.75
N SER A 352 -3.68 0.53 16.66
CA SER A 352 -2.97 1.23 17.73
C SER A 352 -3.82 2.29 18.43
N THR A 353 -5.13 2.33 18.20
CA THR A 353 -5.95 3.40 18.74
C THR A 353 -7.28 2.85 19.21
N MET A 354 -8.01 3.70 19.95
CA MET A 354 -9.26 3.23 20.54
C MET A 354 -10.27 2.83 19.46
N TYR A 355 -10.30 3.56 18.35
CA TYR A 355 -11.27 3.31 17.28
C TYR A 355 -10.56 2.91 16.01
N CYS A 356 -11.21 2.04 15.23
CA CYS A 356 -10.65 1.68 13.93
C CYS A 356 -10.72 2.84 12.95
N THR A 357 -11.57 3.83 13.21
CA THR A 357 -11.86 4.93 12.29
C THR A 357 -10.91 6.09 12.43
N ASP A 358 -9.92 6.01 13.33
CA ASP A 358 -9.10 7.17 13.63
C ASP A 358 -8.25 7.61 12.44
N ILE A 359 -8.05 6.74 11.46
CA ILE A 359 -7.35 7.10 10.24
C ILE A 359 -8.07 8.25 9.53
N ALA A 360 -9.38 8.37 9.73
CA ALA A 360 -10.18 9.43 9.13
C ALA A 360 -9.83 10.81 9.66
N LYS A 361 -9.20 10.89 10.83
CA LYS A 361 -8.82 12.20 11.37
C LYS A 361 -7.73 12.87 10.54
N MET A 362 -7.03 12.12 9.69
CA MET A 362 -5.99 12.73 8.87
C MET A 362 -6.57 13.81 7.97
N VAL A 363 -7.82 13.67 7.55
CA VAL A 363 -8.51 14.68 6.75
C VAL A 363 -9.62 15.36 7.55
N GLN A 364 -9.58 15.24 8.89
CA GLN A 364 -10.50 15.94 9.79
C GLN A 364 -11.95 15.58 9.50
N ALA A 365 -12.19 14.35 9.11
CA ALA A 365 -13.55 13.89 8.88
C ALA A 365 -14.30 13.74 10.19
N PRO A 366 -15.52 14.25 10.30
CA PRO A 366 -16.36 13.89 11.46
C PRO A 366 -16.69 12.41 11.41
N ILE A 367 -16.82 11.82 12.60
CA ILE A 367 -17.02 10.39 12.72
C ILE A 367 -18.18 10.17 13.67
N PHE A 368 -19.23 9.53 13.18
CA PHE A 368 -20.43 9.26 13.97
C PHE A 368 -20.44 7.77 14.30
N HIS A 369 -19.94 7.43 15.49
CA HIS A 369 -20.17 6.09 16.02
C HIS A 369 -21.62 5.93 16.43
N VAL A 370 -22.20 4.76 16.15
CA VAL A 370 -23.61 4.56 16.47
C VAL A 370 -23.86 3.10 16.82
N ASN A 371 -24.66 2.88 17.85
CA ASN A 371 -25.06 1.54 18.24
C ASN A 371 -26.03 0.95 17.20
N ALA A 372 -25.70 -0.23 16.68
CA ALA A 372 -26.49 -0.82 15.62
C ALA A 372 -27.79 -1.45 16.13
N ASP A 373 -27.97 -1.55 17.45
CA ASP A 373 -29.24 -1.96 18.03
C ASP A 373 -30.20 -0.79 18.20
N ASP A 374 -29.85 0.39 17.68
CA ASP A 374 -30.70 1.58 17.75
C ASP A 374 -30.92 2.07 16.31
N PRO A 375 -31.82 1.42 15.57
CA PRO A 375 -31.99 1.78 14.15
C PRO A 375 -32.37 3.21 13.92
N GLU A 376 -33.14 3.81 14.83
CA GLU A 376 -33.49 5.22 14.66
C GLU A 376 -32.28 6.12 14.79
N ALA A 377 -31.36 5.79 15.69
CA ALA A 377 -30.10 6.52 15.76
C ALA A 377 -29.27 6.29 14.51
N VAL A 378 -29.35 5.10 13.92
CA VAL A 378 -28.58 4.82 12.72
C VAL A 378 -29.09 5.66 11.56
N ALA A 379 -30.41 5.69 11.36
CA ALA A 379 -30.96 6.52 10.29
C ALA A 379 -30.72 7.99 10.55
N PHE A 380 -30.76 8.41 11.82
CA PHE A 380 -30.61 9.82 12.15
C PHE A 380 -29.18 10.30 11.89
N VAL A 381 -28.20 9.48 12.29
CA VAL A 381 -26.80 9.76 11.96
C VAL A 381 -26.55 9.65 10.46
N THR A 382 -27.26 8.76 9.76
CA THR A 382 -27.07 8.60 8.32
C THR A 382 -27.54 9.83 7.56
N ARG A 383 -28.65 10.44 7.96
CA ARG A 383 -29.05 11.67 7.33
C ARG A 383 -28.07 12.79 7.64
N ILE A 384 -27.58 12.83 8.88
CA ILE A 384 -26.63 13.87 9.25
C ILE A 384 -25.34 13.71 8.47
N ALA A 385 -24.90 12.47 8.28
CA ALA A 385 -23.65 12.25 7.55
C ALA A 385 -23.81 12.67 6.09
N LEU A 386 -24.94 12.34 5.46
CA LEU A 386 -25.14 12.74 4.07
C LEU A 386 -25.30 14.23 3.97
N ASP A 387 -26.05 14.84 4.90
CA ASP A 387 -26.20 16.29 4.87
C ASP A 387 -24.87 16.98 5.04
N TYR A 388 -23.97 16.40 5.84
CA TYR A 388 -22.67 17.01 5.99
C TYR A 388 -21.90 16.95 4.68
N ARG A 389 -21.90 15.78 4.03
CA ARG A 389 -21.11 15.61 2.82
C ARG A 389 -21.59 16.55 1.72
N ASN A 390 -22.89 16.82 1.67
CA ASN A 390 -23.41 17.68 0.63
C ASN A 390 -23.26 19.17 0.99
N GLU A 391 -23.36 19.51 2.27
CA GLU A 391 -23.19 20.91 2.66
C GLU A 391 -21.76 21.38 2.49
N PHE A 392 -20.79 20.56 2.89
CA PHE A 392 -19.39 20.95 2.93
C PHE A 392 -18.51 20.18 1.95
N LYS A 393 -19.07 19.26 1.17
CA LYS A 393 -18.31 18.56 0.12
C LYS A 393 -17.05 17.88 0.66
N ARG A 394 -17.18 17.20 1.79
CA ARG A 394 -16.06 16.57 2.47
C ARG A 394 -16.44 15.15 2.91
N ASP A 395 -15.43 14.31 3.10
CA ASP A 395 -15.66 12.94 3.56
C ASP A 395 -16.21 12.91 4.97
N VAL A 396 -17.07 11.92 5.24
CA VAL A 396 -17.65 11.69 6.55
C VAL A 396 -17.75 10.19 6.79
N VAL A 397 -17.55 9.78 8.05
CA VAL A 397 -17.46 8.36 8.39
C VAL A 397 -18.54 8.00 9.39
N ILE A 398 -19.24 6.89 9.13
CA ILE A 398 -20.24 6.34 10.05
C ILE A 398 -19.69 5.03 10.61
N ASP A 399 -19.40 5.01 11.90
CA ASP A 399 -18.93 3.81 12.60
C ASP A 399 -20.17 3.07 13.11
N LEU A 400 -20.55 2.00 12.44
CA LEU A 400 -21.71 1.21 12.84
C LEU A 400 -21.22 0.09 13.75
N VAL A 401 -21.32 0.29 15.04
CA VAL A 401 -20.85 -0.68 16.03
C VAL A 401 -21.85 -1.81 16.23
N CYS A 402 -21.41 -3.01 15.99
CA CYS A 402 -22.21 -4.21 15.98
C CYS A 402 -21.54 -5.52 16.35
N TYR A 403 -22.06 -6.63 15.89
CA TYR A 403 -21.45 -7.95 16.13
C TYR A 403 -21.53 -8.83 14.92
N ARG A 404 -20.80 -9.91 14.90
CA ARG A 404 -20.87 -10.87 13.83
C ARG A 404 -21.53 -12.04 14.52
N ARG A 405 -22.73 -12.41 14.13
CA ARG A 405 -23.51 -13.42 14.85
C ARG A 405 -22.89 -14.80 14.69
N HIS A 406 -22.35 -15.11 13.52
CA HIS A 406 -21.78 -16.42 13.28
C HIS A 406 -20.26 -16.33 13.28
N GLY A 407 -19.61 -17.33 12.72
CA GLY A 407 -18.17 -17.29 12.55
C GLY A 407 -17.83 -16.32 11.44
N HIS A 408 -16.53 -16.22 11.15
CA HIS A 408 -16.13 -15.33 10.07
C HIS A 408 -16.79 -15.75 8.77
N ASN A 409 -16.97 -17.05 8.58
CA ASN A 409 -17.89 -17.61 7.62
C ASN A 409 -18.55 -18.78 8.32
N GLU A 410 -19.58 -19.32 7.68
CA GLU A 410 -20.45 -20.26 8.38
C GLU A 410 -19.81 -21.62 8.62
N ALA A 411 -18.69 -21.91 7.98
CA ALA A 411 -17.96 -23.15 8.24
C ALA A 411 -16.94 -23.01 9.37
N ASP A 412 -16.77 -21.82 9.93
CA ASP A 412 -15.73 -21.57 10.92
C ASP A 412 -16.30 -21.56 12.34
N GLU A 413 -15.46 -21.95 13.33
CA GLU A 413 -15.88 -21.95 14.72
C GLU A 413 -15.31 -20.76 15.46
N PRO A 414 -16.13 -19.79 15.88
CA PRO A 414 -15.58 -18.61 16.54
C PRO A 414 -15.32 -18.79 18.03
N ASN A 415 -15.88 -19.83 18.66
CA ASN A 415 -15.69 -20.03 20.09
C ASN A 415 -14.25 -20.38 20.46
N ALA A 416 -13.53 -21.00 19.53
CA ALA A 416 -12.17 -21.42 19.81
C ALA A 416 -11.26 -20.22 20.09
N THR A 417 -11.57 -19.05 19.53
CA THR A 417 -10.71 -17.88 19.72
C THR A 417 -11.42 -16.67 20.33
N GLN A 418 -12.76 -16.61 20.34
CA GLN A 418 -13.51 -15.57 21.04
C GLN A 418 -14.61 -16.21 21.90
N PRO A 419 -14.22 -16.99 22.92
CA PRO A 419 -15.23 -17.71 23.71
C PRO A 419 -16.25 -16.81 24.40
N LEU A 420 -15.81 -15.67 24.91
CA LEU A 420 -16.68 -14.79 25.67
C LEU A 420 -17.60 -13.98 24.76
N MET A 421 -17.08 -13.60 23.58
CA MET A 421 -17.88 -12.82 22.65
C MET A 421 -19.11 -13.59 22.19
N TYR A 422 -18.96 -14.90 22.00
CA TYR A 422 -20.06 -15.70 21.49
C TYR A 422 -20.89 -16.34 22.59
N GLN A 423 -20.39 -16.39 23.82
CA GLN A 423 -21.31 -16.66 24.93
C GLN A 423 -22.25 -15.47 25.15
N LYS A 424 -21.80 -14.27 24.80
CA LYS A 424 -22.67 -13.10 24.93
C LYS A 424 -23.61 -12.94 23.74
N ILE A 425 -23.11 -13.25 22.53
CA ILE A 425 -23.95 -13.24 21.33
C ILE A 425 -25.03 -14.33 21.39
N LYS A 426 -24.70 -15.48 22.00
CA LYS A 426 -25.64 -16.59 22.04
C LYS A 426 -26.89 -16.24 22.82
N LYS A 427 -26.78 -15.35 23.79
CA LYS A 427 -27.95 -14.89 24.53
C LYS A 427 -28.33 -13.46 24.19
N HIS A 428 -27.90 -12.96 23.03
CA HIS A 428 -28.25 -11.61 22.61
C HIS A 428 -29.36 -11.63 21.57
N PRO A 429 -30.50 -11.04 21.84
CA PRO A 429 -31.58 -10.96 20.83
C PRO A 429 -31.22 -10.09 19.64
N THR A 430 -31.84 -10.43 18.49
CA THR A 430 -31.53 -9.77 17.22
C THR A 430 -32.06 -8.34 17.19
N PRO A 431 -31.44 -7.47 16.37
CA PRO A 431 -31.92 -6.07 16.28
C PRO A 431 -33.36 -5.94 15.85
N ARG A 432 -33.85 -6.86 15.00
CA ARG A 432 -35.25 -6.86 14.64
C ARG A 432 -36.13 -7.06 15.86
N LYS A 433 -35.87 -8.08 16.63
CA LYS A 433 -36.64 -8.31 17.78
C LYS A 433 -36.54 -7.20 18.78
N LEU A 434 -35.37 -6.64 18.95
CA LEU A 434 -35.20 -5.55 19.86
C LEU A 434 -35.90 -4.29 19.47
N TYR A 435 -35.86 -3.93 18.22
CA TYR A 435 -36.58 -2.74 17.77
C TYR A 435 -38.08 -2.94 17.82
N ALA A 436 -38.55 -4.15 17.48
CA ALA A 436 -39.97 -4.44 17.58
C ALA A 436 -40.44 -4.34 19.03
N ASP A 437 -39.60 -4.76 19.99
CA ASP A 437 -39.97 -4.63 21.39
C ASP A 437 -40.11 -3.17 21.81
N VAL A 438 -39.33 -2.28 21.19
CA VAL A 438 -39.39 -0.87 21.54
C VAL A 438 -40.62 -0.20 20.95
N LEU A 439 -40.94 -0.49 19.69
CA LEU A 439 -42.14 0.09 19.09
C LEU A 439 -43.39 -0.36 19.82
N ILE A 440 -43.38 -1.59 20.37
CA ILE A 440 -44.53 -2.10 21.11
C ILE A 440 -44.61 -1.42 22.47
N ASP A 441 -43.47 -1.19 23.12
CA ASP A 441 -43.50 -0.51 24.42
C ASP A 441 -44.02 0.92 24.26
N ARG A 442 -43.72 1.57 23.14
CA ARG A 442 -44.14 2.94 22.90
C ARG A 442 -45.51 3.05 22.24
N ASN A 443 -46.19 1.91 22.00
CA ASN A 443 -47.48 1.87 21.30
C ASN A 443 -47.38 2.45 19.90
N GLU A 444 -46.18 2.44 19.34
CA GLU A 444 -45.95 2.86 17.97
C GLU A 444 -46.08 1.71 16.98
N CYS A 445 -46.32 0.49 17.47
CA CYS A 445 -46.54 -0.66 16.60
C CYS A 445 -47.16 -1.77 17.45
N ASP A 446 -47.71 -2.77 16.77
CA ASP A 446 -48.30 -3.91 17.44
C ASP A 446 -47.60 -5.18 16.99
N ILE A 447 -47.66 -6.21 17.84
CA ILE A 447 -46.89 -7.42 17.58
C ILE A 447 -47.38 -8.15 16.33
N GLU A 448 -48.68 -8.06 16.00
CA GLU A 448 -49.14 -8.74 14.79
C GLU A 448 -48.57 -8.12 13.52
N THR A 449 -48.32 -6.81 13.53
CA THR A 449 -47.68 -6.21 12.37
C THR A 449 -46.25 -6.67 12.24
N ALA A 450 -45.51 -6.72 13.36
CA ALA A 450 -44.12 -7.18 13.33
C ALA A 450 -44.05 -8.66 12.96
N THR A 451 -45.02 -9.47 13.41
CA THR A 451 -45.03 -10.89 13.07
C THR A 451 -45.34 -11.09 11.58
N GLN A 452 -46.29 -10.33 11.03
CA GLN A 452 -46.64 -10.56 9.65
C GLN A 452 -45.48 -10.22 8.72
N MET A 453 -44.65 -9.24 9.08
CA MET A 453 -43.50 -8.92 8.26
C MET A 453 -42.52 -10.08 8.19
N VAL A 454 -42.38 -10.83 9.28
CA VAL A 454 -41.46 -11.96 9.27
C VAL A 454 -41.95 -13.02 8.29
N ASN A 455 -43.26 -13.26 8.26
CA ASN A 455 -43.83 -14.32 7.45
C ASN A 455 -44.13 -13.88 6.02
N GLU A 456 -44.54 -12.62 5.83
CA GLU A 456 -44.72 -12.13 4.47
C GLU A 456 -43.40 -12.10 3.72
N TYR A 457 -42.31 -11.78 4.43
CA TYR A 457 -41.00 -11.75 3.78
C TYR A 457 -40.52 -13.16 3.43
N ARG A 458 -40.77 -14.13 4.32
CA ARG A 458 -40.36 -15.50 4.03
C ARG A 458 -41.11 -16.05 2.84
N ASP A 459 -42.39 -15.70 2.70
CA ASP A 459 -43.18 -16.08 1.53
C ASP A 459 -42.70 -15.39 0.27
N ALA A 460 -42.25 -14.14 0.39
CA ALA A 460 -41.73 -13.44 -0.78
C ALA A 460 -40.46 -14.10 -1.28
N LEU A 461 -39.61 -14.59 -0.36
CA LEU A 461 -38.42 -15.31 -0.78
C LEU A 461 -38.75 -16.66 -1.42
N ASP A 462 -39.81 -17.33 -0.96
CA ASP A 462 -40.21 -18.60 -1.58
C ASP A 462 -40.66 -18.39 -3.03
N HIS A 463 -41.33 -17.27 -3.33
CA HIS A 463 -41.67 -17.03 -4.72
C HIS A 463 -40.46 -16.69 -5.56
N GLY A 464 -39.43 -16.09 -4.96
CA GLY A 464 -38.18 -15.87 -5.67
C GLY A 464 -38.13 -14.63 -6.53
N GLU A 465 -39.16 -13.79 -6.52
CA GLU A 465 -39.15 -12.53 -7.26
C GLU A 465 -38.50 -11.43 -6.43
N VAL A 466 -38.24 -10.28 -7.08
CA VAL A 466 -37.60 -9.17 -6.40
C VAL A 466 -38.40 -8.76 -5.17
N VAL A 467 -37.72 -8.52 -4.05
CA VAL A 467 -38.37 -8.19 -2.79
C VAL A 467 -38.17 -6.73 -2.38
N VAL A 468 -37.49 -5.93 -3.19
CA VAL A 468 -37.31 -4.51 -2.92
C VAL A 468 -38.46 -3.75 -3.56
N LYS A 469 -39.25 -3.05 -2.77
CA LYS A 469 -40.41 -2.35 -3.27
C LYS A 469 -40.09 -1.27 -4.23
N GLU A 470 -39.03 -0.61 -3.91
CA GLU A 470 -38.50 0.55 -4.61
C GLU A 470 -37.67 0.27 -5.87
N TRP A 471 -37.50 -0.97 -6.23
CA TRP A 471 -36.74 -1.32 -7.42
C TRP A 471 -37.47 -0.95 -8.69
N ARG A 472 -36.72 -0.42 -9.66
CA ARG A 472 -37.24 -0.10 -10.98
C ARG A 472 -36.34 -0.66 -12.07
N PRO A 473 -36.90 -1.09 -13.19
CA PRO A 473 -36.07 -1.39 -14.36
C PRO A 473 -35.38 -0.13 -14.83
N MET A 474 -34.14 -0.26 -15.29
CA MET A 474 -33.36 0.91 -15.67
C MET A 474 -33.91 1.55 -16.94
N ALA A 475 -33.92 2.88 -16.96
CA ALA A 475 -34.26 3.63 -18.16
C ALA A 475 -33.01 3.89 -19.00
N LEU A 476 -33.20 3.93 -20.31
CA LEU A 476 -32.10 4.16 -21.25
C LEU A 476 -31.51 5.56 -21.15
N TRP A 481 -26.39 -2.04 -23.88
CA TRP A 481 -25.76 -0.77 -24.19
C TRP A 481 -24.58 -0.93 -25.16
N SER A 482 -24.62 -0.16 -26.22
CA SER A 482 -23.73 -0.21 -27.36
C SER A 482 -22.88 1.06 -27.40
N PRO A 483 -21.83 1.11 -28.26
CA PRO A 483 -21.17 0.07 -29.06
C PRO A 483 -20.33 -0.90 -28.25
N TYR A 484 -20.28 -2.17 -28.68
CA TYR A 484 -19.39 -3.13 -28.05
C TYR A 484 -17.95 -2.79 -28.35
N LEU A 485 -17.09 -2.85 -27.35
CA LEU A 485 -15.70 -2.47 -27.49
C LEU A 485 -14.77 -3.64 -27.18
N GLY A 486 -15.21 -4.85 -27.47
CA GLY A 486 -14.44 -6.07 -27.26
C GLY A 486 -13.87 -6.66 -28.52
N HIS A 487 -13.82 -5.86 -29.58
CA HIS A 487 -13.41 -6.32 -30.89
C HIS A 487 -11.94 -6.76 -30.87
N GLU A 488 -11.60 -7.63 -31.82
CA GLU A 488 -10.27 -8.22 -31.89
C GLU A 488 -9.19 -7.15 -32.15
N TRP A 489 -7.98 -7.42 -31.62
CA TRP A 489 -6.92 -6.41 -31.63
C TRP A 489 -6.53 -6.01 -33.05
N ASP A 490 -6.66 -6.93 -34.01
CA ASP A 490 -6.28 -6.66 -35.40
C ASP A 490 -7.42 -6.05 -36.21
N THR A 491 -8.44 -5.52 -35.55
CA THR A 491 -9.55 -4.85 -36.23
C THR A 491 -9.05 -3.59 -36.93
N PRO A 492 -9.50 -3.34 -38.17
CA PRO A 492 -9.07 -2.13 -38.88
C PRO A 492 -9.55 -0.86 -38.19
N TRP A 493 -8.77 0.20 -38.32
CA TRP A 493 -9.13 1.49 -37.72
C TRP A 493 -8.62 2.61 -38.63
N SER A 494 -9.12 3.83 -38.39
CA SER A 494 -8.78 4.99 -39.21
C SER A 494 -7.45 5.58 -38.73
N ASN A 495 -6.37 4.95 -39.17
CA ASN A 495 -5.03 5.40 -38.79
C ASN A 495 -4.67 6.75 -39.42
N THR A 496 -5.24 7.05 -40.58
CA THR A 496 -4.85 8.23 -41.33
C THR A 496 -5.42 9.50 -40.71
N TYR A 497 -4.74 10.62 -41.00
CA TYR A 497 -5.20 11.93 -40.58
C TYR A 497 -4.76 12.95 -41.61
N ASP A 498 -5.55 14.03 -41.75
CA ASP A 498 -5.27 15.04 -42.76
C ASP A 498 -3.93 15.72 -42.48
N LYS A 499 -3.05 15.72 -43.48
CA LYS A 499 -1.71 16.26 -43.23
C LYS A 499 -1.72 17.76 -42.97
N GLN A 500 -2.63 18.51 -43.60
CA GLN A 500 -2.72 19.93 -43.31
C GLN A 500 -3.33 20.18 -41.94
N ARG A 501 -4.34 19.38 -41.56
CA ARG A 501 -4.90 19.52 -40.23
C ARG A 501 -3.87 19.19 -39.16
N LEU A 502 -3.00 18.22 -39.45
CA LEU A 502 -1.96 17.83 -38.50
C LEU A 502 -0.95 18.95 -38.27
N VAL A 503 -0.64 19.74 -39.32
CA VAL A 503 0.31 20.84 -39.19
C VAL A 503 -0.33 22.04 -38.51
N GLU A 504 -1.58 22.34 -38.83
CA GLU A 504 -2.26 23.42 -38.14
C GLU A 504 -2.42 23.10 -36.65
N LEU A 505 -2.65 21.83 -36.32
CA LEU A 505 -2.68 21.46 -34.92
C LEU A 505 -1.32 21.69 -34.28
N GLY A 506 -0.25 21.40 -35.01
CA GLY A 506 1.08 21.59 -34.45
C GLY A 506 1.39 23.05 -34.22
N LYS A 507 0.93 23.91 -35.12
CA LYS A 507 1.16 25.34 -34.98
C LYS A 507 0.41 25.91 -33.77
N ARG A 508 -0.81 25.42 -33.53
CA ARG A 508 -1.56 25.90 -32.37
C ARG A 508 -0.93 25.45 -31.06
N LEU A 509 -0.31 24.27 -31.05
CA LEU A 509 0.38 23.81 -29.85
C LEU A 509 1.55 24.71 -29.50
N CYS A 510 2.25 25.25 -30.48
CA CYS A 510 3.39 26.12 -30.21
C CYS A 510 2.97 27.52 -29.79
N GLN A 511 1.72 27.90 -30.01
CA GLN A 511 1.26 29.23 -29.67
C GLN A 511 0.95 29.31 -28.18
N TYR A 512 1.39 30.38 -27.55
CA TYR A 512 1.07 30.69 -26.16
C TYR A 512 0.88 32.19 -26.06
N PRO A 513 0.18 32.67 -25.03
CA PRO A 513 -0.03 34.11 -24.96
C PRO A 513 1.30 34.85 -24.88
N GLU A 514 1.36 36.03 -25.48
CA GLU A 514 2.55 36.81 -25.48
C GLU A 514 2.91 37.23 -24.10
N SER A 515 1.92 37.57 -23.29
CA SER A 515 2.16 37.97 -21.91
C SER A 515 2.77 36.90 -21.04
N HIS A 516 2.48 35.65 -21.32
CA HIS A 516 3.04 34.56 -20.58
C HIS A 516 4.49 34.51 -20.91
N THR A 517 5.34 34.28 -19.94
CA THR A 517 6.72 34.19 -20.24
C THR A 517 7.19 32.84 -19.90
N LEU A 518 7.77 32.14 -20.84
CA LEU A 518 8.31 30.80 -20.66
C LEU A 518 9.73 30.83 -20.12
N HIS A 519 10.09 29.79 -19.38
CA HIS A 519 11.49 29.56 -19.07
C HIS A 519 12.27 29.32 -20.37
N SER A 520 13.51 29.80 -20.42
CA SER A 520 14.24 29.79 -21.67
C SER A 520 14.43 28.38 -22.21
N ARG A 521 14.49 27.38 -21.33
CA ARG A 521 14.53 25.99 -21.79
C ARG A 521 13.20 25.53 -22.37
N VAL A 522 12.08 26.07 -21.90
CA VAL A 522 10.80 25.63 -22.43
C VAL A 522 10.51 26.31 -23.78
N SER A 523 10.82 27.61 -23.88
CA SER A 523 10.71 28.31 -25.17
C SER A 523 11.71 27.77 -26.18
N LYS A 524 12.88 27.30 -25.73
CA LYS A 524 13.76 26.61 -26.67
C LYS A 524 13.08 25.36 -27.21
N LEU A 525 12.28 24.69 -26.37
CA LEU A 525 11.63 23.45 -26.76
C LEU A 525 10.46 23.73 -27.70
N TYR A 526 9.68 24.76 -27.40
CA TYR A 526 8.60 25.16 -28.30
C TYR A 526 9.14 25.75 -29.59
N ASN A 527 10.33 26.38 -29.54
CA ASN A 527 10.98 26.80 -30.78
C ASN A 527 11.34 25.59 -31.62
N ASP A 528 11.78 24.50 -31.00
CA ASP A 528 12.05 23.29 -31.75
C ASP A 528 10.78 22.69 -32.31
N ARG A 529 9.68 22.74 -31.54
CA ARG A 529 8.41 22.25 -32.06
C ARG A 529 7.91 23.12 -33.21
N THR A 530 8.22 24.42 -33.20
CA THR A 530 7.84 25.27 -34.33
C THR A 530 8.55 24.86 -35.61
N ALA A 531 9.80 24.40 -35.51
CA ALA A 531 10.52 23.93 -36.69
C ALA A 531 9.95 22.60 -37.19
N MET A 532 9.55 21.71 -36.28
CA MET A 532 8.99 20.44 -36.71
C MET A 532 7.69 20.64 -37.50
N THR A 533 6.90 21.66 -37.13
CA THR A 533 5.68 22.01 -37.86
C THR A 533 5.99 22.60 -39.23
N ASN A 534 7.14 23.26 -39.41
CA ASN A 534 7.49 23.81 -40.70
C ASN A 534 8.12 22.78 -41.63
N GLY A 535 8.38 21.57 -41.16
CA GLY A 535 9.08 20.58 -41.94
C GLY A 535 10.59 20.69 -41.85
N GLU A 536 11.10 21.67 -41.11
CA GLU A 536 12.54 21.88 -40.98
C GLU A 536 13.23 20.77 -40.21
N LYS A 537 12.51 20.03 -39.39
CA LYS A 537 13.16 19.05 -38.52
C LYS A 537 12.17 17.92 -38.24
N GLU A 538 12.67 16.68 -38.26
CA GLU A 538 11.80 15.55 -37.97
C GLU A 538 11.35 15.63 -36.52
N LEU A 539 10.12 15.18 -36.28
CA LEU A 539 9.52 15.27 -34.96
C LEU A 539 10.24 14.35 -33.97
N ASP A 540 10.36 14.81 -32.73
CA ASP A 540 10.86 13.96 -31.65
C ASP A 540 9.68 13.31 -30.92
N TRP A 541 10.00 12.52 -29.89
CA TRP A 541 8.98 11.72 -29.24
C TRP A 541 7.89 12.57 -28.61
N GLY A 542 8.25 13.68 -27.97
CA GLY A 542 7.26 14.48 -27.27
C GLY A 542 6.31 15.20 -28.21
N MET A 543 6.82 15.64 -29.37
CA MET A 543 5.95 16.32 -30.33
C MET A 543 4.93 15.35 -30.92
N ALA A 544 5.37 14.14 -31.28
CA ALA A 544 4.46 13.15 -31.83
C ALA A 544 3.45 12.69 -30.78
N GLU A 545 3.85 12.66 -29.51
CA GLU A 545 2.92 12.32 -28.44
C GLU A 545 1.91 13.44 -28.22
N THR A 546 2.39 14.65 -28.20
CA THR A 546 1.53 15.78 -28.06
C THR A 546 0.60 15.91 -29.24
N LEU A 547 1.08 15.66 -30.43
CA LEU A 547 0.21 15.70 -31.55
C LEU A 547 -0.85 14.65 -31.50
N ALA A 548 -0.55 13.46 -31.05
CA ALA A 548 -1.57 12.43 -30.97
C ALA A 548 -2.69 12.86 -30.02
N TYR A 549 -2.34 13.48 -28.89
CA TYR A 549 -3.37 13.98 -27.99
C TYR A 549 -4.21 15.05 -28.69
N ALA A 550 -3.58 15.85 -29.55
CA ALA A 550 -4.28 16.95 -30.19
C ALA A 550 -5.36 16.45 -31.16
N THR A 551 -5.04 15.42 -31.94
CA THR A 551 -6.02 14.88 -32.88
C THR A 551 -7.20 14.24 -32.15
N LEU A 552 -6.98 13.78 -30.92
CA LEU A 552 -8.06 13.13 -30.19
C LEU A 552 -9.05 14.14 -29.65
N VAL A 553 -8.56 15.20 -28.99
CA VAL A 553 -9.46 16.27 -28.58
C VAL A 553 -9.98 17.05 -29.78
N ASP A 554 -9.25 17.05 -30.90
CA ASP A 554 -9.76 17.68 -32.12
C ASP A 554 -11.02 16.99 -32.60
N ASP A 555 -11.14 15.68 -32.36
CA ASP A 555 -12.34 14.91 -32.67
C ASP A 555 -13.32 14.86 -31.50
N GLY A 556 -13.08 15.64 -30.45
CA GLY A 556 -14.03 15.71 -29.35
C GLY A 556 -13.94 14.60 -28.34
N LYS A 557 -12.90 13.77 -28.39
CA LYS A 557 -12.74 12.73 -27.38
C LYS A 557 -11.95 13.27 -26.18
N ARG A 558 -12.28 12.73 -25.00
CA ARG A 558 -11.64 13.15 -23.76
C ARG A 558 -10.24 12.57 -23.65
N ILE A 559 -9.37 13.33 -22.97
CA ILE A 559 -8.05 12.85 -22.57
C ILE A 559 -7.86 13.19 -21.11
N ARG A 560 -7.64 12.17 -20.29
CA ARG A 560 -7.31 12.34 -18.89
C ARG A 560 -5.97 11.65 -18.69
N ILE A 561 -4.95 12.46 -18.40
CA ILE A 561 -3.61 11.96 -18.09
C ILE A 561 -3.35 12.18 -16.60
N SER A 562 -2.65 11.23 -15.98
CA SER A 562 -2.40 11.27 -14.56
C SER A 562 -1.08 10.57 -14.25
N GLY A 563 -0.34 11.14 -13.34
CA GLY A 563 0.92 10.59 -12.94
C GLY A 563 1.73 11.56 -12.16
N GLN A 564 2.86 11.13 -11.68
CA GLN A 564 3.70 11.98 -10.90
C GLN A 564 4.45 12.77 -11.89
N ASP A 565 4.37 14.08 -11.76
CA ASP A 565 5.03 15.05 -12.59
C ASP A 565 4.69 14.87 -14.03
N SER A 566 3.44 14.59 -14.29
CA SER A 566 3.00 14.30 -15.65
C SER A 566 2.81 15.55 -16.48
N GLY A 567 2.64 16.72 -15.85
CA GLY A 567 2.44 17.92 -16.64
C GLY A 567 3.67 18.30 -17.45
N ARG A 568 4.80 18.43 -16.78
CA ARG A 568 6.06 18.72 -17.47
C ARG A 568 6.67 17.45 -18.07
N GLY A 569 6.56 16.33 -17.36
CA GLY A 569 7.24 15.09 -17.71
C GLY A 569 8.50 14.92 -16.88
N THR A 570 8.74 13.70 -16.39
CA THR A 570 9.90 13.45 -15.54
C THR A 570 11.20 13.74 -16.27
N PHE A 571 11.24 13.47 -17.58
CA PHE A 571 12.45 13.60 -18.36
C PHE A 571 12.41 14.85 -19.22
N PHE A 572 11.57 15.83 -18.83
CA PHE A 572 11.56 17.16 -19.41
C PHE A 572 11.14 17.14 -20.88
N HIS A 573 10.22 16.23 -21.21
CA HIS A 573 9.85 16.00 -22.60
C HIS A 573 8.44 16.41 -22.97
N ARG A 574 7.49 16.41 -22.04
CA ARG A 574 6.09 16.68 -22.39
C ARG A 574 5.81 18.19 -22.41
N HIS A 575 5.88 18.82 -21.24
CA HIS A 575 5.56 20.25 -21.09
C HIS A 575 4.14 20.57 -21.56
N ALA A 576 3.20 19.73 -21.14
CA ALA A 576 1.80 19.99 -21.43
C ALA A 576 1.31 21.25 -20.72
N VAL A 577 1.87 21.59 -19.57
CA VAL A 577 1.52 22.81 -18.85
C VAL A 577 2.69 23.79 -18.90
N LEU A 578 2.41 25.04 -19.24
CA LEU A 578 3.40 26.10 -19.34
C LEU A 578 3.19 27.07 -18.18
N HIS A 579 4.20 27.22 -17.33
CA HIS A 579 4.11 28.11 -16.17
C HIS A 579 4.73 29.46 -16.50
N ASN A 580 3.98 30.53 -16.23
CA ASN A 580 4.48 31.89 -16.41
C ASN A 580 5.66 32.15 -15.49
N GLN A 581 6.68 32.82 -16.03
CA GLN A 581 7.84 33.12 -15.20
C GLN A 581 7.67 34.40 -14.38
N ASN A 582 6.62 35.18 -14.61
CA ASN A 582 6.36 36.41 -13.89
C ASN A 582 5.42 36.18 -12.70
N ASP A 583 4.27 35.57 -12.95
CA ASP A 583 3.38 35.07 -11.91
C ASP A 583 3.32 33.55 -12.04
N ALA A 584 2.53 32.91 -11.19
CA ALA A 584 2.51 31.45 -11.23
C ALA A 584 1.55 30.89 -12.27
N SER A 585 0.91 31.75 -13.07
CA SER A 585 -0.20 31.31 -13.90
C SER A 585 0.23 30.25 -14.90
N THR A 586 -0.66 29.30 -15.14
CA THR A 586 -0.43 28.23 -16.11
C THR A 586 -1.20 28.49 -17.39
N TYR A 587 -0.76 27.84 -18.47
CA TYR A 587 -1.48 27.82 -19.72
C TYR A 587 -1.28 26.45 -20.34
N VAL A 588 -2.36 25.86 -20.84
CA VAL A 588 -2.34 24.49 -21.34
C VAL A 588 -2.71 24.51 -22.82
N PRO A 589 -1.73 24.44 -23.72
CA PRO A 589 -2.04 24.52 -25.16
C PRO A 589 -2.98 23.44 -25.65
N LEU A 590 -2.93 22.22 -25.10
CA LEU A 590 -3.84 21.16 -25.52
C LEU A 590 -5.29 21.42 -25.09
N ALA A 591 -5.49 22.24 -24.06
CA ALA A 591 -6.83 22.66 -23.64
C ALA A 591 -7.36 23.82 -24.47
N ASN A 592 -6.56 24.37 -25.39
CA ASN A 592 -6.97 25.52 -26.18
C ASN A 592 -6.85 25.27 -27.68
N ILE A 593 -6.98 24.02 -28.12
CA ILE A 593 -6.82 23.73 -29.55
C ILE A 593 -7.89 24.45 -30.34
N HIS A 594 -9.15 24.22 -29.98
CA HIS A 594 -10.26 24.92 -30.58
C HIS A 594 -11.47 24.69 -29.70
N ASP A 595 -12.42 25.61 -29.78
CA ASP A 595 -13.70 25.41 -29.13
C ASP A 595 -14.39 24.20 -29.76
N LYS A 596 -15.19 23.50 -28.94
CA LYS A 596 -15.87 22.24 -29.28
C LYS A 596 -14.93 21.05 -29.25
N GLN A 597 -13.69 21.22 -28.78
CA GLN A 597 -12.78 20.10 -28.58
C GLN A 597 -13.24 19.27 -27.38
N GLY A 598 -12.81 18.01 -27.35
CA GLY A 598 -12.98 17.20 -26.18
C GLY A 598 -12.14 17.75 -25.04
N PRO A 599 -12.59 17.57 -23.80
CA PRO A 599 -11.83 18.10 -22.66
C PRO A 599 -10.45 17.46 -22.57
N PHE A 600 -9.47 18.27 -22.18
CA PHE A 600 -8.11 17.79 -21.94
C PHE A 600 -7.73 18.14 -20.51
N GLU A 601 -7.22 17.14 -19.79
CA GLU A 601 -6.75 17.29 -18.43
C GLU A 601 -5.47 16.50 -18.24
N VAL A 602 -4.50 17.09 -17.55
CA VAL A 602 -3.29 16.39 -17.14
C VAL A 602 -2.96 16.80 -15.72
N PHE A 603 -2.98 15.85 -14.79
CA PHE A 603 -2.81 16.15 -13.37
C PHE A 603 -1.48 15.63 -12.85
N ASP A 604 -0.84 16.39 -12.01
CA ASP A 604 0.37 15.91 -11.37
C ASP A 604 -0.22 15.24 -10.17
N SER A 605 -0.08 13.94 -10.11
CA SER A 605 -0.65 13.16 -9.07
C SER A 605 0.07 13.21 -7.78
N VAL A 606 -0.59 12.65 -6.77
CA VAL A 606 -0.11 12.51 -5.42
C VAL A 606 0.91 11.43 -5.36
N LEU A 607 1.68 11.32 -4.31
CA LEU A 607 2.69 10.26 -4.28
C LEU A 607 2.17 8.90 -3.96
N SER A 608 1.40 8.33 -4.84
CA SER A 608 0.83 7.04 -4.74
C SER A 608 0.79 6.46 -6.06
N GLU A 609 0.94 5.19 -6.08
CA GLU A 609 0.70 4.43 -7.29
C GLU A 609 -0.44 3.44 -7.15
N GLU A 610 -0.67 2.89 -5.96
CA GLU A 610 -1.73 1.91 -5.75
C GLU A 610 -3.10 2.56 -5.89
N ALA A 611 -3.42 3.52 -5.03
CA ALA A 611 -4.71 4.20 -5.11
C ALA A 611 -4.88 4.98 -6.41
N VAL A 612 -3.81 5.52 -6.98
CA VAL A 612 -3.95 6.30 -8.18
C VAL A 612 -4.27 5.41 -9.38
N LEU A 613 -3.55 4.30 -9.53
CA LEU A 613 -3.82 3.40 -10.64
C LEU A 613 -5.17 2.71 -10.48
N ALA A 614 -5.60 2.46 -9.25
CA ALA A 614 -6.96 1.97 -9.04
C ALA A 614 -8.00 3.04 -9.37
N PHE A 615 -7.69 4.31 -9.10
CA PHE A 615 -8.61 5.39 -9.46
C PHE A 615 -8.75 5.48 -10.96
N GLU A 616 -7.62 5.45 -11.68
CA GLU A 616 -7.67 5.52 -13.13
C GLU A 616 -8.23 4.26 -13.76
N TYR A 617 -8.16 3.11 -13.08
CA TYR A 617 -8.86 1.94 -13.60
C TYR A 617 -10.37 2.14 -13.56
N GLY A 618 -10.88 2.73 -12.47
CA GLY A 618 -12.30 2.94 -12.38
C GLY A 618 -12.76 4.06 -13.28
N TYR A 619 -11.88 5.00 -13.59
CA TYR A 619 -12.21 6.04 -14.54
C TYR A 619 -12.34 5.48 -15.95
N ALA A 620 -11.39 4.63 -16.35
CA ALA A 620 -11.38 4.14 -17.73
C ALA A 620 -12.53 3.19 -18.00
N THR A 621 -12.86 2.35 -17.03
CA THR A 621 -13.95 1.38 -17.21
C THR A 621 -15.31 2.08 -17.26
N ALA A 622 -15.49 3.12 -16.45
CA ALA A 622 -16.76 3.82 -16.43
C ALA A 622 -16.97 4.70 -17.65
N GLU A 623 -15.87 5.21 -18.24
CA GLU A 623 -15.92 6.09 -19.40
C GLU A 623 -14.92 5.62 -20.45
N PRO A 624 -15.21 4.52 -21.15
CA PRO A 624 -14.30 3.99 -22.18
C PRO A 624 -14.01 4.90 -23.38
N SER A 625 -14.91 5.81 -23.74
CA SER A 625 -14.80 6.41 -25.05
C SER A 625 -13.51 7.20 -25.23
N GLY A 626 -13.01 7.84 -24.17
CA GLY A 626 -11.81 8.65 -24.25
C GLY A 626 -10.54 7.86 -23.99
N LEU A 627 -9.43 8.59 -23.92
CA LEU A 627 -8.14 8.03 -23.52
C LEU A 627 -7.91 8.33 -22.06
N THR A 628 -7.66 7.28 -21.27
CA THR A 628 -7.27 7.42 -19.87
C THR A 628 -5.87 6.83 -19.72
N LEU A 629 -4.93 7.65 -19.27
CA LEU A 629 -3.53 7.29 -19.27
C LEU A 629 -2.92 7.57 -17.90
N TRP A 630 -2.29 6.55 -17.30
CA TRP A 630 -1.51 6.70 -16.08
C TRP A 630 -0.03 6.57 -16.40
N GLU A 631 0.78 7.43 -15.79
CA GLU A 631 2.21 7.47 -16.08
C GLU A 631 2.98 7.19 -14.81
N ALA A 632 3.69 6.07 -14.76
CA ALA A 632 4.67 5.86 -13.71
C ALA A 632 5.86 6.79 -13.94
N GLN A 633 6.43 7.32 -12.85
CA GLN A 633 7.63 8.12 -13.02
C GLN A 633 8.80 7.26 -13.50
N PHE A 634 8.85 6.01 -13.06
CA PHE A 634 9.65 4.96 -13.65
C PHE A 634 8.83 3.68 -13.58
N GLY A 635 8.97 2.82 -14.59
CA GLY A 635 8.16 1.61 -14.59
C GLY A 635 8.46 0.71 -13.41
N ASP A 636 9.63 0.87 -12.79
CA ASP A 636 10.01 0.08 -11.64
C ASP A 636 9.08 0.31 -10.46
N PHE A 637 8.45 1.47 -10.37
CA PHE A 637 7.58 1.79 -9.25
C PHE A 637 6.16 1.29 -9.44
N ALA A 638 5.84 0.73 -10.60
CA ALA A 638 4.48 0.28 -10.85
C ALA A 638 4.06 -0.86 -9.92
N ASN A 639 5.04 -1.58 -9.35
CA ASN A 639 4.75 -2.78 -8.55
C ASN A 639 4.18 -2.45 -7.18
N GLY A 640 4.12 -1.18 -6.80
CA GLY A 640 3.36 -0.81 -5.61
C GLY A 640 1.88 -0.78 -5.83
N ALA A 641 1.45 -0.92 -7.08
CA ALA A 641 0.06 -1.12 -7.46
C ALA A 641 -0.16 -2.52 -8.04
N GLN A 642 0.67 -3.48 -7.62
CA GLN A 642 0.62 -4.82 -8.19
C GLN A 642 -0.73 -5.48 -7.96
N VAL A 643 -1.43 -5.14 -6.89
CA VAL A 643 -2.77 -5.71 -6.71
C VAL A 643 -3.70 -5.23 -7.81
N VAL A 644 -3.63 -3.95 -8.17
CA VAL A 644 -4.51 -3.45 -9.23
C VAL A 644 -4.17 -4.10 -10.56
N ILE A 645 -2.87 -4.34 -10.82
CA ILE A 645 -2.48 -5.01 -12.05
C ILE A 645 -2.96 -6.46 -12.07
N ASP A 646 -2.91 -7.14 -10.91
CA ASP A 646 -3.21 -8.56 -10.88
C ASP A 646 -4.70 -8.81 -10.82
N GLN A 647 -5.38 -8.21 -9.84
CA GLN A 647 -6.78 -8.48 -9.58
C GLN A 647 -7.75 -7.65 -10.42
N PHE A 648 -7.29 -6.60 -11.11
CA PHE A 648 -8.18 -5.74 -11.88
C PHE A 648 -7.81 -5.71 -13.36
N ILE A 649 -6.66 -5.14 -13.70
CA ILE A 649 -6.36 -4.80 -15.09
C ILE A 649 -6.27 -6.05 -15.96
N SER A 650 -5.48 -7.03 -15.52
CA SER A 650 -5.23 -8.21 -16.33
C SER A 650 -6.33 -9.25 -16.24
N SER A 651 -7.26 -9.10 -15.30
CA SER A 651 -8.19 -10.18 -15.03
C SER A 651 -9.65 -9.79 -14.93
N GLY A 652 -9.98 -8.50 -15.04
CA GLY A 652 -11.34 -8.06 -14.79
C GLY A 652 -12.33 -8.40 -15.89
N GLU A 653 -11.84 -8.69 -17.10
CA GLU A 653 -12.77 -9.04 -18.17
C GLU A 653 -13.25 -10.47 -18.03
N GLN A 654 -12.33 -11.41 -17.81
CA GLN A 654 -12.75 -12.81 -17.63
C GLN A 654 -13.55 -12.99 -16.35
N LYS A 655 -13.25 -12.19 -15.32
CA LYS A 655 -13.90 -12.38 -14.03
C LYS A 655 -15.27 -11.72 -13.98
N TRP A 656 -15.40 -10.51 -14.52
CA TRP A 656 -16.59 -9.69 -14.33
C TRP A 656 -17.15 -9.12 -15.62
N ALA A 657 -16.59 -9.48 -16.78
CA ALA A 657 -16.96 -8.90 -18.07
C ALA A 657 -16.75 -7.38 -18.12
N ARG A 658 -15.64 -6.89 -17.56
CA ARG A 658 -15.31 -5.47 -17.63
C ARG A 658 -14.25 -5.19 -18.69
N LEU A 659 -14.53 -4.23 -19.58
CA LEU A 659 -13.56 -3.74 -20.55
C LEU A 659 -12.92 -2.47 -20.03
N CYS A 660 -11.59 -2.46 -20.01
CA CYS A 660 -10.84 -1.30 -19.55
C CYS A 660 -9.81 -0.89 -20.60
N GLY A 661 -9.91 0.34 -21.09
CA GLY A 661 -9.00 0.88 -22.07
C GLY A 661 -7.81 1.62 -21.50
N LEU A 662 -7.58 1.51 -20.19
CA LEU A 662 -6.55 2.29 -19.52
C LEU A 662 -5.18 2.03 -20.17
N THR A 663 -4.42 3.11 -20.36
CA THR A 663 -3.08 3.05 -20.90
C THR A 663 -2.09 3.34 -19.79
N MET A 664 -1.09 2.48 -19.65
CA MET A 664 -0.07 2.65 -18.63
C MET A 664 1.25 2.95 -19.32
N LEU A 665 1.76 4.17 -19.10
CA LEU A 665 3.10 4.55 -19.55
C LEU A 665 4.10 4.18 -18.47
N LEU A 666 4.96 3.21 -18.76
CA LEU A 666 5.96 2.73 -17.82
C LEU A 666 7.33 2.98 -18.42
N PRO A 667 8.06 4.02 -17.96
CA PRO A 667 9.40 4.25 -18.52
C PRO A 667 10.31 3.05 -18.31
N HIS A 668 11.09 2.73 -19.33
CA HIS A 668 11.78 1.46 -19.34
C HIS A 668 13.03 1.58 -20.20
N GLY A 669 14.12 0.95 -19.76
CA GLY A 669 15.34 1.00 -20.53
C GLY A 669 16.60 0.98 -19.68
N TYR A 670 17.60 0.24 -20.17
CA TYR A 670 18.83 0.02 -19.42
C TYR A 670 19.86 1.07 -19.82
N GLU A 671 20.14 2.00 -18.90
CA GLU A 671 21.00 3.14 -19.16
C GLU A 671 22.03 3.36 -18.06
N GLY A 672 22.24 2.37 -17.20
CA GLY A 672 23.22 2.52 -16.13
C GLY A 672 22.74 3.24 -14.89
N GLN A 673 21.46 3.51 -14.76
CA GLN A 673 20.96 4.24 -13.61
C GLN A 673 20.59 3.36 -12.42
N GLY A 674 20.76 2.04 -12.52
CA GLY A 674 20.63 1.20 -11.34
C GLY A 674 19.38 0.37 -11.24
N PRO A 675 19.29 -0.46 -10.19
CA PRO A 675 18.21 -1.47 -10.12
C PRO A 675 16.77 -0.92 -10.15
N GLU A 676 16.51 0.27 -9.62
CA GLU A 676 15.16 0.82 -9.59
C GLU A 676 14.87 1.83 -10.71
N HIS A 677 15.78 1.99 -11.66
CA HIS A 677 15.55 2.94 -12.75
C HIS A 677 15.93 2.32 -14.09
N SER A 678 15.61 1.05 -14.27
CA SER A 678 15.97 0.33 -15.47
C SER A 678 14.84 -0.56 -15.99
N SER A 679 14.08 -1.18 -15.10
CA SER A 679 13.15 -2.25 -15.49
C SER A 679 11.72 -1.92 -15.07
N ALA A 680 10.81 -1.91 -16.05
CA ALA A 680 9.38 -1.87 -15.74
C ALA A 680 8.82 -3.24 -15.44
N ARG A 681 9.70 -4.25 -15.35
CA ARG A 681 9.31 -5.64 -15.16
C ARG A 681 8.41 -6.11 -16.30
N LEU A 682 8.96 -5.96 -17.51
CA LEU A 682 8.26 -6.40 -18.70
C LEU A 682 7.93 -7.88 -18.63
N GLU A 683 8.80 -8.67 -17.99
CA GLU A 683 8.59 -10.11 -17.87
C GLU A 683 7.34 -10.43 -17.08
N ARG A 684 6.99 -9.57 -16.14
CA ARG A 684 5.83 -9.82 -15.32
C ARG A 684 4.53 -9.55 -16.09
N TYR A 685 4.48 -8.47 -16.85
CA TYR A 685 3.29 -8.20 -17.67
C TYR A 685 3.10 -9.26 -18.74
N LEU A 686 4.19 -9.74 -19.33
CA LEU A 686 4.07 -10.81 -20.33
C LEU A 686 3.59 -12.11 -19.70
N GLN A 687 4.01 -12.38 -18.46
CA GLN A 687 3.56 -13.58 -17.78
C GLN A 687 2.05 -13.52 -17.51
N LEU A 688 1.51 -12.32 -17.28
CA LEU A 688 0.09 -12.16 -17.02
C LEU A 688 -0.74 -12.19 -18.29
N CYS A 689 -0.10 -12.17 -19.45
CA CYS A 689 -0.83 -12.15 -20.71
C CYS A 689 -1.37 -13.54 -21.03
N ALA A 690 -2.69 -13.61 -21.26
CA ALA A 690 -3.38 -14.81 -21.71
C ALA A 690 -4.79 -14.41 -22.12
N GLU A 691 -5.36 -15.19 -23.03
CA GLU A 691 -6.76 -15.03 -23.45
C GLU A 691 -7.05 -13.61 -23.92
N GLN A 692 -6.07 -13.01 -24.60
CA GLN A 692 -6.21 -11.67 -25.17
C GLN A 692 -6.53 -10.61 -24.12
N ASN A 693 -6.09 -10.80 -22.89
CA ASN A 693 -6.51 -9.88 -21.83
C ASN A 693 -5.86 -8.50 -21.95
N MET A 694 -4.65 -8.40 -22.51
CA MET A 694 -3.88 -7.17 -22.41
C MET A 694 -3.07 -6.94 -23.68
N GLN A 695 -2.56 -5.71 -23.81
CA GLN A 695 -1.59 -5.36 -24.83
C GLN A 695 -0.29 -4.93 -24.17
N VAL A 696 0.83 -5.46 -24.64
CA VAL A 696 2.15 -5.09 -24.14
C VAL A 696 2.96 -4.60 -25.32
N VAL A 697 3.21 -3.28 -25.36
CA VAL A 697 3.81 -2.62 -26.51
C VAL A 697 5.10 -1.93 -26.12
N VAL A 698 6.07 -1.97 -27.02
CA VAL A 698 7.35 -1.29 -26.83
C VAL A 698 7.62 -0.42 -28.05
N PRO A 699 7.00 0.76 -28.15
CA PRO A 699 7.28 1.62 -29.32
C PRO A 699 8.73 2.05 -29.36
N SER A 700 9.28 2.17 -30.57
CA SER A 700 10.64 2.63 -30.75
C SER A 700 10.76 3.87 -31.62
N THR A 701 9.65 4.42 -32.11
CA THR A 701 9.65 5.61 -32.95
C THR A 701 8.64 6.61 -32.41
N PRO A 702 8.88 7.90 -32.63
CA PRO A 702 7.82 8.88 -32.32
C PRO A 702 6.54 8.63 -33.10
N ALA A 703 6.64 8.16 -34.36
CA ALA A 703 5.44 7.81 -35.11
C ALA A 703 4.73 6.60 -34.51
N GLN A 704 5.48 5.66 -33.95
CA GLN A 704 4.88 4.46 -33.37
C GLN A 704 4.10 4.80 -32.12
N VAL A 705 4.64 5.64 -31.24
CA VAL A 705 3.87 6.00 -30.06
C VAL A 705 2.67 6.85 -30.43
N TYR A 706 2.77 7.61 -31.52
CA TYR A 706 1.62 8.38 -32.00
C TYR A 706 0.49 7.45 -32.45
N HIS A 707 0.80 6.49 -33.34
CA HIS A 707 -0.22 5.57 -33.80
C HIS A 707 -0.71 4.65 -32.68
N MET A 708 0.16 4.34 -31.72
CA MET A 708 -0.22 3.48 -30.61
C MET A 708 -1.29 4.14 -29.75
N ILE A 709 -1.13 5.44 -29.49
CA ILE A 709 -2.08 6.15 -28.65
C ILE A 709 -3.41 6.31 -29.36
N ARG A 710 -3.38 6.69 -30.65
CA ARG A 710 -4.64 6.90 -31.37
C ARG A 710 -5.40 5.59 -31.54
N ARG A 711 -4.69 4.49 -31.84
CA ARG A 711 -5.38 3.21 -31.98
C ARG A 711 -6.10 2.83 -30.70
N GLN A 712 -5.58 3.25 -29.58
CA GLN A 712 -6.19 2.95 -28.37
C GLN A 712 -7.53 3.58 -28.21
N VAL A 713 -7.75 4.73 -28.81
CA VAL A 713 -9.02 5.36 -28.75
C VAL A 713 -9.85 5.08 -29.96
N VAL A 714 -9.25 5.23 -31.11
CA VAL A 714 -9.83 5.09 -32.43
C VAL A 714 -10.30 3.71 -32.85
N ARG A 715 -9.57 2.70 -32.45
CA ARG A 715 -9.96 1.32 -32.68
C ARG A 715 -11.03 0.92 -31.66
N PRO A 716 -12.09 0.18 -32.09
CA PRO A 716 -13.20 -0.19 -31.21
C PRO A 716 -12.89 -1.35 -30.28
N MET A 717 -11.73 -1.26 -29.61
CA MET A 717 -11.34 -2.20 -28.57
C MET A 717 -10.95 -1.40 -27.34
N ARG A 718 -11.36 -1.89 -26.18
CA ARG A 718 -11.05 -1.24 -24.91
C ARG A 718 -10.49 -2.33 -24.00
N ARG A 719 -9.23 -2.65 -24.21
CA ARG A 719 -8.46 -3.56 -23.39
C ARG A 719 -7.17 -2.86 -23.02
N PRO A 720 -6.58 -3.18 -21.86
CA PRO A 720 -5.50 -2.35 -21.32
C PRO A 720 -4.26 -2.32 -22.21
N LEU A 721 -3.61 -1.16 -22.22
CA LEU A 721 -2.42 -0.90 -23.02
C LEU A 721 -1.23 -0.65 -22.09
N ILE A 722 -0.37 -1.65 -21.93
CA ILE A 722 0.85 -1.53 -21.13
C ILE A 722 1.99 -1.08 -22.04
N VAL A 723 2.54 0.10 -21.77
CA VAL A 723 3.53 0.73 -22.63
C VAL A 723 4.89 0.83 -21.94
N MET A 724 5.92 0.31 -22.60
CA MET A 724 7.31 0.49 -22.16
C MET A 724 7.81 1.83 -22.68
N SER A 725 7.65 2.89 -21.88
CA SER A 725 7.99 4.24 -22.31
C SER A 725 9.50 4.42 -22.41
N PRO A 726 9.98 5.10 -23.45
CA PRO A 726 11.42 5.38 -23.59
C PRO A 726 11.91 6.40 -22.57
N LYS A 727 13.21 6.35 -22.30
CA LYS A 727 13.85 7.41 -21.53
C LYS A 727 14.95 8.08 -22.35
N SER A 728 16.04 7.40 -22.69
CA SER A 728 17.07 8.03 -23.49
C SER A 728 16.62 8.25 -24.93
N LEU A 729 15.59 7.54 -25.38
CA LEU A 729 15.09 7.69 -26.75
C LEU A 729 14.33 8.99 -26.96
N LEU A 730 13.95 9.69 -25.88
CA LEU A 730 13.28 10.97 -26.07
C LEU A 730 14.17 11.97 -26.77
N ARG A 731 15.49 11.84 -26.61
CA ARG A 731 16.46 12.74 -27.24
C ARG A 731 17.45 12.03 -28.16
N HIS A 732 17.24 10.75 -28.48
CA HIS A 732 18.15 10.06 -29.38
C HIS A 732 18.04 10.65 -30.78
N PRO A 733 19.14 11.06 -31.40
CA PRO A 733 19.06 11.70 -32.73
C PRO A 733 18.44 10.82 -33.81
N LEU A 734 18.60 9.50 -33.74
CA LEU A 734 18.01 8.61 -34.73
C LEU A 734 16.55 8.25 -34.45
N CYS A 735 16.03 8.62 -33.28
CA CYS A 735 14.66 8.29 -32.90
C CYS A 735 13.73 9.44 -33.28
N THR A 736 13.50 9.57 -34.59
CA THR A 736 12.72 10.67 -35.13
C THR A 736 11.77 10.17 -36.21
N SER A 737 10.74 10.97 -36.48
CA SER A 737 9.73 10.63 -37.49
C SER A 737 9.25 11.90 -38.19
N SER A 738 8.98 11.77 -39.48
CA SER A 738 8.43 12.83 -40.30
C SER A 738 6.93 13.00 -40.06
N LEU A 739 6.42 14.20 -40.40
CA LEU A 739 4.98 14.41 -40.39
C LEU A 739 4.27 13.45 -41.32
N ASP A 740 4.96 13.03 -42.39
CA ASP A 740 4.41 12.06 -43.31
C ASP A 740 4.16 10.71 -42.63
N ASP A 741 5.02 10.32 -41.70
CA ASP A 741 4.83 9.05 -41.00
C ASP A 741 3.59 9.05 -40.13
N LEU A 742 3.21 10.21 -39.56
CA LEU A 742 2.03 10.22 -38.71
C LEU A 742 0.75 10.27 -39.54
N ALA A 743 0.68 11.17 -40.50
CA ALA A 743 -0.56 11.36 -41.26
C ALA A 743 -0.87 10.17 -42.15
N ASN A 744 0.14 9.47 -42.66
CA ASN A 744 -0.10 8.43 -43.64
C ASN A 744 0.43 7.07 -43.20
N GLY A 745 0.98 6.95 -42.00
CA GLY A 745 1.42 5.67 -41.47
C GLY A 745 0.32 4.96 -40.70
N THR A 746 0.74 3.92 -39.97
CA THR A 746 -0.14 3.14 -39.11
C THR A 746 0.72 2.51 -38.02
N PHE A 747 0.08 2.05 -36.95
CA PHE A 747 0.85 1.31 -35.96
C PHE A 747 1.34 0.01 -36.58
N MET A 748 2.62 -0.29 -36.38
CA MET A 748 3.22 -1.49 -36.93
C MET A 748 3.49 -2.45 -35.79
N PRO A 749 2.77 -3.55 -35.69
CA PRO A 749 3.07 -4.53 -34.64
C PRO A 749 4.48 -5.08 -34.74
N ALA A 750 5.03 -5.16 -35.97
CA ALA A 750 6.42 -5.51 -36.23
C ALA A 750 6.96 -4.55 -37.29
N ILE A 751 8.22 -4.16 -37.17
CA ILE A 751 8.85 -3.23 -38.09
C ILE A 751 9.98 -3.97 -38.82
N PRO A 752 9.93 -4.05 -40.16
CA PRO A 752 10.98 -4.77 -40.90
C PRO A 752 12.32 -4.04 -40.88
N GLU A 753 13.31 -4.61 -41.58
CA GLU A 753 14.60 -3.96 -41.72
C GLU A 753 14.46 -2.65 -42.49
N ILE A 754 15.13 -1.60 -42.00
CA ILE A 754 14.97 -0.25 -42.55
C ILE A 754 16.10 0.16 -43.50
N ASP A 755 17.32 -0.32 -43.26
CA ASP A 755 18.42 0.00 -44.16
C ASP A 755 18.36 -0.86 -45.41
N GLU A 756 18.93 -0.33 -46.51
CA GLU A 756 18.82 -0.96 -47.83
C GLU A 756 19.76 -2.17 -47.95
N LEU A 757 19.56 -3.14 -47.07
CA LEU A 757 20.30 -4.39 -47.18
C LEU A 757 19.76 -5.23 -48.32
N ASP A 758 20.64 -6.01 -48.93
CA ASP A 758 20.15 -6.92 -49.96
C ASP A 758 19.64 -8.21 -49.31
N PRO A 759 18.40 -8.62 -49.57
CA PRO A 759 17.83 -9.76 -48.85
C PRO A 759 18.62 -11.05 -48.97
N ALA A 760 19.25 -11.28 -50.12
CA ALA A 760 20.02 -12.52 -50.30
C ALA A 760 21.25 -12.56 -49.40
N LYS A 761 21.78 -11.39 -49.05
CA LYS A 761 23.03 -11.30 -48.30
C LYS A 761 22.87 -11.58 -46.82
N VAL A 762 21.64 -11.56 -46.30
CA VAL A 762 21.43 -11.76 -44.87
C VAL A 762 21.74 -13.21 -44.48
N LYS A 763 22.41 -13.36 -43.35
CA LYS A 763 22.66 -14.67 -42.77
C LYS A 763 22.06 -14.85 -41.39
N ARG A 764 21.78 -13.77 -40.66
CA ARG A 764 21.15 -13.83 -39.36
C ARG A 764 20.18 -12.67 -39.22
N VAL A 765 19.01 -12.95 -38.65
CA VAL A 765 18.03 -11.92 -38.30
C VAL A 765 17.99 -11.81 -36.78
N VAL A 766 18.01 -10.57 -36.28
CA VAL A 766 17.99 -10.27 -34.85
C VAL A 766 16.63 -9.67 -34.51
N PHE A 767 15.83 -10.41 -33.75
CA PHE A 767 14.64 -9.82 -33.16
C PHE A 767 15.02 -9.01 -31.92
N CYS A 768 14.28 -7.93 -31.68
CA CYS A 768 14.54 -7.07 -30.53
C CYS A 768 13.36 -6.12 -30.34
N SER A 769 13.40 -5.40 -29.23
CA SER A 769 12.40 -4.39 -28.93
C SER A 769 13.03 -3.23 -28.17
N GLY A 770 12.45 -2.05 -28.33
CA GLY A 770 12.89 -0.91 -27.56
C GLY A 770 14.21 -0.32 -28.03
N LYS A 771 14.83 0.39 -27.11
CA LYS A 771 16.03 1.17 -27.41
C LYS A 771 17.19 0.30 -27.86
N VAL A 772 17.20 -0.98 -27.48
CA VAL A 772 18.33 -1.83 -27.83
C VAL A 772 18.51 -1.91 -29.33
N TYR A 773 17.44 -1.68 -30.10
CA TYR A 773 17.57 -1.68 -31.54
C TYR A 773 18.52 -0.58 -32.01
N PHE A 774 18.44 0.60 -31.36
CA PHE A 774 19.29 1.72 -31.76
C PHE A 774 20.76 1.48 -31.44
N ASP A 775 21.07 0.78 -30.36
CA ASP A 775 22.45 0.34 -30.12
C ASP A 775 22.87 -0.72 -31.14
N LEU A 776 21.95 -1.59 -31.54
CA LEU A 776 22.28 -2.58 -32.56
C LEU A 776 22.49 -1.93 -33.91
N LEU A 777 21.64 -0.95 -34.25
CA LEU A 777 21.70 -0.37 -35.59
C LEU A 777 23.01 0.39 -35.81
N GLU A 778 23.39 1.24 -34.85
CA GLU A 778 24.60 2.02 -35.03
C GLU A 778 25.85 1.16 -35.08
N GLN A 779 25.87 0.05 -34.34
CA GLN A 779 27.06 -0.80 -34.37
C GLN A 779 27.15 -1.57 -35.69
N ARG A 780 26.02 -1.99 -36.25
CA ARG A 780 26.06 -2.67 -37.54
C ARG A 780 26.49 -1.75 -38.66
N ARG A 781 26.12 -0.47 -38.57
CA ARG A 781 26.56 0.50 -39.57
C ARG A 781 28.03 0.84 -39.41
N ASN A 782 28.49 0.95 -38.15
CA ASN A 782 29.90 1.22 -37.89
C ASN A 782 30.78 0.07 -38.37
N ASN A 783 30.26 -1.16 -38.35
CA ASN A 783 30.99 -2.28 -38.90
C ASN A 783 30.86 -2.40 -40.41
N GLU A 784 29.98 -1.59 -41.02
CA GLU A 784 29.62 -1.77 -42.43
C GLU A 784 29.17 -3.20 -42.69
N GLN A 785 28.36 -3.72 -41.77
CA GLN A 785 27.88 -5.09 -41.80
C GLN A 785 26.55 -5.13 -42.55
N ASP A 786 26.48 -5.92 -43.62
CA ASP A 786 25.23 -6.09 -44.35
C ASP A 786 24.74 -7.54 -44.35
N ASP A 787 25.30 -8.40 -43.48
CA ASP A 787 24.94 -9.81 -43.44
C ASP A 787 23.96 -10.12 -42.31
N VAL A 788 23.45 -9.13 -41.59
CA VAL A 788 22.56 -9.38 -40.47
C VAL A 788 21.46 -8.32 -40.45
N ALA A 789 20.22 -8.75 -40.69
CA ALA A 789 19.05 -7.89 -40.59
C ALA A 789 18.57 -7.77 -39.15
N ILE A 790 17.93 -6.63 -38.85
CA ILE A 790 17.42 -6.34 -37.51
C ILE A 790 15.94 -5.96 -37.64
N VAL A 791 15.09 -6.66 -36.88
CA VAL A 791 13.64 -6.56 -37.00
C VAL A 791 13.05 -6.30 -35.61
N ARG A 792 12.40 -5.15 -35.44
CA ARG A 792 11.70 -4.84 -34.19
C ARG A 792 10.38 -5.59 -34.08
N ILE A 793 9.99 -5.87 -32.85
CA ILE A 793 8.67 -6.41 -32.54
C ILE A 793 8.04 -5.45 -31.54
N GLU A 794 7.33 -4.43 -32.07
CA GLU A 794 6.80 -3.37 -31.23
C GLU A 794 5.73 -3.88 -30.27
N GLN A 795 4.94 -4.87 -30.70
CA GLN A 795 3.84 -5.40 -29.91
C GLN A 795 4.16 -6.84 -29.53
N LEU A 796 4.47 -7.08 -28.26
CA LEU A 796 4.87 -8.42 -27.83
C LEU A 796 3.66 -9.31 -27.55
N TYR A 797 2.61 -8.76 -26.93
CA TYR A 797 1.34 -9.46 -26.79
C TYR A 797 0.19 -8.50 -27.07
N PRO A 798 -0.86 -8.97 -27.76
CA PRO A 798 -0.91 -10.28 -28.43
C PRO A 798 0.13 -10.40 -29.55
N PHE A 799 0.72 -11.58 -29.73
CA PHE A 799 1.86 -11.69 -30.61
C PHE A 799 1.43 -11.56 -32.07
N PRO A 800 2.02 -10.63 -32.82
CA PRO A 800 1.62 -10.45 -34.22
C PRO A 800 2.34 -11.43 -35.14
N MET A 801 1.72 -12.60 -35.34
CA MET A 801 2.42 -13.71 -35.98
C MET A 801 2.79 -13.35 -37.42
N ASP A 802 1.79 -13.07 -38.24
CA ASP A 802 2.06 -12.87 -39.66
C ASP A 802 2.88 -11.61 -39.95
N ASP A 803 2.79 -10.57 -39.11
CA ASP A 803 3.66 -9.43 -39.31
C ASP A 803 5.12 -9.80 -39.10
N VAL A 804 5.39 -10.69 -38.14
CA VAL A 804 6.75 -11.18 -37.92
C VAL A 804 7.18 -12.08 -39.07
N LYS A 805 6.30 -12.95 -39.54
CA LYS A 805 6.63 -13.78 -40.69
C LYS A 805 6.83 -12.94 -41.94
N ALA A 806 6.06 -11.86 -42.10
CA ALA A 806 6.20 -11.03 -43.29
C ALA A 806 7.54 -10.30 -43.31
N ALA A 807 8.00 -9.85 -42.13
CA ALA A 807 9.31 -9.19 -42.06
C ALA A 807 10.44 -10.16 -42.33
N ILE A 808 10.22 -11.44 -42.03
CA ILE A 808 11.26 -12.48 -42.17
C ILE A 808 11.33 -13.07 -43.57
N ALA A 809 10.26 -12.96 -44.37
CA ALA A 809 10.16 -13.70 -45.62
C ALA A 809 11.31 -13.44 -46.59
N PRO A 810 11.73 -12.19 -46.85
CA PRO A 810 12.76 -11.98 -47.90
C PRO A 810 14.07 -12.70 -47.66
N TYR A 811 14.43 -12.95 -46.40
CA TYR A 811 15.72 -13.55 -46.04
C TYR A 811 15.64 -15.06 -46.18
N VAL A 812 15.63 -15.51 -47.45
CA VAL A 812 15.53 -16.92 -47.76
C VAL A 812 16.80 -17.68 -47.39
N ASN A 813 17.95 -17.01 -47.33
CA ASN A 813 19.22 -17.66 -47.02
C ASN A 813 19.51 -17.70 -45.52
N VAL A 814 18.60 -17.18 -44.68
CA VAL A 814 18.88 -17.06 -43.26
C VAL A 814 19.14 -18.43 -42.66
N GLU A 815 20.09 -18.49 -41.73
CA GLU A 815 20.46 -19.73 -41.08
C GLU A 815 20.15 -19.76 -39.59
N ASP A 816 20.14 -18.62 -38.92
CA ASP A 816 19.82 -18.58 -37.50
C ASP A 816 19.18 -17.24 -37.14
N PHE A 817 18.43 -17.27 -36.04
CA PHE A 817 17.71 -16.11 -35.52
C PHE A 817 18.17 -15.84 -34.10
N VAL A 818 18.13 -14.58 -33.70
CA VAL A 818 18.60 -14.15 -32.39
C VAL A 818 17.54 -13.29 -31.72
N TRP A 819 17.21 -13.62 -30.48
CA TRP A 819 16.50 -12.67 -29.65
C TRP A 819 17.49 -11.85 -28.86
N CYS A 820 17.39 -10.53 -28.95
CA CYS A 820 18.27 -9.61 -28.25
C CYS A 820 17.48 -8.77 -27.26
N GLN A 821 18.04 -8.56 -26.07
CA GLN A 821 17.38 -7.74 -25.05
C GLN A 821 18.44 -7.19 -24.12
N GLU A 822 18.23 -5.96 -23.66
CA GLU A 822 19.06 -5.33 -22.68
C GLU A 822 18.95 -5.98 -21.33
N GLU A 823 17.77 -6.48 -21.04
CA GLU A 823 17.41 -7.07 -19.77
C GLU A 823 17.97 -8.42 -19.41
N PRO A 824 18.08 -8.73 -18.13
CA PRO A 824 18.62 -10.04 -17.76
C PRO A 824 17.73 -11.16 -18.24
N GLN A 825 18.37 -12.29 -18.55
CA GLN A 825 17.70 -13.39 -19.22
C GLN A 825 16.52 -13.95 -18.40
N ASN A 826 16.56 -13.87 -17.07
CA ASN A 826 15.41 -14.32 -16.31
C ASN A 826 14.32 -13.27 -16.24
N GLN A 827 14.54 -12.10 -16.82
CA GLN A 827 13.55 -11.04 -16.95
C GLN A 827 13.32 -10.79 -18.44
N GLY A 828 12.56 -9.73 -18.74
CA GLY A 828 12.35 -9.41 -20.14
C GLY A 828 11.42 -10.37 -20.86
N ALA A 829 11.53 -10.37 -22.18
CA ALA A 829 10.63 -11.14 -23.02
C ALA A 829 11.07 -12.58 -23.27
N TRP A 830 12.27 -12.98 -22.84
CA TRP A 830 12.82 -14.24 -23.30
C TRP A 830 11.98 -15.45 -22.84
N TYR A 831 11.77 -15.60 -21.53
CA TYR A 831 11.12 -16.82 -21.05
C TYR A 831 9.67 -16.90 -21.53
N CYS A 832 8.97 -15.78 -21.58
CA CYS A 832 7.55 -15.79 -21.85
C CYS A 832 7.20 -15.74 -23.32
N SER A 833 8.13 -15.35 -24.19
CA SER A 833 7.84 -15.20 -25.61
C SER A 833 8.65 -16.14 -26.48
N GLN A 834 9.34 -17.13 -25.91
CA GLN A 834 10.16 -18.05 -26.69
C GLN A 834 9.34 -18.81 -27.72
N HIS A 835 8.20 -19.35 -27.31
CA HIS A 835 7.42 -20.18 -28.22
C HIS A 835 6.85 -19.35 -29.37
N ASN A 836 6.56 -18.07 -29.13
CA ASN A 836 6.04 -17.22 -30.19
C ASN A 836 7.09 -16.95 -31.26
N PHE A 837 8.34 -16.68 -30.85
CA PHE A 837 9.40 -16.50 -31.84
C PHE A 837 9.69 -17.80 -32.57
N ARG A 838 9.68 -18.93 -31.85
CA ARG A 838 10.05 -20.20 -32.47
C ARG A 838 9.03 -20.61 -33.52
N ALA A 839 7.75 -20.33 -33.27
CA ALA A 839 6.75 -20.66 -34.27
C ALA A 839 6.91 -19.80 -35.53
N ALA A 840 7.51 -18.62 -35.40
CA ALA A 840 7.66 -17.73 -36.56
C ALA A 840 8.75 -18.21 -37.52
N ILE A 841 9.84 -18.74 -37.00
CA ILE A 841 11.04 -19.02 -37.79
C ILE A 841 10.88 -20.28 -38.63
N PRO A 842 11.61 -20.42 -39.75
CA PRO A 842 11.55 -21.65 -40.54
C PRO A 842 12.06 -22.84 -39.75
N ALA A 843 11.48 -24.01 -40.04
CA ALA A 843 11.65 -25.18 -39.18
C ALA A 843 13.10 -25.60 -39.06
N GLY A 844 13.90 -25.45 -40.12
CA GLY A 844 15.27 -25.91 -40.05
C GLY A 844 16.14 -25.12 -39.10
N THR A 845 15.92 -23.82 -39.03
CA THR A 845 16.70 -22.93 -38.22
C THR A 845 16.46 -23.00 -36.74
N GLU A 846 17.42 -22.59 -35.95
CA GLU A 846 17.28 -22.61 -34.51
C GLU A 846 17.45 -21.19 -34.01
N LEU A 847 16.89 -20.89 -32.85
CA LEU A 847 16.91 -19.57 -32.25
C LEU A 847 17.82 -19.52 -31.05
N LYS A 848 18.50 -18.41 -30.87
CA LYS A 848 19.57 -18.25 -29.89
C LYS A 848 19.32 -16.99 -29.06
N TYR A 849 19.99 -16.90 -27.92
CA TYR A 849 19.81 -15.79 -27.00
C TYR A 849 21.04 -14.88 -26.98
N ALA A 850 20.80 -13.57 -26.90
CA ALA A 850 21.85 -12.59 -26.71
C ALA A 850 21.33 -11.49 -25.79
N GLY A 851 21.94 -11.34 -24.62
CA GLY A 851 21.47 -10.35 -23.67
C GLY A 851 22.18 -10.50 -22.34
N ARG A 852 21.70 -9.73 -21.37
CA ARG A 852 22.35 -9.74 -20.07
C ARG A 852 22.10 -11.07 -19.38
N PRO A 853 23.06 -11.52 -18.55
CA PRO A 853 22.87 -12.75 -17.80
C PRO A 853 21.76 -12.60 -16.78
N ALA A 854 21.12 -13.72 -16.44
CA ALA A 854 20.12 -13.68 -15.40
C ALA A 854 20.74 -13.18 -14.09
N SER A 855 19.96 -12.43 -13.32
CA SER A 855 20.45 -11.85 -12.09
C SER A 855 19.30 -11.68 -11.13
N ALA A 856 19.61 -11.60 -9.83
CA ALA A 856 18.57 -11.38 -8.85
C ALA A 856 18.04 -9.94 -8.91
N SER A 857 18.95 -8.98 -8.95
CA SER A 857 18.61 -7.56 -9.10
C SER A 857 18.34 -7.23 -10.57
N PRO A 858 17.43 -6.30 -10.84
CA PRO A 858 17.20 -5.87 -12.24
C PRO A 858 18.43 -5.30 -12.93
N ALA A 859 19.33 -4.61 -12.21
CA ALA A 859 20.43 -3.93 -12.88
C ALA A 859 21.59 -3.75 -11.91
N VAL A 860 22.79 -3.62 -12.48
CA VAL A 860 23.99 -3.30 -11.70
C VAL A 860 23.85 -1.90 -11.11
N GLY A 861 24.52 -1.66 -9.99
CA GLY A 861 24.53 -0.33 -9.44
C GLY A 861 25.58 0.61 -9.99
N TYR A 862 26.46 0.14 -10.85
CA TYR A 862 27.52 0.98 -11.35
C TYR A 862 27.50 1.15 -12.82
N MET A 863 27.66 2.35 -13.27
CA MET A 863 27.61 2.67 -14.66
C MET A 863 28.66 2.02 -15.51
N SER A 864 29.82 1.82 -14.96
CA SER A 864 30.92 1.21 -15.63
C SER A 864 30.63 -0.21 -16.01
N VAL A 865 30.12 -0.99 -15.10
CA VAL A 865 29.78 -2.38 -15.39
C VAL A 865 28.66 -2.45 -16.41
N HIS A 866 27.74 -1.48 -16.38
CA HIS A 866 26.59 -1.51 -17.28
C HIS A 866 27.02 -1.36 -18.74
N LEU A 867 27.92 -0.40 -19.03
CA LEU A 867 28.35 -0.18 -20.41
C LEU A 867 29.12 -1.36 -20.96
N LYS A 868 29.91 -2.02 -20.11
CA LYS A 868 30.61 -3.23 -20.52
C LYS A 868 29.62 -4.35 -20.83
N GLN A 869 28.55 -4.46 -20.04
CA GLN A 869 27.51 -5.43 -20.36
C GLN A 869 26.78 -5.08 -21.65
N GLN A 870 26.60 -3.79 -21.91
CA GLN A 870 25.88 -3.40 -23.11
C GLN A 870 26.69 -3.74 -24.35
N LYS A 871 27.98 -3.40 -24.35
CA LYS A 871 28.84 -3.72 -25.48
C LYS A 871 28.97 -5.22 -25.68
N ALA A 872 28.89 -5.99 -24.59
CA ALA A 872 29.03 -7.43 -24.69
C ALA A 872 27.83 -8.03 -25.42
N LEU A 873 26.62 -7.69 -24.98
CA LEU A 873 25.44 -8.30 -25.58
C LEU A 873 25.22 -7.83 -27.01
N ILE A 874 25.54 -6.57 -27.30
CA ILE A 874 25.39 -6.04 -28.65
C ILE A 874 26.32 -6.76 -29.62
N ASP A 875 27.52 -7.12 -29.13
CA ASP A 875 28.48 -7.83 -29.98
C ASP A 875 28.10 -9.30 -30.14
N ASP A 876 27.54 -9.92 -29.10
CA ASP A 876 27.14 -11.32 -29.25
C ASP A 876 26.06 -11.47 -30.30
N ALA A 877 25.18 -10.47 -30.42
CA ALA A 877 24.08 -10.57 -31.36
C ALA A 877 24.54 -10.40 -32.81
N LEU A 878 25.51 -9.51 -33.05
CA LEU A 878 25.94 -9.17 -34.41
C LEU A 878 27.06 -10.07 -34.94
N ASN A 879 27.62 -10.96 -34.12
CA ASN A 879 28.70 -11.81 -34.60
C ASN A 879 28.17 -13.17 -35.02
N ASP B 32 -15.32 40.19 36.20
CA ASP B 32 -14.48 39.02 35.93
C ASP B 32 -14.90 38.33 34.64
N ALA B 33 -15.83 38.94 33.91
CA ALA B 33 -16.21 38.35 32.63
C ALA B 33 -15.06 38.39 31.63
N LYS B 34 -14.23 39.43 31.68
CA LYS B 34 -13.06 39.48 30.79
C LYS B 34 -12.05 38.40 31.16
N GLN B 35 -12.03 38.00 32.43
CA GLN B 35 -11.13 36.94 32.86
C GLN B 35 -11.46 35.60 32.21
N VAL B 36 -12.75 35.29 32.01
CA VAL B 36 -13.06 34.07 31.29
C VAL B 36 -12.66 34.20 29.83
N LYS B 37 -12.80 35.42 29.26
CA LYS B 37 -12.43 35.65 27.86
C LYS B 37 -10.93 35.52 27.63
N VAL B 38 -10.12 35.91 28.61
CA VAL B 38 -8.67 35.73 28.48
C VAL B 38 -8.31 34.26 28.42
N LEU B 39 -9.02 33.42 29.18
CA LEU B 39 -8.73 31.99 29.18
C LEU B 39 -9.08 31.35 27.84
N GLN B 40 -10.18 31.79 27.22
CA GLN B 40 -10.49 31.28 25.90
C GLN B 40 -9.49 31.77 24.86
N LEU B 41 -8.93 32.97 25.06
CA LEU B 41 -7.89 33.43 24.15
C LEU B 41 -6.63 32.57 24.27
N ILE B 42 -6.26 32.18 25.50
CA ILE B 42 -5.07 31.38 25.70
C ILE B 42 -5.22 30.02 25.04
N ASN B 43 -6.39 29.40 25.19
CA ASN B 43 -6.60 28.11 24.55
C ASN B 43 -6.70 28.24 23.03
N ALA B 44 -7.12 29.41 22.53
CA ALA B 44 -7.15 29.56 21.09
C ALA B 44 -5.77 29.43 20.50
N TYR B 45 -4.77 30.00 21.16
CA TYR B 45 -3.41 29.85 20.65
C TYR B 45 -2.91 28.43 20.82
N ARG B 46 -3.22 27.79 21.95
CA ARG B 46 -2.82 26.40 22.12
C ARG B 46 -3.41 25.53 21.03
N PHE B 47 -4.63 25.84 20.58
CA PHE B 47 -5.28 25.06 19.54
C PHE B 47 -4.83 25.49 18.14
N ARG B 48 -4.75 26.78 17.89
CA ARG B 48 -4.64 27.26 16.52
C ARG B 48 -3.52 28.27 16.31
N GLY B 49 -2.61 28.43 17.27
CA GLY B 49 -1.54 29.39 17.06
C GLY B 49 -0.63 28.98 15.93
N HIS B 50 -0.48 27.67 15.71
CA HIS B 50 0.39 27.16 14.66
C HIS B 50 -0.09 27.53 13.27
N GLU B 51 -1.38 27.83 13.11
CA GLU B 51 -1.89 28.30 11.82
C GLU B 51 -1.38 29.68 11.44
N ALA B 52 -1.00 30.49 12.42
CA ALA B 52 -0.45 31.82 12.18
C ALA B 52 1.04 31.92 12.46
N ALA B 53 1.70 30.81 12.81
CA ALA B 53 3.12 30.79 13.09
C ALA B 53 3.93 31.04 11.82
N GLU B 54 5.16 31.53 11.97
CA GLU B 54 6.00 31.79 10.85
C GLU B 54 6.80 30.58 10.58
N LEU B 55 6.28 29.69 9.79
CA LEU B 55 6.92 28.46 9.56
C LEU B 55 7.70 28.39 8.35
N ASP B 56 7.48 29.28 7.42
CA ASP B 56 8.11 29.19 6.13
C ASP B 56 9.24 30.11 6.14
N PRO B 57 10.42 29.61 5.80
CA PRO B 57 11.65 30.34 5.72
C PRO B 57 11.60 31.35 4.63
N LEU B 58 10.97 31.01 3.53
CA LEU B 58 10.90 31.86 2.35
C LEU B 58 9.95 33.03 2.51
N GLY B 59 9.02 32.95 3.45
CA GLY B 59 7.96 33.94 3.56
C GLY B 59 7.07 34.00 2.35
N LEU B 60 6.99 32.91 1.59
CA LEU B 60 6.55 32.99 0.20
C LEU B 60 5.05 33.25 0.09
N TRP B 61 4.23 32.47 0.77
CA TRP B 61 2.78 32.57 0.63
C TRP B 61 2.15 32.87 1.98
N GLN B 62 1.30 33.90 2.00
CA GLN B 62 0.64 34.29 3.24
C GLN B 62 -0.38 33.23 3.64
N ARG B 63 -0.56 33.09 4.93
CA ARG B 63 -1.47 32.14 5.52
C ARG B 63 -2.74 32.82 5.90
N PRO B 64 -3.88 32.16 5.74
CA PRO B 64 -5.16 32.74 6.07
C PRO B 64 -5.33 33.03 7.52
N THR B 65 -5.93 34.15 7.83
CA THR B 65 -6.13 34.63 9.18
C THR B 65 -6.98 33.74 10.03
N VAL B 66 -6.67 33.60 11.29
CA VAL B 66 -7.53 32.85 12.13
C VAL B 66 -8.05 33.92 13.03
N ALA B 67 -9.34 34.08 13.03
CA ALA B 67 -9.97 35.11 13.77
C ALA B 67 -9.80 34.98 15.24
N GLU B 68 -9.74 33.76 15.71
CA GLU B 68 -9.67 33.50 17.11
C GLU B 68 -8.40 33.89 17.77
N LEU B 69 -7.41 34.27 17.01
CA LEU B 69 -6.16 34.58 17.60
C LEU B 69 -6.00 36.00 17.94
N ASP B 70 -6.96 36.80 17.63
CA ASP B 70 -6.85 38.18 17.99
C ASP B 70 -7.90 38.44 18.95
N PRO B 71 -7.57 39.19 19.95
CA PRO B 71 -8.30 39.51 21.13
C PRO B 71 -9.63 40.12 20.87
N ALA B 72 -9.78 40.92 19.85
CA ALA B 72 -11.06 41.52 19.57
C ALA B 72 -12.06 40.44 19.36
N PHE B 73 -11.67 39.36 18.77
CA PHE B 73 -12.64 38.27 18.63
C PHE B 73 -13.25 37.89 19.98
N HIS B 74 -12.50 38.07 21.07
CA HIS B 74 -12.94 37.74 22.41
C HIS B 74 -13.35 38.98 23.21
N ASN B 75 -13.61 40.11 22.53
CA ASN B 75 -14.05 41.35 23.15
C ASN B 75 -13.05 41.90 24.15
N LEU B 76 -11.76 41.67 23.90
CA LEU B 76 -10.70 42.31 24.67
C LEU B 76 -10.21 43.52 23.88
N THR B 77 -10.12 44.65 24.55
CA THR B 77 -9.73 45.91 23.94
C THR B 77 -8.49 46.44 24.64
N GLU B 78 -7.97 47.56 24.13
CA GLU B 78 -6.71 48.08 24.64
C GLU B 78 -6.81 48.42 26.11
N ASP B 79 -7.98 48.88 26.56
CA ASP B 79 -8.16 49.21 27.97
C ASP B 79 -8.03 47.97 28.85
N ASP B 80 -8.48 46.81 28.35
CA ASP B 80 -8.25 45.55 29.07
C ASP B 80 -6.78 45.16 29.04
N PHE B 81 -6.04 45.58 28.01
CA PHE B 81 -4.66 45.16 27.86
C PHE B 81 -3.77 45.68 28.98
N GLU B 82 -4.15 46.76 29.65
CA GLU B 82 -3.39 47.22 30.79
C GLU B 82 -3.78 46.55 32.09
N GLU B 83 -4.87 45.79 32.14
CA GLU B 83 -5.31 45.20 33.40
C GLU B 83 -4.63 43.86 33.63
N THR B 84 -4.29 43.56 34.88
CA THR B 84 -3.73 42.27 35.23
C THR B 84 -4.80 41.19 35.19
N PHE B 85 -4.42 39.98 34.76
CA PHE B 85 -5.33 38.86 34.65
C PHE B 85 -4.63 37.58 35.10
N ASN B 86 -5.44 36.56 35.36
CA ASN B 86 -4.96 35.24 35.77
C ASN B 86 -4.68 34.40 34.53
N VAL B 87 -3.45 33.88 34.43
CA VAL B 87 -3.07 33.09 33.27
C VAL B 87 -3.74 31.72 33.27
N GLY B 88 -4.29 31.30 34.41
CA GLY B 88 -4.89 29.98 34.49
C GLY B 88 -3.82 28.90 34.40
N SER B 89 -4.03 27.92 33.53
CA SER B 89 -3.10 26.82 33.33
C SER B 89 -1.88 27.20 32.49
N PHE B 90 -1.86 28.41 31.92
CA PHE B 90 -0.71 28.91 31.16
C PHE B 90 0.55 28.81 31.99
N ALA B 91 1.52 28.03 31.52
CA ALA B 91 2.67 27.65 32.35
C ALA B 91 3.86 28.58 32.19
N VAL B 92 3.66 29.89 32.31
CA VAL B 92 4.79 30.82 32.15
C VAL B 92 5.60 31.03 33.42
N GLY B 93 5.16 30.50 34.56
CA GLY B 93 5.83 30.74 35.82
C GLY B 93 5.39 31.97 36.58
N GLN B 94 4.39 32.69 36.08
CA GLN B 94 3.77 33.79 36.80
C GLN B 94 2.27 33.59 36.74
N GLU B 95 1.63 33.49 37.91
CA GLU B 95 0.20 33.21 37.94
C GLU B 95 -0.65 34.37 37.43
N THR B 96 -0.22 35.61 37.65
CA THR B 96 -1.02 36.79 37.35
C THR B 96 -0.16 37.77 36.56
N MET B 97 -0.68 38.20 35.41
CA MET B 97 0.05 38.98 34.43
C MET B 97 -0.87 40.01 33.81
N PRO B 98 -0.35 41.17 33.41
CA PRO B 98 -1.14 42.07 32.57
C PRO B 98 -1.43 41.44 31.22
N LEU B 99 -2.60 41.77 30.66
CA LEU B 99 -3.03 41.14 29.42
C LEU B 99 -2.10 41.45 28.25
N LYS B 100 -1.50 42.64 28.22
CA LYS B 100 -0.61 42.98 27.11
C LYS B 100 0.60 42.04 27.06
N ASP B 101 1.06 41.59 28.23
CA ASP B 101 2.17 40.64 28.31
C ASP B 101 1.73 39.19 28.19
N ILE B 102 0.47 38.87 28.49
CA ILE B 102 -0.02 37.54 28.19
C ILE B 102 -0.11 37.35 26.67
N TYR B 103 -0.60 38.37 25.98
CA TYR B 103 -0.70 38.31 24.52
C TYR B 103 0.67 38.25 23.87
N THR B 104 1.67 38.95 24.43
CA THR B 104 3.03 38.86 23.91
C THR B 104 3.61 37.48 24.14
N ALA B 105 3.35 36.88 25.31
CA ALA B 105 3.86 35.56 25.60
C ALA B 105 3.19 34.52 24.71
N LEU B 106 1.90 34.69 24.43
CA LEU B 106 1.21 33.72 23.56
C LEU B 106 1.75 33.76 22.14
N LYS B 107 1.97 34.96 21.60
CA LYS B 107 2.54 35.06 20.25
C LYS B 107 3.99 34.57 20.22
N LYS B 108 4.76 34.83 21.27
CA LYS B 108 6.12 34.32 21.28
C LYS B 108 6.15 32.80 21.40
N THR B 109 5.19 32.21 22.11
CA THR B 109 5.21 30.76 22.29
C THR B 109 4.66 30.01 21.08
N TYR B 110 3.53 30.45 20.53
CA TYR B 110 2.83 29.62 19.55
C TYR B 110 2.83 30.20 18.15
N CYS B 111 3.41 31.38 17.92
CA CYS B 111 3.37 32.00 16.60
C CYS B 111 4.74 32.39 16.04
N GLY B 112 5.83 31.93 16.65
CA GLY B 112 7.17 32.18 16.11
C GLY B 112 7.67 31.08 15.20
N SER B 113 8.91 30.64 15.41
CA SER B 113 9.50 29.55 14.63
C SER B 113 8.84 28.20 14.86
N ILE B 114 8.18 27.98 15.99
CA ILE B 114 7.63 26.68 16.36
C ILE B 114 6.12 26.69 16.18
N GLY B 115 5.60 25.67 15.50
CA GLY B 115 4.16 25.45 15.42
C GLY B 115 3.78 24.14 16.06
N ALA B 116 3.26 24.20 17.28
CA ALA B 116 2.93 23.00 18.05
C ALA B 116 1.47 22.61 17.79
N GLU B 117 1.27 21.40 17.32
CA GLU B 117 -0.05 20.84 17.08
C GLU B 117 -0.20 19.65 18.02
N TYR B 118 -0.84 19.86 19.16
CA TYR B 118 -0.97 18.79 20.15
C TYR B 118 -2.34 18.73 20.83
N MET B 119 -3.20 19.74 20.70
CA MET B 119 -4.43 19.72 21.46
C MET B 119 -5.45 18.71 20.94
N HIS B 120 -5.20 18.11 19.77
CA HIS B 120 -6.03 17.02 19.31
C HIS B 120 -5.91 15.77 20.18
N MET B 121 -4.82 15.64 20.93
CA MET B 121 -4.64 14.49 21.81
C MET B 121 -5.67 14.46 22.94
N THR B 122 -6.09 13.26 23.31
CA THR B 122 -7.10 13.13 24.34
C THR B 122 -6.51 12.91 25.73
N ASP B 123 -5.25 12.48 25.83
CA ASP B 123 -4.65 12.24 27.13
C ASP B 123 -4.31 13.57 27.79
N THR B 124 -4.96 13.86 28.92
CA THR B 124 -4.73 15.16 29.54
C THR B 124 -3.30 15.31 30.01
N GLU B 125 -2.71 14.23 30.54
CA GLU B 125 -1.35 14.34 31.07
C GLU B 125 -0.34 14.66 29.98
N GLN B 126 -0.54 14.10 28.78
CA GLN B 126 0.40 14.38 27.70
C GLN B 126 0.27 15.82 27.23
N LYS B 127 -0.94 16.37 27.25
CA LYS B 127 -1.10 17.77 26.88
C LYS B 127 -0.49 18.70 27.92
N ARG B 128 -0.66 18.39 29.21
CA ARG B 128 -0.03 19.22 30.23
C ARG B 128 1.49 19.13 30.13
N TRP B 129 2.01 17.96 29.74
CA TRP B 129 3.46 17.79 29.65
C TRP B 129 4.04 18.65 28.53
N ILE B 130 3.35 18.74 27.39
CA ILE B 130 3.84 19.58 26.30
C ILE B 130 3.72 21.05 26.67
N GLN B 131 2.66 21.42 27.39
CA GLN B 131 2.49 22.82 27.76
C GLN B 131 3.57 23.28 28.72
N GLN B 132 4.06 22.40 29.56
CA GLN B 132 5.13 22.77 30.44
C GLN B 132 6.43 23.06 29.70
N ARG B 133 6.80 22.26 28.74
CA ARG B 133 7.99 22.53 28.00
C ARG B 133 7.93 23.74 27.20
N LEU B 134 6.89 23.92 26.44
CA LEU B 134 6.77 25.07 25.58
C LEU B 134 6.48 26.39 26.17
N GLU B 135 5.51 26.45 27.04
CA GLU B 135 5.08 27.70 27.66
C GLU B 135 6.08 28.20 28.70
N SER B 136 6.82 27.29 29.35
CA SER B 136 7.76 27.73 30.38
C SER B 136 8.94 28.52 29.81
N VAL B 137 9.41 28.18 28.60
CA VAL B 137 10.47 28.99 28.00
C VAL B 137 9.92 30.21 27.26
N VAL B 138 8.60 30.34 27.13
CA VAL B 138 7.95 31.46 26.45
C VAL B 138 8.49 31.54 25.03
N GLY B 139 8.52 30.40 24.36
CA GLY B 139 8.95 30.35 22.96
C GLY B 139 10.43 30.43 22.75
N GLN B 140 11.09 31.40 23.39
CA GLN B 140 12.53 31.54 23.21
C GLN B 140 13.29 30.63 24.17
N PRO B 141 14.08 29.66 23.67
CA PRO B 141 14.84 28.77 24.56
C PRO B 141 16.29 29.19 24.71
N SER B 142 16.94 28.75 25.79
CA SER B 142 18.31 29.15 26.09
C SER B 142 19.27 27.98 25.93
N PHE B 143 20.43 28.27 25.34
CA PHE B 143 21.48 27.29 25.09
C PHE B 143 22.83 27.87 25.52
N ASP B 144 23.74 26.98 25.89
CA ASP B 144 25.11 27.38 26.19
C ASP B 144 25.83 27.87 24.93
N LYS B 145 26.83 28.74 25.13
CA LYS B 145 27.62 29.23 24.00
C LYS B 145 28.31 28.11 23.24
N ASP B 146 28.75 27.05 23.93
CA ASP B 146 29.32 25.92 23.21
C ASP B 146 28.27 25.21 22.38
N GLU B 147 27.04 25.12 22.89
CA GLU B 147 25.97 24.50 22.13
C GLU B 147 25.64 25.31 20.88
N LYS B 148 25.70 26.64 21.00
CA LYS B 148 25.49 27.52 19.86
C LYS B 148 26.62 27.41 18.85
N ARG B 149 27.87 27.35 19.32
CA ARG B 149 28.96 27.17 18.37
C ARG B 149 28.91 25.79 17.74
N THR B 150 28.36 24.80 18.44
CA THR B 150 28.22 23.47 17.84
C THR B 150 27.18 23.46 16.72
N PHE B 151 26.03 24.10 16.95
CA PHE B 151 25.02 24.15 15.89
C PHE B 151 25.53 24.93 14.69
N LEU B 152 26.37 25.94 14.92
CA LEU B 152 26.93 26.69 13.80
C LEU B 152 27.93 25.85 13.03
N ALA B 153 28.80 25.11 13.75
CA ALA B 153 29.75 24.24 13.06
C ALA B 153 29.03 23.12 12.32
N GLU B 154 27.94 22.62 12.89
CA GLU B 154 27.21 21.55 12.23
C GLU B 154 26.45 22.05 11.01
N LEU B 155 25.92 23.27 11.07
CA LEU B 155 25.39 23.90 9.87
C LEU B 155 26.49 24.15 8.85
N THR B 156 27.70 24.48 9.32
CA THR B 156 28.80 24.72 8.41
C THR B 156 29.19 23.46 7.66
N ALA B 157 29.27 22.33 8.37
CA ALA B 157 29.60 21.08 7.71
C ALA B 157 28.53 20.65 6.71
N ALA B 158 27.26 20.93 7.00
CA ALA B 158 26.19 20.53 6.10
C ALA B 158 26.26 21.31 4.80
N GLU B 159 26.33 22.65 4.89
CA GLU B 159 26.47 23.45 3.68
C GLU B 159 27.77 23.15 2.96
N GLY B 160 28.85 23.01 3.71
CA GLY B 160 30.16 22.94 3.08
C GLY B 160 30.36 21.67 2.29
N LEU B 161 29.84 20.55 2.78
CA LEU B 161 29.99 19.29 2.04
C LEU B 161 29.24 19.33 0.72
N GLU B 162 28.09 19.97 0.68
CA GLU B 162 27.31 19.95 -0.55
C GLU B 162 27.91 20.94 -1.57
N ARG B 163 28.34 22.10 -1.12
CA ARG B 163 29.03 23.01 -2.02
C ARG B 163 30.32 22.38 -2.54
N TYR B 164 30.96 21.52 -1.76
CA TYR B 164 32.16 20.85 -2.20
C TYR B 164 31.85 19.84 -3.30
N LEU B 165 30.79 19.05 -3.12
CA LEU B 165 30.42 18.08 -4.13
C LEU B 165 29.93 18.76 -5.40
N GLY B 166 29.26 19.90 -5.27
CA GLY B 166 28.84 20.63 -6.44
C GLY B 166 30.02 21.25 -7.17
N ALA B 167 31.10 21.55 -6.46
CA ALA B 167 32.30 22.07 -7.11
C ALA B 167 33.12 20.95 -7.74
N LYS B 168 33.31 19.85 -7.00
CA LYS B 168 34.15 18.76 -7.48
C LYS B 168 33.45 17.90 -8.54
N PHE B 169 32.14 17.71 -8.41
CA PHE B 169 31.39 16.87 -9.35
C PHE B 169 30.16 17.62 -9.83
N PRO B 170 30.31 18.66 -10.65
CA PRO B 170 29.13 19.38 -11.14
C PRO B 170 28.25 18.47 -11.97
N GLY B 171 26.94 18.62 -11.79
CA GLY B 171 25.95 17.90 -12.54
C GLY B 171 25.60 16.51 -12.04
N ALA B 172 26.43 15.93 -11.17
CA ALA B 172 26.20 14.57 -10.71
C ALA B 172 25.03 14.54 -9.72
N LYS B 173 24.28 13.45 -9.75
CA LYS B 173 23.09 13.30 -8.91
C LYS B 173 23.53 13.05 -7.48
N ARG B 174 23.45 14.08 -6.66
CA ARG B 174 23.54 13.97 -5.21
C ARG B 174 22.32 14.68 -4.68
N PHE B 175 21.58 14.06 -3.77
CA PHE B 175 20.30 14.69 -3.44
C PHE B 175 20.57 15.65 -2.29
N SER B 176 20.90 16.86 -2.68
CA SER B 176 21.45 17.84 -1.77
C SER B 176 20.46 18.18 -0.66
N LEU B 177 20.99 18.31 0.56
CA LEU B 177 20.19 18.73 1.68
C LEU B 177 19.94 20.23 1.69
N GLU B 178 20.64 20.99 0.86
CA GLU B 178 20.71 22.44 1.02
C GLU B 178 19.32 23.06 1.04
N GLY B 179 19.17 24.04 1.95
CA GLY B 179 17.91 24.57 2.36
C GLY B 179 17.35 23.90 3.58
N GLY B 180 17.80 22.68 3.87
CA GLY B 180 17.38 21.95 5.04
C GLY B 180 18.57 21.52 5.86
N ASP B 181 19.54 22.42 5.97
CA ASP B 181 20.79 22.13 6.63
C ASP B 181 20.60 21.90 8.12
N ALA B 182 19.52 22.40 8.67
CA ALA B 182 19.23 22.31 10.07
C ALA B 182 19.04 20.92 10.52
N MET B 183 18.93 20.02 9.58
CA MET B 183 18.76 18.61 9.78
C MET B 183 19.91 17.92 10.43
N ILE B 184 21.13 18.30 10.12
CA ILE B 184 22.33 17.71 10.67
C ILE B 184 22.53 18.06 12.12
N PRO B 185 22.42 19.30 12.47
CA PRO B 185 22.48 19.52 13.93
C PRO B 185 21.32 18.88 14.68
N MET B 186 20.14 18.82 14.05
CA MET B 186 18.99 18.17 14.67
C MET B 186 19.25 16.69 14.91
N MET B 187 19.93 16.04 13.96
CA MET B 187 20.20 14.62 14.08
C MET B 187 21.26 14.35 15.15
N LYS B 188 22.34 15.13 15.14
CA LYS B 188 23.36 14.98 16.17
C LYS B 188 22.80 15.31 17.54
N GLU B 189 21.84 16.22 17.61
CA GLU B 189 21.21 16.49 18.90
C GLU B 189 20.27 15.37 19.31
N LEU B 190 19.64 14.70 18.34
CA LEU B 190 18.87 13.50 18.67
C LEU B 190 19.77 12.42 19.26
N ILE B 191 20.95 12.24 18.67
CA ILE B 191 21.86 11.20 19.14
C ILE B 191 22.55 11.63 20.43
N ARG B 192 22.95 12.90 20.55
CA ARG B 192 23.56 13.35 21.79
C ARG B 192 22.58 13.25 22.94
N HIS B 193 21.29 13.49 22.68
CA HIS B 193 20.29 13.40 23.73
C HIS B 193 19.88 11.97 24.05
N ALA B 194 20.09 11.04 23.11
CA ALA B 194 19.79 9.64 23.37
C ALA B 194 20.79 9.05 24.35
N GLY B 195 22.08 9.27 24.11
CA GLY B 195 23.08 8.82 25.05
C GLY B 195 23.07 9.62 26.32
N ARG B 196 22.61 10.86 26.25
CA ARG B 196 22.50 11.69 27.45
C ARG B 196 21.48 11.13 28.42
N SER B 197 20.49 10.41 27.91
CA SER B 197 19.46 9.77 28.73
C SER B 197 19.58 8.25 28.74
N GLY B 198 20.75 7.70 28.42
CA GLY B 198 21.02 6.30 28.65
C GLY B 198 20.60 5.33 27.56
N MET B 199 20.10 5.80 26.43
CA MET B 199 19.83 4.89 25.32
C MET B 199 21.13 4.33 24.78
N ARG B 200 21.07 3.09 24.30
CA ARG B 200 22.29 2.43 23.87
C ARG B 200 22.44 2.31 22.36
N GLU B 201 21.37 2.27 21.59
CA GLU B 201 21.46 2.15 20.15
C GLU B 201 20.46 3.09 19.50
N VAL B 202 20.79 3.52 18.28
CA VAL B 202 19.93 4.37 17.46
C VAL B 202 19.91 3.80 16.05
N VAL B 203 18.74 3.47 15.53
CA VAL B 203 18.62 2.90 14.19
C VAL B 203 17.83 3.88 13.34
N ILE B 204 18.41 4.29 12.20
CA ILE B 204 17.88 5.33 11.34
C ILE B 204 17.47 4.73 10.01
N GLY B 205 16.31 5.15 9.50
CA GLY B 205 15.90 4.88 8.14
C GLY B 205 15.45 6.16 7.44
N MET B 206 15.91 6.42 6.21
CA MET B 206 15.65 7.70 5.56
C MET B 206 15.60 7.51 4.05
N ALA B 207 15.48 8.61 3.33
CA ALA B 207 15.42 8.61 1.86
C ALA B 207 16.62 9.31 1.23
N HIS B 208 16.45 9.79 -0.01
CA HIS B 208 17.54 10.44 -0.75
C HIS B 208 17.95 11.78 -0.15
N ARG B 209 17.00 12.54 0.39
CA ARG B 209 17.25 13.93 0.74
C ARG B 209 18.21 14.01 1.93
N GLY B 210 19.38 14.60 1.71
CA GLY B 210 20.35 14.68 2.79
C GLY B 210 21.04 13.37 3.10
N ARG B 211 20.91 12.37 2.23
CA ARG B 211 21.48 11.05 2.51
C ARG B 211 23.01 11.08 2.54
N LEU B 212 23.63 11.70 1.54
CA LEU B 212 25.09 11.78 1.52
C LEU B 212 25.61 12.66 2.65
N ASN B 213 24.87 13.69 3.03
CA ASN B 213 25.26 14.49 4.17
C ASN B 213 25.16 13.71 5.47
N MET B 214 24.17 12.82 5.57
CA MET B 214 24.03 12.01 6.76
C MET B 214 25.21 11.08 6.93
N LEU B 215 25.66 10.46 5.84
CA LEU B 215 26.72 9.49 5.94
C LEU B 215 28.03 10.15 6.35
N VAL B 216 28.33 11.32 5.77
CA VAL B 216 29.63 11.95 6.01
C VAL B 216 29.64 12.71 7.31
N ASN B 217 28.55 13.42 7.61
CA ASN B 217 28.55 14.39 8.69
C ASN B 217 27.85 13.91 9.95
N VAL B 218 27.34 12.67 9.96
CA VAL B 218 26.75 12.13 11.18
C VAL B 218 27.27 10.73 11.43
N LEU B 219 27.25 9.89 10.39
CA LEU B 219 27.66 8.49 10.48
C LEU B 219 29.16 8.28 10.34
N GLY B 220 29.92 9.30 9.94
CA GLY B 220 31.36 9.16 9.89
C GLY B 220 31.96 8.42 8.72
N LYS B 221 31.24 8.31 7.61
CA LYS B 221 31.84 7.79 6.38
C LYS B 221 32.99 8.70 5.95
N LYS B 222 34.09 8.09 5.49
CA LYS B 222 35.23 8.87 5.07
C LYS B 222 34.88 9.66 3.80
N PRO B 223 35.17 10.96 3.75
CA PRO B 223 34.92 11.70 2.52
C PRO B 223 35.65 11.14 1.31
N GLN B 224 36.86 10.61 1.49
CA GLN B 224 37.61 10.10 0.36
C GLN B 224 36.93 8.88 -0.26
N ASP B 225 36.31 8.03 0.57
CA ASP B 225 35.55 6.92 -0.01
C ASP B 225 34.32 7.41 -0.75
N LEU B 226 33.72 8.52 -0.29
CA LEU B 226 32.60 9.08 -1.03
C LEU B 226 33.07 9.68 -2.35
N PHE B 227 34.21 10.39 -2.34
CA PHE B 227 34.71 10.97 -3.58
C PHE B 227 35.10 9.90 -4.60
N ASP B 228 35.61 8.76 -4.13
CA ASP B 228 35.95 7.67 -5.03
C ASP B 228 34.70 7.04 -5.64
N GLU B 229 33.57 7.07 -4.94
CA GLU B 229 32.35 6.51 -5.51
C GLU B 229 31.77 7.43 -6.58
N PHE B 230 31.90 8.75 -6.39
CA PHE B 230 31.50 9.68 -7.44
C PHE B 230 32.35 9.54 -8.69
N ALA B 231 33.63 9.22 -8.53
CA ALA B 231 34.52 9.03 -9.66
C ALA B 231 34.38 7.66 -10.30
N GLY B 232 33.60 6.75 -9.69
CA GLY B 232 33.45 5.43 -10.25
C GLY B 232 34.56 4.47 -9.90
N LYS B 233 35.53 4.89 -9.09
CA LYS B 233 36.69 4.08 -8.78
C LYS B 233 36.39 3.01 -7.73
N HIS B 234 35.18 3.00 -7.19
CA HIS B 234 34.77 1.94 -6.29
C HIS B 234 34.80 0.60 -7.02
N GLY B 235 35.24 -0.43 -6.32
CA GLY B 235 35.31 -1.76 -6.90
C GLY B 235 35.44 -2.80 -5.82
N GLU B 236 35.92 -3.98 -6.22
CA GLU B 236 36.26 -5.05 -5.30
C GLU B 236 35.03 -5.61 -4.56
N SER B 237 34.03 -6.10 -5.31
CA SER B 237 32.89 -6.80 -4.72
C SER B 237 32.16 -7.59 -5.80
N TRP B 238 31.49 -8.66 -5.39
CA TRP B 238 30.46 -9.28 -6.23
C TRP B 238 29.04 -8.91 -5.81
N GLY B 239 28.88 -7.97 -4.90
CA GLY B 239 27.56 -7.37 -4.91
C GLY B 239 27.38 -6.72 -6.26
N THR B 240 26.28 -7.01 -6.97
CA THR B 240 25.98 -6.23 -8.17
C THR B 240 25.76 -4.78 -7.81
N GLY B 241 25.46 -4.50 -6.54
CA GLY B 241 25.53 -3.16 -6.01
C GLY B 241 24.28 -2.33 -6.22
N ASP B 242 24.40 -1.08 -5.78
CA ASP B 242 23.30 -0.12 -5.77
C ASP B 242 23.91 1.28 -5.81
N VAL B 243 23.06 2.27 -6.06
CA VAL B 243 23.54 3.64 -6.14
C VAL B 243 23.97 4.15 -4.77
N LYS B 244 24.83 5.17 -4.79
CA LYS B 244 25.53 5.59 -3.58
C LYS B 244 24.58 6.08 -2.49
N TYR B 245 23.40 6.61 -2.86
CA TYR B 245 22.48 7.16 -1.87
C TYR B 245 21.49 6.13 -1.35
N HIS B 246 21.67 4.85 -1.67
CA HIS B 246 20.89 3.79 -1.03
C HIS B 246 21.69 3.04 0.04
N GLN B 247 22.98 3.36 0.21
CA GLN B 247 23.82 2.60 1.11
C GLN B 247 23.52 2.92 2.58
N GLY B 248 23.74 1.92 3.43
CA GLY B 248 23.70 2.08 4.86
C GLY B 248 25.08 2.15 5.50
N PHE B 249 25.08 2.33 6.83
CA PHE B 249 26.34 2.52 7.53
C PHE B 249 26.16 2.21 9.01
N SER B 250 27.29 2.01 9.70
CA SER B 250 27.32 1.69 11.11
C SER B 250 28.50 2.39 11.76
N ALA B 251 28.31 2.85 13.00
CA ALA B 251 29.37 3.55 13.73
C ALA B 251 29.00 3.64 15.20
N ASP B 252 30.04 3.79 16.02
CA ASP B 252 29.87 4.30 17.38
C ASP B 252 29.99 5.82 17.37
N PHE B 253 29.33 6.47 18.33
CA PHE B 253 29.16 7.92 18.32
C PHE B 253 29.24 8.44 19.76
N ALA B 254 30.29 9.20 20.06
CA ALA B 254 30.46 9.71 21.41
C ALA B 254 29.35 10.69 21.78
N THR B 255 28.77 10.53 22.94
CA THR B 255 27.74 11.42 23.46
C THR B 255 28.11 11.73 24.90
N PRO B 256 27.55 12.79 25.50
CA PRO B 256 27.91 13.09 26.89
C PRO B 256 27.63 11.94 27.84
N GLY B 257 26.65 11.11 27.55
CA GLY B 257 26.43 9.89 28.30
C GLY B 257 27.21 8.67 27.87
N GLY B 258 28.08 8.77 26.87
CA GLY B 258 28.89 7.65 26.43
C GLY B 258 28.61 7.24 25.00
N ASP B 259 29.32 6.20 24.56
CA ASP B 259 29.18 5.70 23.20
C ASP B 259 27.78 5.14 22.97
N VAL B 260 27.26 5.38 21.78
CA VAL B 260 25.98 4.85 21.35
C VAL B 260 26.21 4.25 19.97
N HIS B 261 25.70 3.04 19.74
CA HIS B 261 25.78 2.47 18.42
C HIS B 261 24.82 3.18 17.47
N LEU B 262 25.25 3.38 16.22
CA LEU B 262 24.46 4.03 15.17
C LEU B 262 24.37 3.10 13.97
N ALA B 263 23.17 3.04 13.39
CA ALA B 263 22.92 2.17 12.25
C ALA B 263 22.01 2.91 11.27
N LEU B 264 22.48 3.09 10.05
CA LEU B 264 21.70 3.68 8.98
C LEU B 264 21.34 2.58 7.99
N ALA B 265 20.05 2.34 7.80
CA ALA B 265 19.60 1.22 6.98
C ALA B 265 19.90 1.45 5.50
N PHE B 266 20.22 0.35 4.81
CA PHE B 266 20.06 0.32 3.36
C PHE B 266 18.57 0.41 3.02
N ASN B 267 18.27 1.08 1.90
CA ASN B 267 16.90 1.17 1.40
C ASN B 267 16.94 1.18 -0.11
N PRO B 268 15.81 0.84 -0.79
CA PRO B 268 15.74 1.02 -2.24
C PRO B 268 15.23 2.40 -2.61
N SER B 269 14.97 2.63 -3.90
CA SER B 269 14.42 3.90 -4.34
C SER B 269 12.98 4.09 -3.88
N HIS B 270 12.21 3.02 -3.65
CA HIS B 270 10.82 3.17 -3.22
C HIS B 270 10.78 3.89 -1.88
N LEU B 271 9.89 4.87 -1.76
CA LEU B 271 10.18 6.01 -0.90
C LEU B 271 9.96 5.74 0.59
N GLU B 272 8.83 5.20 0.99
CA GLU B 272 8.57 5.11 2.42
C GLU B 272 8.77 3.71 2.99
N ILE B 273 9.09 2.73 2.13
CA ILE B 273 9.04 1.34 2.52
C ILE B 273 10.12 0.97 3.53
N VAL B 274 11.22 1.73 3.60
CA VAL B 274 12.27 1.40 4.57
C VAL B 274 11.77 1.55 6.00
N ASN B 275 10.79 2.42 6.21
CA ASN B 275 10.31 2.68 7.57
C ASN B 275 9.81 1.43 8.29
N PRO B 276 8.91 0.62 7.72
CA PRO B 276 8.53 -0.62 8.41
C PRO B 276 9.71 -1.54 8.66
N VAL B 277 10.70 -1.56 7.76
CA VAL B 277 11.85 -2.44 7.93
C VAL B 277 12.68 -2.00 9.13
N VAL B 278 12.84 -0.70 9.32
CA VAL B 278 13.60 -0.24 10.46
C VAL B 278 12.86 -0.55 11.75
N MET B 279 11.52 -0.51 11.74
CA MET B 279 10.78 -0.87 12.95
C MET B 279 11.02 -2.32 13.34
N GLY B 280 11.14 -3.22 12.35
CA GLY B 280 11.43 -4.60 12.67
C GLY B 280 12.84 -4.83 13.13
N SER B 281 13.78 -3.99 12.69
CA SER B 281 15.16 -4.13 13.12
C SER B 281 15.31 -3.74 14.58
N VAL B 282 14.75 -2.59 14.98
CA VAL B 282 14.92 -2.21 16.37
C VAL B 282 14.10 -3.11 17.27
N ARG B 283 12.97 -3.63 16.78
CA ARG B 283 12.20 -4.56 17.59
C ARG B 283 13.00 -5.82 17.86
N ALA B 284 13.71 -6.32 16.84
CA ALA B 284 14.59 -7.45 17.07
C ALA B 284 15.71 -7.09 18.03
N ARG B 285 16.18 -5.85 17.99
CA ARG B 285 17.17 -5.41 18.96
C ARG B 285 16.56 -5.32 20.35
N GLN B 286 15.39 -4.69 20.46
CA GLN B 286 14.75 -4.59 21.77
C GLN B 286 14.44 -5.98 22.31
N ASP B 287 14.07 -6.92 21.45
CA ASP B 287 13.82 -8.29 21.89
C ASP B 287 15.10 -8.95 22.36
N ARG B 288 16.18 -8.82 21.59
CA ARG B 288 17.43 -9.47 21.99
C ARG B 288 18.00 -8.87 23.26
N LEU B 289 17.80 -7.58 23.50
CA LEU B 289 18.35 -6.94 24.68
C LEU B 289 17.49 -7.10 25.92
N GLY B 290 16.29 -7.63 25.80
CA GLY B 290 15.43 -7.68 26.94
C GLY B 290 14.87 -6.33 27.30
N ASP B 291 14.70 -5.47 26.30
CA ASP B 291 14.13 -4.15 26.46
C ASP B 291 12.63 -4.13 26.18
N ASP B 292 11.85 -4.35 27.21
CA ASP B 292 10.39 -4.48 27.17
C ASP B 292 9.61 -3.31 26.76
N ASP B 293 10.13 -2.18 27.19
CA ASP B 293 9.69 -0.84 26.88
C ASP B 293 10.83 -0.40 26.07
N GLY B 294 10.69 0.08 24.86
CA GLY B 294 11.87 0.35 24.09
C GLY B 294 12.63 1.60 24.42
N SER B 295 13.33 1.58 25.53
CA SER B 295 14.08 2.68 26.01
C SER B 295 15.57 2.54 25.81
N LYS B 296 16.01 1.44 25.28
CA LYS B 296 17.43 1.34 25.02
C LYS B 296 17.78 1.53 23.55
N VAL B 297 16.83 1.34 22.65
CA VAL B 297 17.06 1.43 21.21
C VAL B 297 16.07 2.43 20.63
N LEU B 298 16.59 3.50 20.03
CA LEU B 298 15.74 4.56 19.51
C LEU B 298 15.56 4.40 18.01
N PRO B 299 14.33 4.16 17.51
CA PRO B 299 14.09 4.22 16.07
C PRO B 299 13.85 5.65 15.61
N ILE B 300 14.39 5.98 14.44
CA ILE B 300 14.22 7.30 13.83
C ILE B 300 13.93 7.12 12.36
N THR B 301 12.90 7.79 11.86
CA THR B 301 12.57 7.74 10.45
C THR B 301 12.49 9.15 9.89
N ILE B 302 13.04 9.35 8.70
CA ILE B 302 13.09 10.65 8.04
C ILE B 302 12.31 10.55 6.74
N HIS B 303 11.42 11.51 6.49
CA HIS B 303 10.49 11.45 5.37
C HIS B 303 10.52 12.75 4.58
N GLY B 304 10.21 12.65 3.28
CA GLY B 304 9.89 13.82 2.48
C GLY B 304 8.43 14.22 2.60
N ASP B 305 8.15 15.50 2.30
CA ASP B 305 6.79 16.02 2.50
C ASP B 305 5.79 15.36 1.57
N SER B 306 6.18 15.08 0.34
CA SER B 306 5.22 14.45 -0.56
C SER B 306 5.06 12.97 -0.28
N ALA B 307 6.14 12.27 0.04
CA ALA B 307 6.05 10.83 0.21
C ALA B 307 5.22 10.45 1.44
N ILE B 308 5.37 11.20 2.55
CA ILE B 308 4.72 10.82 3.78
C ILE B 308 3.21 11.00 3.67
N ALA B 309 2.76 11.87 2.78
CA ALA B 309 1.32 12.05 2.62
C ALA B 309 0.73 11.03 1.66
N GLY B 310 1.45 10.71 0.58
CA GLY B 310 0.91 9.84 -0.45
C GLY B 310 0.98 8.34 -0.20
N GLN B 311 2.00 7.88 0.55
CA GLN B 311 2.25 6.45 0.67
C GLN B 311 1.45 5.87 1.83
N GLY B 312 0.73 4.77 1.55
CA GLY B 312 -0.13 4.20 2.57
C GLY B 312 0.58 3.36 3.59
N VAL B 313 1.81 2.94 3.28
CA VAL B 313 2.63 2.20 4.24
C VAL B 313 2.95 3.09 5.43
N VAL B 314 2.93 4.41 5.26
CA VAL B 314 3.08 5.30 6.40
C VAL B 314 1.96 5.07 7.41
N ALA B 315 0.71 5.04 6.93
CA ALA B 315 -0.41 4.79 7.85
C ALA B 315 -0.41 3.35 8.37
N GLU B 316 0.09 2.40 7.59
CA GLU B 316 0.16 1.03 8.07
C GLU B 316 1.13 0.91 9.26
N THR B 317 2.24 1.65 9.21
CA THR B 317 3.19 1.59 10.30
C THR B 317 2.69 2.35 11.51
N PHE B 318 1.97 3.46 11.29
CA PHE B 318 1.37 4.15 12.43
C PHE B 318 0.36 3.25 13.14
N ASN B 319 -0.33 2.40 12.37
CA ASN B 319 -1.27 1.46 12.95
C ASN B 319 -0.56 0.37 13.75
N MET B 320 0.71 0.10 13.45
CA MET B 320 1.51 -0.87 14.18
C MET B 320 2.22 -0.29 15.40
N SER B 321 2.20 1.03 15.59
CA SER B 321 3.06 1.61 16.61
C SER B 321 2.72 1.14 18.02
N GLN B 322 1.47 0.79 18.28
CA GLN B 322 1.08 0.28 19.59
C GLN B 322 0.54 -1.15 19.54
N ALA B 323 0.55 -1.79 18.38
CA ALA B 323 0.20 -3.19 18.32
C ALA B 323 1.24 -4.02 19.05
N ARG B 324 0.79 -4.94 19.91
CA ARG B 324 1.76 -5.81 20.56
C ARG B 324 2.33 -6.71 19.47
N GLY B 325 3.62 -6.98 19.56
CA GLY B 325 4.28 -7.74 18.51
C GLY B 325 4.83 -6.90 17.38
N PHE B 326 4.57 -5.60 17.36
CA PHE B 326 5.28 -4.69 16.48
C PHE B 326 5.70 -3.42 17.18
N CYS B 327 5.15 -3.11 18.35
CA CYS B 327 5.47 -1.88 19.05
C CYS B 327 6.95 -1.85 19.41
N VAL B 328 7.60 -0.71 19.15
CA VAL B 328 8.99 -0.46 19.51
C VAL B 328 9.10 0.69 20.51
N GLY B 329 8.01 1.03 21.18
CA GLY B 329 8.04 2.10 22.16
C GLY B 329 7.96 3.49 21.58
N GLY B 330 7.59 3.62 20.31
CA GLY B 330 7.48 4.92 19.68
C GLY B 330 8.68 5.25 18.81
N THR B 331 8.42 5.91 17.69
CA THR B 331 9.45 6.31 16.75
C THR B 331 9.47 7.83 16.67
N VAL B 332 10.67 8.41 16.65
CA VAL B 332 10.80 9.82 16.30
C VAL B 332 10.79 9.92 14.78
N ARG B 333 9.82 10.65 14.23
CA ARG B 333 9.67 10.80 12.79
C ARG B 333 9.93 12.23 12.34
N VAL B 334 10.88 12.42 11.43
CA VAL B 334 11.27 13.74 10.95
C VAL B 334 10.83 13.87 9.49
N VAL B 335 10.11 14.94 9.19
CA VAL B 335 9.77 15.26 7.81
C VAL B 335 10.70 16.36 7.32
N VAL B 336 11.36 16.10 6.20
CA VAL B 336 12.08 17.14 5.48
C VAL B 336 11.03 17.79 4.60
N ASN B 337 10.36 18.80 5.16
CA ASN B 337 9.26 19.48 4.50
C ASN B 337 9.78 20.69 3.72
N ASN B 338 10.31 20.42 2.52
CA ASN B 338 10.80 21.47 1.62
C ASN B 338 9.72 21.99 0.68
N GLN B 339 8.45 21.68 0.95
CA GLN B 339 7.31 22.29 0.27
C GLN B 339 7.28 22.01 -1.22
N VAL B 340 7.92 20.92 -1.66
CA VAL B 340 7.90 20.52 -3.06
C VAL B 340 8.25 19.04 -3.12
N GLY B 341 7.67 18.36 -4.10
CA GLY B 341 8.04 17.00 -4.40
C GLY B 341 8.28 16.88 -5.89
N PHE B 342 9.54 16.75 -6.27
CA PHE B 342 9.96 16.79 -7.66
C PHE B 342 9.44 18.08 -8.31
N THR B 343 8.54 18.03 -9.28
CA THR B 343 8.04 19.25 -9.91
C THR B 343 6.70 19.73 -9.34
N THR B 344 6.13 19.03 -8.36
CA THR B 344 4.82 19.36 -7.83
C THR B 344 4.97 20.15 -6.52
N SER B 345 4.44 21.39 -6.51
CA SER B 345 4.48 22.22 -5.31
C SER B 345 3.11 22.73 -4.88
N ASN B 346 2.10 22.65 -5.73
CA ASN B 346 0.75 23.08 -5.37
C ASN B 346 0.21 22.16 -4.29
N PRO B 347 -0.23 22.68 -3.14
CA PRO B 347 -0.77 21.80 -2.09
C PRO B 347 -1.99 20.99 -2.53
N ARG B 348 -2.80 21.54 -3.43
CA ARG B 348 -4.01 20.85 -3.87
C ARG B 348 -3.71 19.64 -4.75
N ASP B 349 -2.49 19.53 -5.27
CA ASP B 349 -2.11 18.36 -6.04
C ASP B 349 -1.38 17.28 -5.23
N THR B 350 -0.82 17.60 -4.08
CA THR B 350 -0.02 16.62 -3.32
C THR B 350 -0.78 15.95 -2.20
N ARG B 351 -1.78 16.61 -1.63
CA ARG B 351 -2.41 16.15 -0.40
C ARG B 351 -3.79 16.80 -0.28
N SER B 352 -4.54 16.39 0.74
CA SER B 352 -5.86 16.95 0.95
C SER B 352 -5.96 17.81 2.21
N THR B 353 -4.83 18.16 2.83
CA THR B 353 -4.87 18.88 4.10
C THR B 353 -3.78 19.94 4.14
N MET B 354 -3.87 20.81 5.14
CA MET B 354 -2.92 21.92 5.25
C MET B 354 -1.49 21.42 5.43
N TYR B 355 -1.30 20.34 6.18
CA TYR B 355 0.03 19.82 6.48
C TYR B 355 0.23 18.43 5.90
N CYS B 356 1.45 18.17 5.45
CA CYS B 356 1.77 16.83 4.97
C CYS B 356 1.73 15.81 6.10
N THR B 357 1.84 16.26 7.35
CA THR B 357 1.95 15.42 8.53
C THR B 357 0.61 15.08 9.18
N ASP B 358 -0.53 15.47 8.62
CA ASP B 358 -1.80 15.27 9.29
C ASP B 358 -2.16 13.80 9.47
N ILE B 359 -1.54 12.90 8.70
CA ILE B 359 -1.73 11.46 8.89
C ILE B 359 -1.33 11.03 10.29
N ALA B 360 -0.40 11.76 10.91
CA ALA B 360 0.07 11.40 12.24
C ALA B 360 -1.04 11.47 13.28
N LYS B 361 -2.10 12.22 13.00
CA LYS B 361 -3.20 12.34 13.94
C LYS B 361 -3.96 11.03 14.12
N MET B 362 -3.80 10.08 13.20
CA MET B 362 -4.52 8.82 13.35
C MET B 362 -4.13 8.15 14.65
N VAL B 363 -2.91 8.37 15.14
CA VAL B 363 -2.45 7.84 16.41
C VAL B 363 -2.29 8.93 17.47
N GLN B 364 -2.86 10.12 17.26
CA GLN B 364 -2.78 11.21 18.23
C GLN B 364 -1.33 11.61 18.54
N ALA B 365 -0.47 11.56 17.54
CA ALA B 365 0.91 12.00 17.71
C ALA B 365 0.98 13.52 17.78
N PRO B 366 1.69 14.09 18.75
CA PRO B 366 1.97 15.52 18.71
C PRO B 366 2.88 15.85 17.54
N ILE B 367 2.71 17.03 16.98
CA ILE B 367 3.43 17.41 15.76
C ILE B 367 4.03 18.77 15.97
N PHE B 368 5.34 18.86 15.88
CA PHE B 368 6.09 20.11 16.07
C PHE B 368 6.58 20.58 14.72
N HIS B 369 5.83 21.47 14.09
CA HIS B 369 6.35 22.20 12.95
C HIS B 369 7.40 23.20 13.41
N VAL B 370 8.48 23.32 12.65
CA VAL B 370 9.53 24.25 13.06
C VAL B 370 10.22 24.82 11.81
N ASN B 371 10.45 26.13 11.84
CA ASN B 371 11.16 26.82 10.76
C ASN B 371 12.62 26.39 10.76
N ALA B 372 13.12 25.97 9.61
CA ALA B 372 14.47 25.44 9.53
C ALA B 372 15.55 26.52 9.53
N ASP B 373 15.18 27.79 9.42
CA ASP B 373 16.14 28.89 9.55
C ASP B 373 16.36 29.28 11.00
N ASP B 374 15.81 28.53 11.95
CA ASP B 374 15.97 28.80 13.38
C ASP B 374 16.50 27.52 14.04
N PRO B 375 17.80 27.26 13.91
CA PRO B 375 18.38 26.01 14.43
C PRO B 375 18.20 25.84 15.93
N GLU B 376 18.22 26.92 16.69
CA GLU B 376 17.95 26.78 18.12
C GLU B 376 16.50 26.33 18.35
N ALA B 377 15.56 26.80 17.52
CA ALA B 377 14.22 26.25 17.58
C ALA B 377 14.19 24.79 17.14
N VAL B 378 15.06 24.40 16.20
CA VAL B 378 15.11 23.01 15.77
C VAL B 378 15.65 22.12 16.89
N ALA B 379 16.74 22.54 17.52
CA ALA B 379 17.30 21.77 18.64
C ALA B 379 16.37 21.74 19.84
N PHE B 380 15.63 22.82 20.07
CA PHE B 380 14.74 22.86 21.23
C PHE B 380 13.56 21.92 21.06
N VAL B 381 12.95 21.93 19.87
CA VAL B 381 11.88 21.00 19.54
C VAL B 381 12.40 19.56 19.46
N THR B 382 13.66 19.36 19.06
CA THR B 382 14.21 18.02 18.97
C THR B 382 14.39 17.38 20.35
N ARG B 383 14.85 18.15 21.32
CA ARG B 383 14.92 17.62 22.68
C ARG B 383 13.52 17.33 23.22
N ILE B 384 12.55 18.17 22.89
CA ILE B 384 11.19 17.93 23.37
C ILE B 384 10.62 16.66 22.76
N ALA B 385 10.89 16.43 21.47
CA ALA B 385 10.32 15.25 20.81
C ALA B 385 10.87 13.96 21.40
N LEU B 386 12.17 13.92 21.67
CA LEU B 386 12.76 12.71 22.24
C LEU B 386 12.27 12.50 23.67
N ASP B 387 12.22 13.58 24.45
CA ASP B 387 11.74 13.44 25.82
C ASP B 387 10.30 12.98 25.84
N TYR B 388 9.49 13.43 24.87
CA TYR B 388 8.11 12.97 24.80
C TYR B 388 8.06 11.48 24.48
N ARG B 389 8.83 11.05 23.48
CA ARG B 389 8.81 9.65 23.10
C ARG B 389 9.29 8.75 24.23
N ASN B 390 10.22 9.22 25.06
CA ASN B 390 10.67 8.37 26.16
C ASN B 390 9.73 8.43 27.36
N GLU B 391 9.04 9.54 27.59
CA GLU B 391 8.10 9.57 28.70
C GLU B 391 6.86 8.73 28.42
N PHE B 392 6.33 8.81 27.21
CA PHE B 392 5.04 8.20 26.90
C PHE B 392 5.14 7.05 25.92
N LYS B 393 6.32 6.74 25.42
CA LYS B 393 6.55 5.58 24.56
C LYS B 393 5.58 5.58 23.39
N ARG B 394 5.44 6.75 22.76
CA ARG B 394 4.52 6.96 21.65
C ARG B 394 5.21 7.75 20.55
N ASP B 395 4.70 7.60 19.33
CA ASP B 395 5.27 8.27 18.17
C ASP B 395 5.14 9.79 18.28
N VAL B 396 6.15 10.49 17.74
CA VAL B 396 6.21 11.94 17.71
C VAL B 396 6.79 12.37 16.37
N VAL B 397 6.33 13.50 15.85
CA VAL B 397 6.72 13.95 14.53
C VAL B 397 7.38 15.31 14.63
N ILE B 398 8.51 15.47 13.94
CA ILE B 398 9.18 16.75 13.79
C ILE B 398 9.05 17.16 12.34
N ASP B 399 8.25 18.20 12.10
CA ASP B 399 8.05 18.80 10.78
C ASP B 399 9.09 19.89 10.61
N LEU B 400 10.15 19.60 9.83
CA LEU B 400 11.24 20.56 9.58
C LEU B 400 10.89 21.31 8.31
N VAL B 401 10.30 22.50 8.47
CA VAL B 401 9.84 23.28 7.32
C VAL B 401 11.02 24.03 6.72
N CYS B 402 11.30 23.78 5.44
CA CYS B 402 12.52 24.27 4.85
C CYS B 402 12.32 24.55 3.36
N TYR B 403 13.38 24.44 2.56
CA TYR B 403 13.27 24.61 1.13
C TYR B 403 14.33 23.75 0.48
N ARG B 404 14.15 23.50 -0.81
CA ARG B 404 15.09 22.72 -1.61
C ARG B 404 15.89 23.71 -2.46
N ARG B 405 17.19 23.87 -2.16
CA ARG B 405 17.96 24.95 -2.77
C ARG B 405 18.11 24.78 -4.28
N HIS B 406 18.27 23.53 -4.75
CA HIS B 406 18.47 23.27 -6.16
C HIS B 406 17.20 22.66 -6.74
N GLY B 407 17.33 22.02 -7.89
CA GLY B 407 16.23 21.28 -8.47
C GLY B 407 16.06 20.00 -7.69
N HIS B 408 15.10 19.17 -8.14
CA HIS B 408 14.85 17.92 -7.44
C HIS B 408 16.11 17.09 -7.38
N ASN B 409 16.91 17.14 -8.44
CA ASN B 409 18.28 16.72 -8.45
C ASN B 409 19.03 17.78 -9.23
N GLU B 410 20.36 17.68 -9.22
CA GLU B 410 21.20 18.75 -9.73
C GLU B 410 21.21 18.84 -11.25
N ALA B 411 20.69 17.83 -11.96
CA ALA B 411 20.54 17.87 -13.40
C ALA B 411 19.20 18.44 -13.86
N ASP B 412 18.30 18.76 -12.94
CA ASP B 412 16.95 19.18 -13.28
C ASP B 412 16.79 20.69 -13.17
N GLU B 413 15.88 21.26 -13.99
CA GLU B 413 15.61 22.69 -13.93
C GLU B 413 14.30 22.95 -13.21
N PRO B 414 14.33 23.52 -12.00
CA PRO B 414 13.07 23.69 -11.24
C PRO B 414 12.30 24.95 -11.60
N ASN B 415 12.91 25.89 -12.30
CA ASN B 415 12.26 27.16 -12.60
C ASN B 415 11.08 26.98 -13.55
N ALA B 416 11.14 25.96 -14.41
CA ALA B 416 10.09 25.74 -15.40
C ALA B 416 8.74 25.44 -14.74
N THR B 417 8.74 24.91 -13.53
CA THR B 417 7.51 24.55 -12.83
C THR B 417 7.30 25.25 -11.50
N GLN B 418 8.34 25.82 -10.88
CA GLN B 418 8.19 26.62 -9.67
C GLN B 418 8.94 27.94 -9.82
N PRO B 419 8.52 28.79 -10.76
CA PRO B 419 9.27 30.04 -10.97
C PRO B 419 9.34 30.94 -9.75
N LEU B 420 8.27 31.04 -8.98
CA LEU B 420 8.28 32.02 -7.91
C LEU B 420 9.10 31.53 -6.74
N MET B 421 9.02 30.24 -6.44
CA MET B 421 9.78 29.70 -5.32
C MET B 421 11.27 29.85 -5.55
N TYR B 422 11.72 29.69 -6.79
CA TYR B 422 13.15 29.77 -7.01
C TYR B 422 13.65 31.18 -7.31
N GLN B 423 12.76 32.12 -7.66
CA GLN B 423 13.16 33.51 -7.59
C GLN B 423 13.35 33.95 -6.13
N LYS B 424 12.65 33.30 -5.20
CA LYS B 424 12.77 33.62 -3.79
C LYS B 424 13.96 32.89 -3.15
N ILE B 425 14.18 31.64 -3.53
CA ILE B 425 15.35 30.91 -3.03
C ILE B 425 16.63 31.54 -3.56
N LYS B 426 16.59 32.07 -4.77
CA LYS B 426 17.79 32.61 -5.40
C LYS B 426 18.33 33.81 -4.64
N LYS B 427 17.46 34.53 -3.93
CA LYS B 427 17.89 35.62 -3.06
C LYS B 427 17.77 35.30 -1.58
N HIS B 428 17.69 34.02 -1.21
CA HIS B 428 17.57 33.64 0.19
C HIS B 428 18.92 33.16 0.71
N PRO B 429 19.46 33.81 1.73
CA PRO B 429 20.72 33.36 2.32
C PRO B 429 20.57 32.02 3.03
N THR B 430 21.67 31.28 3.07
CA THR B 430 21.71 29.94 3.66
C THR B 430 21.51 29.97 5.17
N PRO B 431 21.02 28.87 5.75
CA PRO B 431 20.83 28.82 7.21
C PRO B 431 22.11 29.05 8.00
N ARG B 432 23.27 28.62 7.48
CA ARG B 432 24.54 28.87 8.15
C ARG B 432 24.82 30.38 8.25
N LYS B 433 24.70 31.11 7.18
CA LYS B 433 24.90 32.53 7.25
C LYS B 433 23.90 33.22 8.11
N LEU B 434 22.67 32.81 8.04
CA LEU B 434 21.67 33.40 8.84
C LEU B 434 21.85 33.19 10.30
N TYR B 435 22.20 32.00 10.72
CA TYR B 435 22.50 31.76 12.13
C TYR B 435 23.79 32.47 12.56
N ALA B 436 24.80 32.50 11.70
CA ALA B 436 26.02 33.20 12.06
C ALA B 436 25.75 34.68 12.26
N ASP B 437 24.81 35.25 11.49
CA ASP B 437 24.47 36.65 11.68
C ASP B 437 23.81 36.91 13.03
N VAL B 438 23.04 35.94 13.52
CA VAL B 438 22.34 36.13 14.79
C VAL B 438 23.29 36.02 15.96
N LEU B 439 24.18 35.03 15.94
CA LEU B 439 25.17 34.91 17.01
C LEU B 439 26.10 36.13 17.06
N ILE B 440 26.40 36.72 15.89
CA ILE B 440 27.27 37.90 15.87
C ILE B 440 26.51 39.13 16.36
N ASP B 441 25.25 39.29 15.93
CA ASP B 441 24.48 40.45 16.37
C ASP B 441 24.28 40.46 17.87
N ARG B 442 24.16 39.29 18.49
CA ARG B 442 23.99 39.19 19.94
C ARG B 442 25.31 39.10 20.68
N ASN B 443 26.43 39.23 19.96
CA ASN B 443 27.79 39.13 20.50
C ASN B 443 28.07 37.78 21.15
N GLU B 444 27.35 36.75 20.73
CA GLU B 444 27.63 35.38 21.14
C GLU B 444 28.65 34.70 20.23
N CYS B 445 29.09 35.37 19.17
CA CYS B 445 30.09 34.83 18.27
C CYS B 445 30.67 35.98 17.46
N ASP B 446 31.81 35.72 16.83
CA ASP B 446 32.48 36.71 16.00
C ASP B 446 32.64 36.16 14.60
N ILE B 447 32.77 37.09 13.64
CA ILE B 447 32.81 36.70 12.23
C ILE B 447 34.03 35.86 11.91
N GLU B 448 35.15 36.07 12.63
CA GLU B 448 36.34 35.29 12.36
C GLU B 448 36.17 33.83 12.73
N THR B 449 35.40 33.54 13.79
CA THR B 449 35.18 32.15 14.17
C THR B 449 34.32 31.42 13.15
N ALA B 450 33.25 32.08 12.67
CA ALA B 450 32.39 31.47 11.66
C ALA B 450 33.12 31.30 10.32
N THR B 451 33.99 32.25 9.96
CA THR B 451 34.72 32.11 8.71
C THR B 451 35.67 30.94 8.75
N GLN B 452 36.38 30.76 9.89
CA GLN B 452 37.36 29.68 9.98
C GLN B 452 36.70 28.31 9.94
N MET B 453 35.47 28.19 10.47
CA MET B 453 34.78 26.91 10.36
C MET B 453 34.54 26.55 8.91
N VAL B 454 34.23 27.54 8.08
CA VAL B 454 33.99 27.26 6.68
C VAL B 454 35.26 26.74 6.03
N ASN B 455 36.40 27.34 6.38
CA ASN B 455 37.65 27.00 5.73
C ASN B 455 38.29 25.77 6.37
N GLU B 456 38.19 25.61 7.69
CA GLU B 456 38.72 24.39 8.28
C GLU B 456 37.98 23.17 7.79
N TYR B 457 36.68 23.31 7.54
CA TYR B 457 35.91 22.17 7.05
C TYR B 457 36.27 21.82 5.62
N ARG B 458 36.51 22.83 4.77
CA ARG B 458 36.91 22.53 3.41
C ARG B 458 38.28 21.87 3.37
N ASP B 459 39.19 22.26 4.27
CA ASP B 459 40.49 21.59 4.35
C ASP B 459 40.35 20.16 4.86
N ALA B 460 39.42 19.94 5.80
CA ALA B 460 39.23 18.57 6.27
C ALA B 460 38.68 17.69 5.15
N LEU B 461 37.81 18.23 4.31
CA LEU B 461 37.31 17.47 3.17
C LEU B 461 38.40 17.22 2.12
N ASP B 462 39.32 18.17 1.93
CA ASP B 462 40.42 17.95 0.99
C ASP B 462 41.33 16.82 1.46
N HIS B 463 41.56 16.72 2.77
CA HIS B 463 42.37 15.62 3.27
C HIS B 463 41.61 14.30 3.21
N GLY B 464 40.28 14.34 3.27
CA GLY B 464 39.47 13.16 3.05
C GLY B 464 39.24 12.26 4.25
N GLU B 465 39.70 12.63 5.43
CA GLU B 465 39.50 11.82 6.62
C GLU B 465 38.14 12.12 7.26
N VAL B 466 37.76 11.28 8.23
CA VAL B 466 36.49 11.44 8.92
C VAL B 466 36.40 12.83 9.55
N VAL B 467 35.24 13.47 9.36
CA VAL B 467 35.00 14.83 9.82
C VAL B 467 34.05 14.88 11.01
N VAL B 468 33.59 13.74 11.52
CA VAL B 468 32.72 13.71 12.69
C VAL B 468 33.62 13.57 13.93
N LYS B 469 33.64 14.61 14.77
CA LYS B 469 34.49 14.57 15.97
C LYS B 469 34.03 13.50 16.93
N GLU B 470 32.73 13.21 16.95
CA GLU B 470 32.16 12.26 17.90
C GLU B 470 32.28 10.80 17.45
N TRP B 471 32.71 10.55 16.22
CA TRP B 471 32.77 9.18 15.70
C TRP B 471 33.81 8.36 16.45
N ARG B 472 33.47 7.10 16.73
CA ARG B 472 34.39 6.15 17.35
C ARG B 472 34.39 4.84 16.60
N PRO B 473 35.54 4.16 16.53
CA PRO B 473 35.55 2.81 15.97
C PRO B 473 34.72 1.84 16.79
N MET B 474 34.04 0.92 16.11
CA MET B 474 33.16 -0.04 16.79
C MET B 474 33.97 -1.08 17.56
N ALA B 475 33.48 -1.44 18.73
CA ALA B 475 34.07 -2.50 19.54
C ALA B 475 33.50 -3.86 19.13
N LEU B 476 34.29 -4.90 19.37
CA LEU B 476 33.90 -6.26 19.02
C LEU B 476 32.70 -6.74 19.84
N TRP B 481 30.61 -11.12 14.36
CA TRP B 481 30.28 -10.97 12.94
C TRP B 481 30.89 -12.09 12.08
N SER B 482 31.18 -13.24 12.69
CA SER B 482 31.99 -14.23 11.99
C SER B 482 31.30 -15.51 11.53
N PRO B 483 30.19 -15.97 12.14
CA PRO B 483 29.54 -17.16 11.57
C PRO B 483 28.88 -16.82 10.24
N TYR B 484 29.63 -16.97 9.15
CA TYR B 484 29.10 -16.61 7.84
C TYR B 484 27.96 -17.55 7.48
N LEU B 485 26.88 -16.96 6.98
CA LEU B 485 25.65 -17.69 6.72
C LEU B 485 25.24 -17.59 5.25
N GLY B 486 26.23 -17.51 4.36
CA GLY B 486 25.98 -17.47 2.94
C GLY B 486 26.32 -18.77 2.24
N HIS B 487 26.44 -19.86 3.01
CA HIS B 487 26.88 -21.12 2.43
C HIS B 487 25.86 -21.63 1.42
N GLU B 488 26.36 -22.48 0.53
CA GLU B 488 25.54 -23.04 -0.55
C GLU B 488 24.39 -23.89 0.00
N TRP B 489 23.29 -23.93 -0.75
CA TRP B 489 22.07 -24.57 -0.29
C TRP B 489 22.23 -26.06 -0.01
N ASP B 490 23.17 -26.73 -0.69
CA ASP B 490 23.39 -28.16 -0.48
C ASP B 490 24.39 -28.46 0.64
N THR B 491 24.66 -27.48 1.51
CA THR B 491 25.55 -27.71 2.64
C THR B 491 24.91 -28.69 3.63
N PRO B 492 25.68 -29.64 4.16
CA PRO B 492 25.14 -30.58 5.15
C PRO B 492 24.73 -29.90 6.45
N TRP B 493 23.73 -30.50 7.11
CA TRP B 493 23.21 -29.98 8.37
C TRP B 493 22.72 -31.14 9.23
N SER B 494 22.53 -30.86 10.52
CA SER B 494 22.16 -31.87 11.52
C SER B 494 20.66 -32.12 11.43
N ASN B 495 20.26 -32.92 10.43
CA ASN B 495 18.85 -33.20 10.23
C ASN B 495 18.25 -34.11 11.31
N THR B 496 19.04 -35.02 11.86
CA THR B 496 18.48 -36.02 12.77
C THR B 496 18.18 -35.42 14.13
N TYR B 497 17.25 -36.04 14.82
CA TYR B 497 16.91 -35.66 16.17
C TYR B 497 16.54 -36.93 16.90
N ASP B 498 16.85 -36.95 18.19
CA ASP B 498 16.60 -38.13 18.99
C ASP B 498 15.10 -38.42 19.01
N LYS B 499 14.72 -39.66 18.73
CA LYS B 499 13.30 -40.02 18.65
C LYS B 499 12.55 -39.97 19.99
N GLN B 500 13.20 -40.32 21.12
CA GLN B 500 12.53 -40.28 22.43
C GLN B 500 12.26 -38.84 22.88
N ARG B 501 13.22 -37.94 22.59
CA ARG B 501 13.04 -36.50 22.80
C ARG B 501 11.96 -35.95 21.91
N LEU B 502 11.89 -36.45 20.67
CA LEU B 502 10.86 -36.01 19.75
C LEU B 502 9.48 -36.45 20.25
N VAL B 503 9.40 -37.62 20.88
CA VAL B 503 8.12 -38.05 21.45
C VAL B 503 7.85 -37.31 22.75
N GLU B 504 8.88 -37.10 23.56
CA GLU B 504 8.70 -36.33 24.80
C GLU B 504 8.32 -34.89 24.51
N LEU B 505 8.84 -34.30 23.44
CA LEU B 505 8.41 -32.97 23.06
C LEU B 505 6.93 -32.99 22.70
N GLY B 506 6.47 -34.05 22.03
CA GLY B 506 5.08 -34.12 21.65
C GLY B 506 4.15 -34.25 22.84
N LYS B 507 4.59 -35.01 23.87
CA LYS B 507 3.75 -35.18 25.06
C LYS B 507 3.58 -33.85 25.78
N ARG B 508 4.63 -33.05 25.84
CA ARG B 508 4.53 -31.75 26.50
C ARG B 508 3.64 -30.79 25.73
N LEU B 509 3.65 -30.89 24.40
CA LEU B 509 2.80 -30.03 23.60
C LEU B 509 1.34 -30.31 23.85
N CYS B 510 0.98 -31.57 24.11
CA CYS B 510 -0.39 -31.94 24.39
C CYS B 510 -0.83 -31.59 25.81
N GLN B 511 0.09 -31.28 26.71
CA GLN B 511 -0.28 -30.96 28.08
C GLN B 511 -0.74 -29.50 28.17
N TYR B 512 -1.83 -29.28 28.89
CA TYR B 512 -2.34 -27.95 29.20
C TYR B 512 -2.87 -27.95 30.62
N PRO B 513 -2.99 -26.77 31.25
CA PRO B 513 -3.43 -26.70 32.66
C PRO B 513 -4.83 -27.27 32.87
N GLU B 514 -5.06 -27.84 34.07
CA GLU B 514 -6.36 -28.45 34.35
C GLU B 514 -7.48 -27.42 34.29
N SER B 515 -7.22 -26.20 34.76
CA SER B 515 -8.24 -25.15 34.76
C SER B 515 -8.58 -24.65 33.36
N HIS B 516 -7.65 -24.76 32.42
CA HIS B 516 -7.93 -24.41 31.02
C HIS B 516 -8.96 -25.36 30.45
N THR B 517 -9.95 -24.82 29.74
CA THR B 517 -10.99 -25.62 29.10
C THR B 517 -10.95 -25.37 27.60
N LEU B 518 -10.67 -26.41 26.83
CA LEU B 518 -10.59 -26.27 25.38
C LEU B 518 -11.98 -26.39 24.76
N HIS B 519 -12.17 -25.68 23.65
CA HIS B 519 -13.33 -25.95 22.81
C HIS B 519 -13.24 -27.38 22.29
N SER B 520 -14.39 -28.05 22.17
CA SER B 520 -14.37 -29.49 21.92
C SER B 520 -13.68 -29.84 20.60
N ARG B 521 -13.71 -28.95 19.62
CA ARG B 521 -12.93 -29.22 18.41
C ARG B 521 -11.43 -29.14 18.68
N VAL B 522 -11.00 -28.27 19.60
CA VAL B 522 -9.58 -28.17 19.90
C VAL B 522 -9.14 -29.33 20.77
N SER B 523 -9.97 -29.72 21.74
CA SER B 523 -9.70 -30.92 22.52
C SER B 523 -9.74 -32.16 21.65
N LYS B 524 -10.58 -32.19 20.63
CA LYS B 524 -10.52 -33.29 19.69
C LYS B 524 -9.19 -33.30 18.96
N LEU B 525 -8.65 -32.12 18.68
CA LEU B 525 -7.40 -32.04 17.94
C LEU B 525 -6.20 -32.43 18.79
N TYR B 526 -6.13 -31.95 20.03
CA TYR B 526 -5.04 -32.35 20.89
C TYR B 526 -5.13 -33.81 21.30
N ASN B 527 -6.34 -34.37 21.37
CA ASN B 527 -6.44 -35.81 21.57
C ASN B 527 -5.86 -36.56 20.38
N ASP B 528 -6.05 -36.03 19.17
CA ASP B 528 -5.41 -36.64 18.01
C ASP B 528 -3.91 -36.48 18.09
N ARG B 529 -3.43 -35.32 18.53
CA ARG B 529 -2.00 -35.16 18.72
C ARG B 529 -1.49 -36.04 19.85
N THR B 530 -2.33 -36.30 20.86
CA THR B 530 -1.95 -37.25 21.91
C THR B 530 -1.82 -38.66 21.36
N ALA B 531 -2.65 -39.00 20.37
CA ALA B 531 -2.55 -40.31 19.73
C ALA B 531 -1.30 -40.40 18.84
N MET B 532 -0.96 -39.31 18.14
CA MET B 532 0.21 -39.32 17.26
C MET B 532 1.50 -39.51 18.05
N THR B 533 1.58 -38.95 19.27
CA THR B 533 2.76 -39.12 20.11
C THR B 533 2.93 -40.55 20.60
N ASN B 534 1.83 -41.29 20.74
CA ASN B 534 1.90 -42.68 21.18
C ASN B 534 2.18 -43.66 20.04
N GLY B 535 2.21 -43.21 18.79
CA GLY B 535 2.33 -44.11 17.68
C GLY B 535 1.01 -44.69 17.19
N GLU B 536 -0.12 -44.33 17.81
CA GLU B 536 -1.41 -44.85 17.41
C GLU B 536 -1.84 -44.33 16.04
N LYS B 537 -1.29 -43.21 15.62
CA LYS B 537 -1.71 -42.54 14.39
C LYS B 537 -0.53 -41.77 13.81
N GLU B 538 -0.43 -41.77 12.49
CA GLU B 538 0.59 -41.00 11.80
C GLU B 538 0.34 -39.51 11.98
N LEU B 539 1.43 -38.74 12.00
CA LEU B 539 1.34 -37.30 12.22
C LEU B 539 0.70 -36.58 11.02
N ASP B 540 -0.12 -35.58 11.31
CA ASP B 540 -0.70 -34.71 10.31
C ASP B 540 0.18 -33.48 10.10
N TRP B 541 -0.22 -32.60 9.17
CA TRP B 541 0.64 -31.48 8.81
C TRP B 541 0.88 -30.55 9.99
N GLY B 542 -0.14 -30.33 10.82
CA GLY B 542 0.03 -29.41 11.94
C GLY B 542 0.90 -29.95 13.04
N MET B 543 0.85 -31.26 13.28
CA MET B 543 1.70 -31.83 14.33
C MET B 543 3.17 -31.80 13.92
N ALA B 544 3.48 -32.12 12.68
CA ALA B 544 4.87 -32.05 12.25
C ALA B 544 5.38 -30.62 12.25
N GLU B 545 4.51 -29.65 11.96
CA GLU B 545 4.91 -28.25 12.00
C GLU B 545 5.17 -27.79 13.43
N THR B 546 4.31 -28.12 14.34
CA THR B 546 4.50 -27.77 15.70
C THR B 546 5.70 -28.47 16.27
N LEU B 547 5.95 -29.68 15.86
CA LEU B 547 7.10 -30.40 16.32
C LEU B 547 8.39 -29.78 15.91
N ALA B 548 8.43 -29.26 14.71
CA ALA B 548 9.56 -28.58 14.19
C ALA B 548 9.81 -27.33 14.96
N TYR B 549 8.80 -26.61 15.31
CA TYR B 549 9.02 -25.45 16.17
C TYR B 549 9.57 -25.86 17.52
N ALA B 550 9.10 -27.00 18.05
CA ALA B 550 9.51 -27.41 19.39
C ALA B 550 10.99 -27.76 19.45
N THR B 551 11.52 -28.42 18.41
CA THR B 551 12.93 -28.74 18.39
C THR B 551 13.80 -27.49 18.28
N LEU B 552 13.27 -26.43 17.68
CA LEU B 552 14.04 -25.20 17.51
C LEU B 552 14.15 -24.42 18.81
N VAL B 553 13.03 -24.24 19.51
CA VAL B 553 13.12 -23.63 20.84
C VAL B 553 13.81 -24.57 21.83
N ASP B 554 13.76 -25.89 21.59
CA ASP B 554 14.42 -26.84 22.48
C ASP B 554 15.94 -26.66 22.48
N ASP B 555 16.50 -26.26 21.33
CA ASP B 555 17.92 -25.96 21.20
C ASP B 555 18.22 -24.50 21.51
N GLY B 556 17.25 -23.75 22.04
CA GLY B 556 17.49 -22.40 22.49
C GLY B 556 17.43 -21.34 21.42
N LYS B 557 16.95 -21.66 20.22
CA LYS B 557 16.82 -20.67 19.16
C LYS B 557 15.45 -19.99 19.21
N ARG B 558 15.42 -18.73 18.78
CA ARG B 558 14.21 -17.93 18.77
C ARG B 558 13.30 -18.30 17.60
N ILE B 559 11.99 -18.19 17.83
CA ILE B 559 10.98 -18.35 16.79
C ILE B 559 10.00 -17.20 16.90
N ARG B 560 9.87 -16.43 15.81
CA ARG B 560 8.88 -15.36 15.69
C ARG B 560 8.04 -15.64 14.46
N ILE B 561 6.76 -15.94 14.69
CA ILE B 561 5.78 -16.17 13.63
C ILE B 561 4.82 -14.99 13.63
N SER B 562 4.38 -14.58 12.44
CA SER B 562 3.52 -13.42 12.29
C SER B 562 2.65 -13.62 11.06
N GLY B 563 1.44 -13.09 11.12
CA GLY B 563 0.49 -13.26 10.03
C GLY B 563 -0.92 -13.25 10.54
N GLN B 564 -1.86 -12.99 9.63
CA GLN B 564 -3.27 -12.88 10.01
C GLN B 564 -3.79 -14.22 10.50
N ASP B 565 -4.38 -14.21 11.70
CA ASP B 565 -4.93 -15.41 12.36
C ASP B 565 -3.90 -16.54 12.44
N SER B 566 -2.63 -16.19 12.56
CA SER B 566 -1.56 -17.19 12.60
C SER B 566 -1.52 -17.95 13.91
N GLY B 567 -2.14 -17.46 14.97
CA GLY B 567 -2.12 -18.21 16.22
C GLY B 567 -2.89 -19.50 16.10
N ARG B 568 -4.14 -19.42 15.65
CA ARG B 568 -4.95 -20.61 15.41
C ARG B 568 -4.63 -21.23 14.06
N GLY B 569 -4.37 -20.41 13.06
CA GLY B 569 -4.23 -20.84 11.70
C GLY B 569 -5.51 -20.60 10.94
N THR B 570 -5.38 -20.11 9.70
CA THR B 570 -6.58 -19.85 8.91
C THR B 570 -7.40 -21.11 8.71
N PHE B 571 -6.74 -22.26 8.61
CA PHE B 571 -7.37 -23.52 8.27
C PHE B 571 -7.52 -24.42 9.48
N PHE B 572 -7.52 -23.84 10.68
CA PHE B 572 -7.86 -24.54 11.91
C PHE B 572 -6.91 -25.71 12.16
N HIS B 573 -5.64 -25.52 11.79
CA HIS B 573 -4.67 -26.60 11.83
C HIS B 573 -3.58 -26.40 12.86
N ARG B 574 -3.25 -25.16 13.19
CA ARG B 574 -2.09 -24.89 14.06
C ARG B 574 -2.50 -24.97 15.53
N HIS B 575 -3.35 -24.03 15.98
CA HIS B 575 -3.78 -23.92 17.37
C HIS B 575 -2.61 -23.77 18.35
N ALA B 576 -1.66 -22.89 17.98
CA ALA B 576 -0.55 -22.59 18.87
C ALA B 576 -0.99 -21.86 20.14
N VAL B 577 -2.09 -21.11 20.08
CA VAL B 577 -2.63 -20.43 21.25
C VAL B 577 -3.92 -21.11 21.65
N LEU B 578 -4.06 -21.43 22.93
CA LEU B 578 -5.25 -22.10 23.45
C LEU B 578 -6.03 -21.12 24.30
N HIS B 579 -7.27 -20.82 23.87
CA HIS B 579 -8.12 -19.89 24.59
C HIS B 579 -9.02 -20.64 25.55
N ASN B 580 -9.02 -20.20 26.81
CA ASN B 580 -9.90 -20.73 27.83
C ASN B 580 -11.35 -20.44 27.47
N GLN B 581 -12.23 -21.43 27.65
CA GLN B 581 -13.63 -21.20 27.35
C GLN B 581 -14.38 -20.53 28.49
N ASN B 582 -13.78 -20.42 29.67
CA ASN B 582 -14.41 -19.82 30.86
C ASN B 582 -14.02 -18.35 31.04
N ASP B 583 -12.73 -18.04 31.05
CA ASP B 583 -12.24 -16.67 30.98
C ASP B 583 -11.46 -16.49 29.67
N ALA B 584 -10.89 -15.32 29.46
CA ALA B 584 -10.22 -15.09 28.19
C ALA B 584 -8.79 -15.61 28.14
N SER B 585 -8.29 -16.23 29.20
CA SER B 585 -6.87 -16.50 29.31
C SER B 585 -6.34 -17.40 28.20
N THR B 586 -5.13 -17.12 27.74
CA THR B 586 -4.46 -17.94 26.75
C THR B 586 -3.40 -18.80 27.42
N TYR B 587 -3.04 -19.88 26.72
CA TYR B 587 -1.92 -20.72 27.11
C TYR B 587 -1.25 -21.18 25.83
N VAL B 588 0.07 -21.06 25.78
CA VAL B 588 0.84 -21.32 24.57
C VAL B 588 1.78 -22.49 24.85
N PRO B 589 1.40 -23.71 24.43
CA PRO B 589 2.23 -24.88 24.72
C PRO B 589 3.66 -24.79 24.19
N LEU B 590 3.89 -24.16 23.04
CA LEU B 590 5.24 -24.06 22.51
C LEU B 590 6.12 -23.14 23.33
N ALA B 591 5.53 -22.21 24.08
CA ALA B 591 6.26 -21.34 24.99
C ALA B 591 6.55 -22.02 26.32
N ASN B 592 6.07 -23.25 26.54
CA ASN B 592 6.19 -23.97 27.80
C ASN B 592 6.87 -25.33 27.64
N ILE B 593 7.77 -25.46 26.66
CA ILE B 593 8.42 -26.75 26.42
C ILE B 593 9.29 -27.12 27.62
N HIS B 594 10.20 -26.23 27.99
CA HIS B 594 11.01 -26.37 29.19
C HIS B 594 11.69 -25.03 29.41
N ASP B 595 12.08 -24.77 30.65
CA ASP B 595 12.83 -23.57 30.92
C ASP B 595 14.17 -23.65 30.20
N LYS B 596 14.73 -22.49 29.87
CA LYS B 596 15.96 -22.31 29.06
C LYS B 596 15.71 -22.52 27.57
N GLN B 597 14.46 -22.69 27.15
CA GLN B 597 14.13 -22.73 25.74
C GLN B 597 14.26 -21.35 25.13
N GLY B 598 14.48 -21.31 23.82
CA GLY B 598 14.46 -20.06 23.11
C GLY B 598 13.05 -19.51 23.17
N PRO B 599 12.92 -18.18 23.14
CA PRO B 599 11.57 -17.60 23.22
C PRO B 599 10.74 -18.02 22.02
N PHE B 600 9.44 -18.23 22.26
CA PHE B 600 8.49 -18.52 21.20
C PHE B 600 7.40 -17.45 21.21
N GLU B 601 7.14 -16.87 20.05
CA GLU B 601 6.08 -15.87 19.91
C GLU B 601 5.33 -16.11 18.62
N VAL B 602 4.00 -16.02 18.69
CA VAL B 602 3.16 -16.10 17.51
C VAL B 602 2.11 -15.00 17.61
N PHE B 603 2.16 -14.04 16.68
CA PHE B 603 1.32 -12.85 16.73
C PHE B 603 0.25 -12.88 15.66
N ASP B 604 -0.97 -12.49 16.05
CA ASP B 604 -2.03 -12.22 15.08
C ASP B 604 -1.74 -10.85 14.51
N SER B 605 -1.37 -10.80 13.23
CA SER B 605 -0.90 -9.56 12.64
C SER B 605 -2.07 -8.63 12.35
N VAL B 606 -1.77 -7.39 12.05
CA VAL B 606 -2.75 -6.42 11.64
C VAL B 606 -3.15 -6.67 10.22
N LEU B 607 -4.17 -6.02 9.72
CA LEU B 607 -4.62 -6.32 8.38
C LEU B 607 -3.80 -5.63 7.40
N SER B 608 -2.57 -5.97 7.43
CA SER B 608 -1.60 -5.41 6.50
C SER B 608 -0.73 -6.54 6.02
N GLU B 609 -0.30 -6.45 4.78
CA GLU B 609 0.73 -7.35 4.33
C GLU B 609 2.00 -6.62 3.92
N GLU B 610 1.89 -5.40 3.40
CA GLU B 610 3.07 -4.64 2.97
C GLU B 610 3.94 -4.25 4.15
N ALA B 611 3.42 -3.44 5.07
CA ALA B 611 4.20 -3.03 6.23
C ALA B 611 4.53 -4.20 7.15
N VAL B 612 3.69 -5.23 7.21
CA VAL B 612 4.02 -6.35 8.08
C VAL B 612 5.17 -7.16 7.51
N LEU B 613 5.11 -7.49 6.21
CA LEU B 613 6.18 -8.29 5.62
C LEU B 613 7.48 -7.51 5.55
N ALA B 614 7.44 -6.18 5.40
CA ALA B 614 8.66 -5.40 5.50
C ALA B 614 9.22 -5.41 6.91
N PHE B 615 8.34 -5.43 7.93
CA PHE B 615 8.79 -5.52 9.33
C PHE B 615 9.49 -6.84 9.61
N GLU B 616 8.92 -7.94 9.14
CA GLU B 616 9.54 -9.24 9.36
C GLU B 616 10.83 -9.38 8.58
N TYR B 617 10.96 -8.66 7.46
CA TYR B 617 12.23 -8.64 6.75
C TYR B 617 13.33 -7.99 7.58
N GLY B 618 12.99 -6.90 8.28
CA GLY B 618 13.96 -6.25 9.13
C GLY B 618 14.23 -7.00 10.41
N TYR B 619 13.27 -7.78 10.88
CA TYR B 619 13.51 -8.63 12.04
C TYR B 619 14.48 -9.75 11.69
N ALA B 620 14.26 -10.39 10.54
CA ALA B 620 15.06 -11.55 10.16
C ALA B 620 16.48 -11.15 9.80
N THR B 621 16.64 -10.01 9.12
CA THR B 621 17.97 -9.58 8.70
C THR B 621 18.81 -9.16 9.90
N ALA B 622 18.19 -8.53 10.90
CA ALA B 622 18.89 -8.09 12.10
C ALA B 622 19.21 -9.24 13.04
N GLU B 623 18.41 -10.30 13.02
CA GLU B 623 18.57 -11.46 13.90
C GLU B 623 18.48 -12.74 13.08
N PRO B 624 19.52 -13.08 12.32
CA PRO B 624 19.50 -14.32 11.52
C PRO B 624 19.41 -15.62 12.30
N SER B 625 19.86 -15.67 13.56
CA SER B 625 20.10 -16.97 14.19
C SER B 625 18.83 -17.81 14.36
N GLY B 626 17.69 -17.17 14.64
CA GLY B 626 16.45 -17.88 14.89
C GLY B 626 15.64 -18.09 13.64
N LEU B 627 14.40 -18.55 13.85
CA LEU B 627 13.41 -18.67 12.79
C LEU B 627 12.49 -17.46 12.83
N THR B 628 12.40 -16.74 11.71
CA THR B 628 11.48 -15.62 11.55
C THR B 628 10.54 -15.96 10.41
N LEU B 629 9.23 -16.01 10.69
CA LEU B 629 8.28 -16.58 9.76
C LEU B 629 7.09 -15.62 9.57
N TRP B 630 6.79 -15.30 8.32
CA TRP B 630 5.57 -14.57 7.99
C TRP B 630 4.62 -15.47 7.22
N GLU B 631 3.33 -15.41 7.55
CA GLU B 631 2.31 -16.29 6.96
C GLU B 631 1.24 -15.46 6.28
N ALA B 632 1.13 -15.56 4.96
CA ALA B 632 -0.02 -15.01 4.27
C ALA B 632 -1.27 -15.83 4.59
N GLN B 633 -2.42 -15.15 4.71
CA GLN B 633 -3.64 -15.90 4.93
C GLN B 633 -4.02 -16.71 3.70
N PHE B 634 -3.75 -16.16 2.53
CA PHE B 634 -3.71 -16.92 1.29
C PHE B 634 -2.54 -16.38 0.49
N GLY B 635 -1.88 -17.24 -0.27
CA GLY B 635 -0.72 -16.79 -1.01
C GLY B 635 -1.06 -15.73 -2.03
N ASP B 636 -2.32 -15.65 -2.40
CA ASP B 636 -2.78 -14.64 -3.36
C ASP B 636 -2.60 -13.24 -2.82
N PHE B 637 -2.59 -13.07 -1.50
CA PHE B 637 -2.53 -11.74 -0.92
C PHE B 637 -1.12 -11.18 -0.76
N ALA B 638 -0.08 -11.96 -1.02
CA ALA B 638 1.27 -11.44 -0.85
C ALA B 638 1.61 -10.33 -1.84
N ASN B 639 0.89 -10.20 -2.96
CA ASN B 639 1.29 -9.21 -3.97
C ASN B 639 1.00 -7.78 -3.56
N GLY B 640 0.31 -7.56 -2.43
CA GLY B 640 0.24 -6.25 -1.83
C GLY B 640 1.49 -5.85 -1.09
N ALA B 641 2.42 -6.78 -0.90
CA ALA B 641 3.76 -6.50 -0.41
C ALA B 641 4.79 -6.75 -1.50
N GLN B 642 4.38 -6.60 -2.76
CA GLN B 642 5.25 -6.95 -3.87
C GLN B 642 6.52 -6.11 -3.88
N VAL B 643 6.46 -4.87 -3.36
CA VAL B 643 7.65 -4.04 -3.30
C VAL B 643 8.70 -4.66 -2.38
N VAL B 644 8.27 -5.18 -1.23
CA VAL B 644 9.25 -5.80 -0.32
C VAL B 644 9.87 -7.04 -0.95
N ILE B 645 9.06 -7.84 -1.64
CA ILE B 645 9.56 -9.05 -2.28
C ILE B 645 10.54 -8.72 -3.39
N ASP B 646 10.29 -7.62 -4.12
CA ASP B 646 11.13 -7.30 -5.27
C ASP B 646 12.40 -6.57 -4.87
N GLN B 647 12.27 -5.47 -4.13
CA GLN B 647 13.39 -4.62 -3.78
C GLN B 647 14.15 -5.04 -2.51
N PHE B 648 13.62 -5.96 -1.72
CA PHE B 648 14.30 -6.39 -0.49
C PHE B 648 14.61 -7.87 -0.55
N ILE B 649 13.60 -8.73 -0.53
CA ILE B 649 13.78 -10.16 -0.35
C ILE B 649 14.54 -10.78 -1.51
N SER B 650 14.12 -10.48 -2.74
CA SER B 650 14.73 -11.13 -3.88
C SER B 650 16.05 -10.49 -4.29
N SER B 651 16.39 -9.30 -3.78
CA SER B 651 17.54 -8.60 -4.33
C SER B 651 18.49 -8.01 -3.29
N GLY B 652 18.21 -8.15 -1.99
CA GLY B 652 19.01 -7.42 -1.02
C GLY B 652 20.41 -7.97 -0.82
N GLU B 653 20.67 -9.21 -1.23
CA GLU B 653 22.02 -9.75 -1.09
C GLU B 653 22.94 -9.24 -2.18
N GLN B 654 22.49 -9.28 -3.43
CA GLN B 654 23.29 -8.73 -4.52
C GLN B 654 23.44 -7.23 -4.41
N LYS B 655 22.44 -6.54 -3.89
CA LYS B 655 22.48 -5.08 -3.84
C LYS B 655 23.24 -4.57 -2.62
N TRP B 656 23.02 -5.17 -1.46
CA TRP B 656 23.53 -4.62 -0.22
C TRP B 656 24.31 -5.62 0.62
N ALA B 657 24.55 -6.84 0.12
CA ALA B 657 25.21 -7.89 0.89
C ALA B 657 24.45 -8.20 2.17
N ARG B 658 23.12 -8.22 2.09
CA ARG B 658 22.29 -8.56 3.23
C ARG B 658 21.84 -10.00 3.14
N LEU B 659 22.02 -10.74 4.22
CA LEU B 659 21.50 -12.10 4.34
C LEU B 659 20.19 -12.04 5.09
N CYS B 660 19.13 -12.59 4.50
CA CYS B 660 17.82 -12.63 5.13
C CYS B 660 17.31 -14.06 5.10
N GLY B 661 17.12 -14.65 6.28
CA GLY B 661 16.61 -16.00 6.35
C GLY B 661 15.10 -16.14 6.46
N LEU B 662 14.36 -15.06 6.27
CA LEU B 662 12.92 -15.03 6.54
C LEU B 662 12.18 -16.14 5.79
N THR B 663 11.20 -16.74 6.45
CA THR B 663 10.38 -17.76 5.82
C THR B 663 8.98 -17.21 5.55
N MET B 664 8.51 -17.40 4.33
CA MET B 664 7.19 -16.92 3.92
C MET B 664 6.29 -18.14 3.67
N LEU B 665 5.27 -18.29 4.52
CA LEU B 665 4.25 -19.33 4.32
C LEU B 665 3.12 -18.77 3.47
N LEU B 666 3.02 -19.26 2.24
CA LEU B 666 2.02 -18.79 1.29
C LEU B 666 1.08 -19.94 0.95
N PRO B 667 -0.14 -19.97 1.49
CA PRO B 667 -1.05 -21.08 1.19
C PRO B 667 -1.34 -21.09 -0.30
N HIS B 668 -1.42 -22.30 -0.87
CA HIS B 668 -1.44 -22.44 -2.32
C HIS B 668 -2.13 -23.74 -2.68
N GLY B 669 -2.90 -23.73 -3.76
CA GLY B 669 -3.57 -24.96 -4.17
C GLY B 669 -4.91 -24.76 -4.80
N TYR B 670 -5.21 -25.54 -5.84
CA TYR B 670 -6.42 -25.38 -6.63
C TYR B 670 -7.50 -26.31 -6.10
N GLU B 671 -8.53 -25.74 -5.47
CA GLU B 671 -9.56 -26.51 -4.79
C GLU B 671 -10.97 -26.02 -5.13
N GLY B 672 -11.13 -25.22 -6.18
CA GLY B 672 -12.42 -24.70 -6.56
C GLY B 672 -12.88 -23.47 -5.82
N GLN B 673 -12.01 -22.83 -5.05
CA GLN B 673 -12.40 -21.68 -4.25
C GLN B 673 -12.22 -20.33 -4.95
N GLY B 674 -11.72 -20.30 -6.19
CA GLY B 674 -11.73 -19.09 -6.97
C GLY B 674 -10.39 -18.40 -7.16
N PRO B 675 -10.39 -17.31 -7.96
CA PRO B 675 -9.13 -16.65 -8.34
C PRO B 675 -8.27 -16.14 -7.18
N GLU B 676 -8.86 -15.72 -6.08
CA GLU B 676 -8.08 -15.18 -4.98
C GLU B 676 -7.83 -16.19 -3.86
N HIS B 677 -8.20 -17.46 -4.05
CA HIS B 677 -7.98 -18.47 -3.02
C HIS B 677 -7.41 -19.73 -3.63
N SER B 678 -6.52 -19.58 -4.60
CA SER B 678 -5.98 -20.74 -5.30
C SER B 678 -4.48 -20.60 -5.56
N SER B 679 -4.01 -19.42 -5.93
CA SER B 679 -2.66 -19.26 -6.45
C SER B 679 -1.86 -18.25 -5.63
N ALA B 680 -0.70 -18.67 -5.14
CA ALA B 680 0.28 -17.79 -4.50
C ALA B 680 1.17 -17.08 -5.52
N ARG B 681 0.86 -17.22 -6.80
CA ARG B 681 1.64 -16.69 -7.92
C ARG B 681 3.07 -17.23 -7.89
N LEU B 682 3.14 -18.56 -7.90
CA LEU B 682 4.42 -19.27 -7.90
C LEU B 682 5.26 -18.89 -9.10
N GLU B 683 4.62 -18.57 -10.23
CA GLU B 683 5.36 -18.20 -11.43
C GLU B 683 6.17 -16.93 -11.22
N ARG B 684 5.72 -16.04 -10.34
CA ARG B 684 6.41 -14.77 -10.12
C ARG B 684 7.67 -14.96 -9.29
N TYR B 685 7.61 -15.78 -8.23
CA TYR B 685 8.79 -16.07 -7.44
C TYR B 685 9.83 -16.84 -8.25
N LEU B 686 9.37 -17.76 -9.10
CA LEU B 686 10.30 -18.50 -9.95
C LEU B 686 10.98 -17.57 -10.94
N GLN B 687 10.25 -16.58 -11.45
CA GLN B 687 10.85 -15.61 -12.35
C GLN B 687 11.89 -14.76 -11.62
N LEU B 688 11.69 -14.48 -10.34
CA LEU B 688 12.63 -13.66 -9.61
C LEU B 688 13.86 -14.45 -9.14
N CYS B 689 13.88 -15.76 -9.30
CA CYS B 689 15.01 -16.57 -8.86
C CYS B 689 16.16 -16.47 -9.83
N ALA B 690 17.34 -16.11 -9.30
CA ALA B 690 18.61 -16.07 -10.02
C ALA B 690 19.73 -15.88 -9.01
N GLU B 691 20.92 -16.37 -9.37
CA GLU B 691 22.12 -16.18 -8.57
C GLU B 691 21.93 -16.67 -7.13
N GLN B 692 21.17 -17.76 -6.99
CA GLN B 692 20.92 -18.42 -5.70
C GLN B 692 20.29 -17.49 -4.68
N ASN B 693 19.49 -16.52 -5.11
CA ASN B 693 18.98 -15.53 -4.18
C ASN B 693 17.93 -16.08 -3.23
N MET B 694 17.19 -17.12 -3.61
CA MET B 694 16.02 -17.52 -2.85
C MET B 694 15.83 -19.03 -2.88
N GLN B 695 14.95 -19.52 -2.02
CA GLN B 695 14.47 -20.87 -2.08
C GLN B 695 12.96 -20.87 -2.31
N VAL B 696 12.51 -21.70 -3.24
CA VAL B 696 11.09 -21.85 -3.54
C VAL B 696 10.75 -23.32 -3.35
N VAL B 697 10.00 -23.63 -2.30
CA VAL B 697 9.77 -25.01 -1.89
C VAL B 697 8.28 -25.29 -1.85
N VAL B 698 7.90 -26.50 -2.26
CA VAL B 698 6.51 -26.94 -2.24
C VAL B 698 6.45 -28.27 -1.50
N PRO B 699 6.50 -28.25 -0.16
CA PRO B 699 6.44 -29.49 0.59
C PRO B 699 5.12 -30.20 0.35
N SER B 700 5.17 -31.54 0.30
CA SER B 700 3.98 -32.36 0.09
C SER B 700 3.73 -33.36 1.21
N THR B 701 4.56 -33.40 2.23
CA THR B 701 4.42 -34.31 3.36
C THR B 701 4.52 -33.54 4.66
N PRO B 702 3.87 -34.02 5.73
CA PRO B 702 4.13 -33.41 7.04
C PRO B 702 5.59 -33.52 7.43
N ALA B 703 6.26 -34.63 7.08
CA ALA B 703 7.69 -34.75 7.38
C ALA B 703 8.52 -33.75 6.58
N GLN B 704 8.12 -33.46 5.35
CA GLN B 704 8.91 -32.55 4.53
C GLN B 704 8.88 -31.14 5.09
N VAL B 705 7.72 -30.67 5.54
CA VAL B 705 7.71 -29.33 6.12
C VAL B 705 8.48 -29.30 7.43
N TYR B 706 8.55 -30.42 8.16
CA TYR B 706 9.33 -30.45 9.39
C TYR B 706 10.83 -30.29 9.10
N HIS B 707 11.36 -31.10 8.18
CA HIS B 707 12.76 -30.98 7.80
C HIS B 707 13.03 -29.68 7.07
N MET B 708 12.05 -29.15 6.33
CA MET B 708 12.22 -27.88 5.66
C MET B 708 12.34 -26.74 6.67
N ILE B 709 11.54 -26.79 7.73
CA ILE B 709 11.59 -25.71 8.72
C ILE B 709 12.89 -25.79 9.51
N ARG B 710 13.28 -26.99 9.92
CA ARG B 710 14.53 -27.09 10.68
C ARG B 710 15.73 -26.72 9.83
N ARG B 711 15.73 -27.12 8.56
CA ARG B 711 16.86 -26.81 7.70
C ARG B 711 17.06 -25.32 7.58
N GLN B 712 16.03 -24.56 7.79
CA GLN B 712 16.14 -23.14 7.70
C GLN B 712 16.87 -22.52 8.86
N VAL B 713 17.02 -23.23 9.94
CA VAL B 713 17.73 -22.70 11.04
C VAL B 713 18.99 -23.46 11.31
N VAL B 714 18.91 -24.77 11.20
CA VAL B 714 20.02 -25.68 11.53
C VAL B 714 21.10 -25.63 10.44
N ARG B 715 20.69 -25.45 9.18
CA ARG B 715 21.69 -25.28 8.14
C ARG B 715 22.25 -23.85 8.17
N PRO B 716 23.62 -23.68 8.04
CA PRO B 716 24.24 -22.35 8.13
C PRO B 716 24.11 -21.48 6.88
N MET B 717 22.87 -21.36 6.38
CA MET B 717 22.52 -20.48 5.28
C MET B 717 21.32 -19.64 5.69
N ARG B 718 21.34 -18.36 5.35
CA ARG B 718 20.27 -17.42 5.70
C ARG B 718 19.84 -16.67 4.44
N ARG B 719 19.01 -17.33 3.63
CA ARG B 719 18.41 -16.80 2.43
C ARG B 719 16.92 -17.09 2.45
N PRO B 720 16.11 -16.23 1.80
CA PRO B 720 14.66 -16.31 1.98
C PRO B 720 14.07 -17.64 1.50
N LEU B 721 13.06 -18.09 2.23
CA LEU B 721 12.38 -19.36 2.01
C LEU B 721 10.93 -19.07 1.62
N ILE B 722 10.62 -19.22 0.33
CA ILE B 722 9.26 -19.07 -0.16
C ILE B 722 8.58 -20.43 -0.17
N VAL B 723 7.52 -20.58 0.62
CA VAL B 723 6.87 -21.86 0.83
C VAL B 723 5.46 -21.83 0.27
N MET B 724 5.14 -22.79 -0.59
CA MET B 724 3.78 -23.00 -1.07
C MET B 724 3.03 -23.84 -0.06
N SER B 725 2.38 -23.18 0.90
CA SER B 725 1.72 -23.89 1.99
C SER B 725 0.48 -24.63 1.51
N PRO B 726 0.26 -25.86 1.98
CA PRO B 726 -0.96 -26.59 1.65
C PRO B 726 -2.19 -26.02 2.33
N LYS B 727 -3.34 -26.31 1.73
CA LYS B 727 -4.64 -26.03 2.36
C LYS B 727 -5.41 -27.32 2.57
N SER B 728 -5.81 -28.01 1.51
CA SER B 728 -6.54 -29.26 1.68
C SER B 728 -5.67 -30.39 2.21
N LEU B 729 -4.34 -30.30 2.07
CA LEU B 729 -3.46 -31.37 2.53
C LEU B 729 -3.36 -31.43 4.05
N LEU B 730 -3.78 -30.39 4.75
CA LEU B 730 -3.76 -30.39 6.21
C LEU B 730 -4.65 -31.48 6.77
N ARG B 731 -5.67 -31.91 6.03
CA ARG B 731 -6.58 -32.95 6.48
C ARG B 731 -6.64 -34.15 5.53
N HIS B 732 -5.79 -34.20 4.52
CA HIS B 732 -5.83 -35.31 3.58
C HIS B 732 -5.39 -36.61 4.26
N PRO B 733 -6.17 -37.69 4.17
CA PRO B 733 -5.78 -38.94 4.85
C PRO B 733 -4.44 -39.51 4.40
N LEU B 734 -4.06 -39.31 3.14
CA LEU B 734 -2.78 -39.81 2.65
C LEU B 734 -1.59 -38.90 2.93
N CYS B 735 -1.83 -37.64 3.34
CA CYS B 735 -0.72 -36.72 3.60
C CYS B 735 -0.36 -36.80 5.09
N THR B 736 0.31 -37.90 5.44
CA THR B 736 0.66 -38.23 6.80
C THR B 736 2.11 -38.73 6.86
N SER B 737 2.70 -38.66 8.05
CA SER B 737 4.08 -39.06 8.22
C SER B 737 4.28 -39.69 9.59
N SER B 738 5.15 -40.69 9.65
CA SER B 738 5.51 -41.36 10.90
C SER B 738 6.52 -40.54 11.70
N LEU B 739 6.55 -40.78 13.01
CA LEU B 739 7.57 -40.18 13.85
C LEU B 739 8.96 -40.58 13.39
N ASP B 740 9.10 -41.76 12.78
CA ASP B 740 10.39 -42.18 12.28
C ASP B 740 10.91 -41.27 11.18
N ASP B 741 10.00 -40.75 10.34
CA ASP B 741 10.43 -39.87 9.25
C ASP B 741 10.99 -38.55 9.76
N LEU B 742 10.52 -38.07 10.90
CA LEU B 742 11.06 -36.81 11.42
C LEU B 742 12.40 -37.03 12.12
N ALA B 743 12.48 -38.01 13.02
CA ALA B 743 13.70 -38.20 13.78
C ALA B 743 14.85 -38.71 12.92
N ASN B 744 14.56 -39.49 11.88
CA ASN B 744 15.59 -40.14 11.09
C ASN B 744 15.56 -39.81 9.61
N GLY B 745 14.62 -38.98 9.16
CA GLY B 745 14.57 -38.55 7.79
C GLY B 745 15.35 -37.28 7.57
N THR B 746 15.17 -36.70 6.39
CA THR B 746 15.78 -35.42 6.05
C THR B 746 14.94 -34.78 4.94
N PHE B 747 15.14 -33.50 4.74
CA PHE B 747 14.45 -32.85 3.63
C PHE B 747 14.96 -33.41 2.32
N MET B 748 14.02 -33.76 1.43
CA MET B 748 14.32 -34.33 0.13
C MET B 748 14.00 -33.31 -0.94
N PRO B 749 15.00 -32.75 -1.64
CA PRO B 749 14.69 -31.80 -2.72
C PRO B 749 13.82 -32.42 -3.80
N ALA B 750 13.96 -33.72 -4.03
CA ALA B 750 13.10 -34.47 -4.94
C ALA B 750 12.75 -35.79 -4.27
N ILE B 751 11.53 -36.27 -4.47
CA ILE B 751 11.05 -37.50 -3.85
C ILE B 751 10.82 -38.54 -4.95
N PRO B 752 11.49 -39.70 -4.90
CA PRO B 752 11.29 -40.73 -5.95
C PRO B 752 9.92 -41.38 -5.89
N GLU B 753 9.69 -42.36 -6.76
CA GLU B 753 8.43 -43.11 -6.72
C GLU B 753 8.29 -43.84 -5.38
N ILE B 754 7.10 -43.78 -4.79
CA ILE B 754 6.91 -44.36 -3.47
C ILE B 754 6.27 -45.74 -3.56
N ASP B 755 5.44 -45.98 -4.56
CA ASP B 755 4.82 -47.28 -4.72
C ASP B 755 5.80 -48.28 -5.31
N GLU B 756 5.59 -49.55 -5.01
CA GLU B 756 6.52 -50.62 -5.40
C GLU B 756 6.36 -50.98 -6.88
N LEU B 757 6.54 -49.99 -7.74
CA LEU B 757 6.60 -50.23 -9.17
C LEU B 757 7.93 -50.86 -9.56
N ASP B 758 7.90 -51.70 -10.60
CA ASP B 758 9.16 -52.20 -11.16
C ASP B 758 9.70 -51.23 -12.21
N PRO B 759 10.98 -50.85 -12.13
CA PRO B 759 11.48 -49.80 -13.03
C PRO B 759 11.35 -50.13 -14.51
N ALA B 760 11.46 -51.42 -14.87
CA ALA B 760 11.42 -51.79 -16.28
C ALA B 760 10.07 -51.54 -16.91
N LYS B 761 8.99 -51.66 -16.14
CA LYS B 761 7.64 -51.53 -16.67
C LYS B 761 7.22 -50.09 -16.86
N VAL B 762 7.97 -49.13 -16.29
CA VAL B 762 7.63 -47.73 -16.43
C VAL B 762 7.82 -47.28 -17.88
N LYS B 763 6.86 -46.51 -18.38
CA LYS B 763 6.93 -45.93 -19.72
C LYS B 763 6.92 -44.41 -19.71
N ARG B 764 6.41 -43.78 -18.67
CA ARG B 764 6.38 -42.33 -18.55
C ARG B 764 6.64 -41.92 -17.11
N VAL B 765 7.43 -40.87 -16.94
CA VAL B 765 7.65 -40.25 -15.65
C VAL B 765 6.91 -38.93 -15.65
N VAL B 766 6.17 -38.66 -14.58
CA VAL B 766 5.41 -37.43 -14.40
C VAL B 766 6.08 -36.65 -13.28
N PHE B 767 6.71 -35.52 -13.61
CA PHE B 767 7.14 -34.60 -12.57
C PHE B 767 5.98 -33.76 -12.07
N CYS B 768 6.00 -33.40 -10.79
CA CYS B 768 4.94 -32.61 -10.19
C CYS B 768 5.40 -32.10 -8.83
N SER B 769 4.60 -31.21 -8.25
CA SER B 769 4.81 -30.71 -6.90
C SER B 769 3.47 -30.37 -6.27
N GLY B 770 3.43 -30.46 -4.95
CA GLY B 770 2.23 -30.08 -4.21
C GLY B 770 1.11 -31.10 -4.28
N LYS B 771 -0.10 -30.59 -4.03
CA LYS B 771 -1.25 -31.48 -3.88
C LYS B 771 -1.58 -32.24 -5.15
N VAL B 772 -1.17 -31.73 -6.31
CA VAL B 772 -1.51 -32.43 -7.54
C VAL B 772 -0.91 -33.84 -7.53
N TYR B 773 0.16 -34.06 -6.77
CA TYR B 773 0.72 -35.41 -6.68
C TYR B 773 -0.29 -36.40 -6.11
N PHE B 774 -1.03 -35.98 -5.08
CA PHE B 774 -1.98 -36.88 -4.45
C PHE B 774 -3.16 -37.18 -5.38
N ASP B 775 -3.56 -36.23 -6.22
CA ASP B 775 -4.55 -36.52 -7.24
C ASP B 775 -3.99 -37.45 -8.31
N LEU B 776 -2.72 -37.31 -8.64
CA LEU B 776 -2.11 -38.22 -9.60
C LEU B 776 -1.99 -39.62 -8.99
N LEU B 777 -1.56 -39.69 -7.74
CA LEU B 777 -1.31 -40.99 -7.12
C LEU B 777 -2.61 -41.75 -6.92
N GLU B 778 -3.64 -41.09 -6.39
CA GLU B 778 -4.90 -41.78 -6.15
C GLU B 778 -5.54 -42.24 -7.46
N GLN B 779 -5.37 -41.47 -8.54
CA GLN B 779 -5.93 -41.89 -9.81
C GLN B 779 -5.15 -43.05 -10.42
N ARG B 780 -3.82 -43.05 -10.26
CA ARG B 780 -3.02 -44.15 -10.80
C ARG B 780 -3.31 -45.47 -10.10
N ARG B 781 -3.62 -45.43 -8.81
CA ARG B 781 -3.99 -46.65 -8.11
C ARG B 781 -5.37 -47.13 -8.52
N ASN B 782 -6.31 -46.21 -8.76
CA ASN B 782 -7.64 -46.59 -9.22
C ASN B 782 -7.61 -47.21 -10.60
N ASN B 783 -6.66 -46.80 -11.45
CA ASN B 783 -6.54 -47.35 -12.78
C ASN B 783 -5.80 -48.67 -12.81
N GLU B 784 -5.25 -49.13 -11.67
CA GLU B 784 -4.38 -50.29 -11.63
C GLU B 784 -3.22 -50.10 -12.61
N GLN B 785 -2.69 -48.89 -12.65
CA GLN B 785 -1.65 -48.51 -13.59
C GLN B 785 -0.27 -48.67 -12.94
N ASP B 786 0.59 -49.46 -13.56
CA ASP B 786 1.97 -49.60 -13.12
C ASP B 786 2.98 -49.18 -14.19
N ASP B 787 2.54 -48.48 -15.24
CA ASP B 787 3.41 -48.09 -16.34
C ASP B 787 3.85 -46.63 -16.29
N VAL B 788 3.52 -45.89 -15.24
CA VAL B 788 3.86 -44.47 -15.18
C VAL B 788 4.28 -44.10 -13.75
N ALA B 789 5.54 -43.72 -13.58
CA ALA B 789 6.08 -43.24 -12.31
C ALA B 789 5.78 -41.75 -12.08
N ILE B 790 5.69 -41.37 -10.80
CA ILE B 790 5.42 -40.00 -10.41
C ILE B 790 6.48 -39.56 -9.39
N VAL B 791 7.13 -38.43 -9.67
CA VAL B 791 8.30 -37.96 -8.93
C VAL B 791 8.04 -36.52 -8.47
N ARG B 792 8.01 -36.30 -7.17
CA ARG B 792 7.86 -34.94 -6.65
C ARG B 792 9.18 -34.18 -6.78
N ILE B 793 9.06 -32.88 -6.99
CA ILE B 793 10.21 -31.97 -6.95
C ILE B 793 9.86 -30.89 -5.93
N GLU B 794 10.18 -31.17 -4.67
CA GLU B 794 9.78 -30.31 -3.56
C GLU B 794 10.45 -28.95 -3.60
N GLN B 795 11.68 -28.90 -4.09
CA GLN B 795 12.45 -27.65 -4.13
C GLN B 795 12.64 -27.28 -5.60
N LEU B 796 11.94 -26.24 -6.04
CA LEU B 796 12.01 -25.85 -7.44
C LEU B 796 13.21 -24.97 -7.74
N TYR B 797 13.55 -24.06 -6.82
CA TYR B 797 14.78 -23.31 -6.92
C TYR B 797 15.45 -23.24 -5.55
N PRO B 798 16.79 -23.34 -5.47
CA PRO B 798 17.67 -23.72 -6.59
C PRO B 798 17.36 -25.13 -7.06
N PHE B 799 17.44 -25.39 -8.35
CA PHE B 799 16.93 -26.65 -8.88
C PHE B 799 17.85 -27.80 -8.46
N PRO B 800 17.30 -28.84 -7.86
CA PRO B 800 18.15 -29.97 -7.43
C PRO B 800 18.44 -30.95 -8.56
N MET B 801 19.52 -30.72 -9.30
CA MET B 801 19.72 -31.44 -10.55
C MET B 801 19.90 -32.94 -10.33
N ASP B 802 20.96 -33.33 -9.60
CA ASP B 802 21.27 -34.76 -9.50
C ASP B 802 20.20 -35.54 -8.74
N ASP B 803 19.52 -34.91 -7.78
CA ASP B 803 18.44 -35.61 -7.09
C ASP B 803 17.31 -35.93 -8.06
N VAL B 804 17.06 -35.05 -9.03
CA VAL B 804 16.07 -35.36 -10.05
C VAL B 804 16.60 -36.46 -10.96
N LYS B 805 17.87 -36.37 -11.35
CA LYS B 805 18.47 -37.42 -12.17
C LYS B 805 18.55 -38.74 -11.43
N ALA B 806 18.77 -38.72 -10.12
CA ALA B 806 18.82 -39.97 -9.36
C ALA B 806 17.47 -40.65 -9.33
N ALA B 807 16.39 -39.86 -9.25
CA ALA B 807 15.05 -40.41 -9.30
C ALA B 807 14.72 -41.00 -10.67
N ILE B 808 15.37 -40.50 -11.72
CA ILE B 808 15.10 -40.94 -13.08
C ILE B 808 15.89 -42.18 -13.49
N ALA B 809 17.01 -42.46 -12.81
CA ALA B 809 17.95 -43.48 -13.28
C ALA B 809 17.33 -44.86 -13.47
N PRO B 810 16.55 -45.41 -12.54
CA PRO B 810 16.05 -46.79 -12.75
C PRO B 810 15.23 -46.97 -14.02
N TYR B 811 14.52 -45.94 -14.47
CA TYR B 811 13.60 -46.04 -15.60
C TYR B 811 14.39 -45.90 -16.91
N VAL B 812 15.17 -46.95 -17.21
CA VAL B 812 15.95 -47.02 -18.43
C VAL B 812 15.07 -47.20 -19.66
N ASN B 813 13.86 -47.73 -19.48
CA ASN B 813 12.90 -47.94 -20.56
C ASN B 813 11.98 -46.75 -20.79
N VAL B 814 12.15 -45.66 -20.04
CA VAL B 814 11.23 -44.54 -20.13
C VAL B 814 11.26 -43.98 -21.54
N GLU B 815 10.08 -43.56 -22.04
CA GLU B 815 9.98 -42.98 -23.38
C GLU B 815 9.60 -41.51 -23.39
N ASP B 816 8.86 -41.01 -22.40
CA ASP B 816 8.53 -39.59 -22.40
C ASP B 816 8.34 -39.11 -20.97
N PHE B 817 8.52 -37.80 -20.78
CA PHE B 817 8.38 -37.15 -19.49
C PHE B 817 7.29 -36.08 -19.55
N VAL B 818 6.63 -35.87 -18.42
CA VAL B 818 5.53 -34.92 -18.32
C VAL B 818 5.73 -34.07 -17.07
N TRP B 819 5.65 -32.75 -17.23
CA TRP B 819 5.43 -31.87 -16.08
C TRP B 819 3.93 -31.68 -15.87
N CYS B 820 3.47 -31.96 -14.65
CA CYS B 820 2.06 -31.84 -14.30
C CYS B 820 1.88 -30.72 -13.28
N GLN B 821 0.86 -29.90 -13.49
CA GLN B 821 0.58 -28.79 -12.59
C GLN B 821 -0.89 -28.45 -12.64
N GLU B 822 -1.44 -28.08 -11.47
CA GLU B 822 -2.79 -27.54 -11.38
C GLU B 822 -2.91 -26.18 -12.06
N GLU B 823 -1.82 -25.44 -12.13
CA GLU B 823 -1.83 -24.05 -12.52
C GLU B 823 -2.05 -23.89 -14.03
N PRO B 824 -2.57 -22.74 -14.44
CA PRO B 824 -2.64 -22.42 -15.88
C PRO B 824 -1.25 -22.36 -16.48
N GLN B 825 -1.16 -22.68 -17.76
CA GLN B 825 0.14 -22.90 -18.39
C GLN B 825 1.02 -21.66 -18.33
N ASN B 826 0.44 -20.46 -18.33
CA ASN B 826 1.24 -19.25 -18.21
C ASN B 826 1.59 -18.95 -16.75
N GLN B 827 1.10 -19.75 -15.82
CA GLN B 827 1.40 -19.61 -14.40
C GLN B 827 2.14 -20.87 -13.93
N GLY B 828 2.39 -20.95 -12.63
CA GLY B 828 3.08 -22.14 -12.17
C GLY B 828 4.53 -22.19 -12.61
N ALA B 829 5.08 -23.40 -12.57
CA ALA B 829 6.50 -23.63 -12.85
C ALA B 829 6.83 -23.83 -14.31
N TRP B 830 5.85 -23.90 -15.21
CA TRP B 830 6.12 -24.37 -16.57
C TRP B 830 7.09 -23.44 -17.31
N TYR B 831 6.79 -22.13 -17.37
CA TYR B 831 7.62 -21.22 -18.15
C TYR B 831 9.03 -21.08 -17.59
N CYS B 832 9.17 -21.06 -16.26
CA CYS B 832 10.46 -20.77 -15.65
C CYS B 832 11.33 -21.99 -15.42
N SER B 833 10.77 -23.20 -15.45
CA SER B 833 11.54 -24.39 -15.12
C SER B 833 11.67 -25.37 -16.28
N GLN B 834 11.30 -24.95 -17.49
CA GLN B 834 11.38 -25.86 -18.63
C GLN B 834 12.81 -26.33 -18.85
N HIS B 835 13.76 -25.39 -18.85
CA HIS B 835 15.13 -25.78 -19.14
C HIS B 835 15.70 -26.66 -18.04
N ASN B 836 15.25 -26.48 -16.79
CA ASN B 836 15.75 -27.33 -15.71
C ASN B 836 15.29 -28.77 -15.87
N PHE B 837 14.02 -28.97 -16.21
CA PHE B 837 13.57 -30.34 -16.46
C PHE B 837 14.20 -30.92 -17.72
N ARG B 838 14.33 -30.10 -18.78
CA ARG B 838 14.83 -30.63 -20.05
C ARG B 838 16.29 -31.04 -19.95
N ALA B 839 17.10 -30.29 -19.20
CA ALA B 839 18.48 -30.69 -18.99
C ALA B 839 18.57 -31.97 -18.17
N ALA B 840 17.53 -32.26 -17.38
CA ALA B 840 17.52 -33.44 -16.52
C ALA B 840 17.28 -34.72 -17.30
N ILE B 841 16.43 -34.68 -18.31
CA ILE B 841 15.91 -35.93 -18.89
C ILE B 841 16.93 -36.61 -19.81
N PRO B 842 16.82 -37.93 -19.99
CA PRO B 842 17.71 -38.65 -20.91
C PRO B 842 17.54 -38.16 -22.34
N ALA B 843 18.64 -38.23 -23.09
CA ALA B 843 18.74 -37.53 -24.37
C ALA B 843 17.65 -37.98 -25.35
N GLY B 844 17.24 -39.25 -25.31
CA GLY B 844 16.25 -39.74 -26.26
C GLY B 844 14.84 -39.19 -26.01
N THR B 845 14.47 -39.01 -24.75
CA THR B 845 13.14 -38.60 -24.33
C THR B 845 12.91 -37.10 -24.52
N GLU B 846 11.63 -36.72 -24.67
CA GLU B 846 11.20 -35.33 -24.72
C GLU B 846 10.14 -35.05 -23.66
N LEU B 847 10.03 -33.78 -23.29
CA LEU B 847 9.15 -33.33 -22.20
C LEU B 847 7.82 -32.81 -22.74
N LYS B 848 6.75 -33.07 -21.98
CA LYS B 848 5.40 -32.67 -22.37
C LYS B 848 4.70 -31.99 -21.20
N TYR B 849 3.63 -31.26 -21.51
CA TYR B 849 2.88 -30.51 -20.51
C TYR B 849 1.52 -31.14 -20.28
N ALA B 850 1.10 -31.15 -19.02
CA ALA B 850 -0.24 -31.57 -18.63
C ALA B 850 -0.70 -30.66 -17.52
N GLY B 851 -1.75 -29.88 -17.78
CA GLY B 851 -2.19 -28.92 -16.79
C GLY B 851 -3.26 -28.01 -17.37
N ARG B 852 -3.61 -27.01 -16.59
CA ARG B 852 -4.69 -26.11 -16.97
C ARG B 852 -4.26 -25.24 -18.15
N PRO B 853 -5.22 -24.86 -19.00
CA PRO B 853 -4.89 -23.94 -20.10
C PRO B 853 -4.51 -22.58 -19.53
N ALA B 854 -3.68 -21.86 -20.28
CA ALA B 854 -3.33 -20.51 -19.87
C ALA B 854 -4.58 -19.64 -19.79
N SER B 855 -4.59 -18.71 -18.83
CA SER B 855 -5.77 -17.86 -18.59
C SER B 855 -5.36 -16.53 -17.99
N ALA B 856 -6.24 -15.55 -18.14
CA ALA B 856 -6.00 -14.23 -17.54
C ALA B 856 -6.16 -14.28 -16.02
N SER B 857 -7.22 -14.89 -15.55
CA SER B 857 -7.48 -15.11 -14.14
C SER B 857 -6.71 -16.34 -13.63
N PRO B 858 -6.27 -16.32 -12.37
CA PRO B 858 -5.64 -17.53 -11.81
C PRO B 858 -6.54 -18.77 -11.78
N ALA B 859 -7.85 -18.62 -11.56
CA ALA B 859 -8.70 -19.78 -11.39
C ALA B 859 -10.13 -19.43 -11.74
N VAL B 860 -10.88 -20.45 -12.19
CA VAL B 860 -12.30 -20.25 -12.49
C VAL B 860 -13.06 -19.92 -11.22
N GLY B 861 -14.17 -19.22 -11.37
CA GLY B 861 -15.04 -18.89 -10.27
C GLY B 861 -16.08 -19.93 -9.87
N TYR B 862 -16.16 -21.07 -10.57
CA TYR B 862 -17.22 -22.04 -10.36
C TYR B 862 -16.62 -23.41 -10.02
N MET B 863 -17.07 -24.01 -8.94
CA MET B 863 -16.56 -25.28 -8.46
C MET B 863 -16.74 -26.39 -9.40
N SER B 864 -17.81 -26.37 -10.10
CA SER B 864 -18.07 -27.37 -11.07
C SER B 864 -17.05 -27.38 -12.17
N VAL B 865 -16.68 -26.22 -12.64
CA VAL B 865 -15.72 -26.08 -13.67
C VAL B 865 -14.39 -26.54 -13.20
N HIS B 866 -14.11 -26.32 -11.93
CA HIS B 866 -12.84 -26.66 -11.37
C HIS B 866 -12.57 -28.12 -11.45
N LEU B 867 -13.55 -28.91 -11.10
CA LEU B 867 -13.45 -30.33 -11.11
C LEU B 867 -13.23 -30.89 -12.47
N LYS B 868 -13.93 -30.36 -13.45
CA LYS B 868 -13.75 -30.84 -14.79
C LYS B 868 -12.36 -30.60 -15.28
N GLN B 869 -11.80 -29.44 -14.99
CA GLN B 869 -10.42 -29.16 -15.37
C GLN B 869 -9.44 -30.06 -14.62
N GLN B 870 -9.75 -30.40 -13.37
CA GLN B 870 -8.84 -31.20 -12.57
C GLN B 870 -8.80 -32.63 -13.07
N LYS B 871 -9.97 -33.22 -13.32
CA LYS B 871 -10.00 -34.57 -13.86
C LYS B 871 -9.40 -34.62 -15.26
N ALA B 872 -9.52 -33.54 -16.02
CA ALA B 872 -8.94 -33.52 -17.36
C ALA B 872 -7.42 -33.52 -17.30
N LEU B 873 -6.82 -32.61 -16.53
CA LEU B 873 -5.36 -32.58 -16.50
C LEU B 873 -4.78 -33.81 -15.82
N ILE B 874 -5.47 -34.36 -14.82
CA ILE B 874 -5.01 -35.60 -14.20
C ILE B 874 -5.11 -36.77 -15.18
N ASP B 875 -6.14 -36.78 -16.03
CA ASP B 875 -6.24 -37.85 -17.02
C ASP B 875 -5.27 -37.66 -18.16
N ASP B 876 -4.98 -36.41 -18.55
CA ASP B 876 -4.03 -36.21 -19.63
C ASP B 876 -2.63 -36.68 -19.23
N ALA B 877 -2.28 -36.56 -17.95
CA ALA B 877 -0.94 -36.94 -17.51
C ALA B 877 -0.75 -38.45 -17.46
N LEU B 878 -1.79 -39.20 -17.08
CA LEU B 878 -1.70 -40.65 -16.89
C LEU B 878 -2.03 -41.46 -18.16
N ASN B 879 -2.45 -40.83 -19.24
CA ASN B 879 -2.78 -41.53 -20.48
C ASN B 879 -1.58 -41.49 -21.42
N VAL B 880 -1.14 -42.65 -21.87
CA VAL B 880 0.08 -42.75 -22.68
C VAL B 880 -0.15 -43.71 -23.84
#